data_3LRM
#
_entry.id   3LRM
#
_cell.length_a   111.170
_cell.length_b   129.530
_cell.length_c   136.780
_cell.angle_alpha   90.00
_cell.angle_beta   90.00
_cell.angle_gamma   90.00
#
_symmetry.space_group_name_H-M   'P 21 21 21'
#
loop_
_entity.id
_entity.type
_entity.pdbx_description
1 polymer 'Alpha-galactosidase 1'
2 branched 2-acetamido-2-deoxy-beta-D-glucopyranose-(1-3)-2-acetamido-2-deoxy-beta-D-glucopyranose
3 branched 2-acetamido-2-deoxy-beta-D-glucopyranose-(1-4)-2-acetamido-2-deoxy-beta-D-glucopyranose
4 branched beta-D-fructofuranose-(2-1)-[alpha-D-galactopyranose-(1-6)]alpha-D-glucopyranose
5 non-polymer 2-acetamido-2-deoxy-beta-D-glucopyranose
6 water water
#
_entity_poly.entity_id   1
_entity_poly.type   'polypeptide(L)'
_entity_poly.pdbx_seq_one_letter_code
;MFAFYFLTACISLKGVFGVSPSYNGLGLTPQMGWDNWNTFACDVSEQLLLDTADRISDLGLKDMGYKYIILDDCWSSGRD
SDGFLVADEQKFPNGMGHVADHLHNNSFLFGMYSSAGEYTCAGYPGSLGREEEDAQFFANNRVDYLKYANCYNKGQFGTP
EISYHRYKAMSDALNKTGRPVFYSLCNWGQDLTFYWGSGIANSWRMSGDVTAEFTRPDSRCPCDGDEYDCKYAGFHCSIM
NILNKAAPMGQNAGVGGWNDLDNLEVGVGNLTDDEEKAHFSMWAMVKSPLIIGANVNNLKASSYSIYSQASVIAINQDSN
GIPATRVWRYYVSDTDEYGQGEIQMWSGPLDNGDQVVALLNGGSVSRPMNTTLEEIFFDSNLGSKKLTSTWDIYDLWANR
VDNSTASAILGRNKTATGILYNATEQSYKDGLSKNDTRLFGQKIGSLSPNAILNTTVPAHGIAFYRLRPSSDYKDDDDK
;
_entity_poly.pdbx_strand_id   A,B,C,D
#
loop_
_chem_comp.id
_chem_comp.type
_chem_comp.name
_chem_comp.formula
FRU D-saccharide, beta linking beta-D-fructofuranose 'C6 H12 O6'
GLA D-saccharide, alpha linking alpha-D-galactopyranose 'C6 H12 O6'
GLC D-saccharide, alpha linking alpha-D-glucopyranose 'C6 H12 O6'
NAG D-saccharide, beta linking 2-acetamido-2-deoxy-beta-D-glucopyranose 'C8 H15 N O6'
#
# COMPACT_ATOMS: atom_id res chain seq x y z
N VAL A 19 19.67 20.27 2.39
CA VAL A 19 19.89 21.32 3.43
C VAL A 19 18.88 22.46 3.37
N SER A 20 18.53 22.95 4.55
CA SER A 20 17.65 24.10 4.76
C SER A 20 17.96 24.59 6.17
N PRO A 21 17.73 25.88 6.46
CA PRO A 21 18.02 26.33 7.82
C PRO A 21 17.13 25.63 8.85
N SER A 22 17.62 25.53 10.08
CA SER A 22 16.78 25.09 11.20
C SER A 22 15.56 26.01 11.31
N TYR A 23 14.37 25.42 11.33
CA TYR A 23 13.12 26.19 11.37
C TYR A 23 13.04 27.12 12.58
N ASN A 24 13.75 26.78 13.65
CA ASN A 24 13.69 27.55 14.89
C ASN A 24 15.07 27.90 15.48
N GLY A 25 16.13 27.54 14.77
CA GLY A 25 17.50 27.85 15.20
C GLY A 25 18.13 26.83 16.12
N LEU A 26 17.34 25.86 16.57
CA LEU A 26 17.81 24.81 17.48
C LEU A 26 18.13 23.52 16.72
N GLY A 27 18.81 22.60 17.41
CA GLY A 27 19.15 21.30 16.84
C GLY A 27 20.13 21.38 15.69
N LEU A 28 21.11 22.28 15.82
CA LEU A 28 22.19 22.40 14.85
C LEU A 28 23.04 21.12 14.80
N THR A 29 23.04 20.38 15.90
CA THR A 29 23.52 19.02 15.96
C THR A 29 22.41 18.21 16.63
N PRO A 30 22.45 16.87 16.53
CA PRO A 30 21.44 16.08 17.27
C PRO A 30 21.51 16.33 18.78
N GLN A 31 20.35 16.32 19.43
CA GLN A 31 20.27 16.50 20.88
C GLN A 31 20.86 15.31 21.64
N MET A 32 21.35 15.57 22.84
CA MET A 32 21.87 14.52 23.70
C MET A 32 21.30 14.70 25.10
N GLY A 33 21.14 13.60 25.82
CA GLY A 33 20.55 13.65 27.15
C GLY A 33 20.07 12.33 27.69
N TRP A 34 18.96 12.37 28.45
CA TRP A 34 18.48 11.21 29.20
C TRP A 34 16.96 11.22 29.34
N ASP A 35 16.38 10.03 29.37
CA ASP A 35 14.93 9.84 29.53
C ASP A 35 14.66 8.69 30.51
N ASN A 36 13.67 8.87 31.37
CA ASN A 36 13.33 7.90 32.42
C ASN A 36 12.53 6.66 31.98
N TRP A 37 11.99 6.69 30.77
CA TRP A 37 11.07 5.65 30.30
C TRP A 37 11.66 4.23 30.29
N ASN A 38 12.73 4.03 29.52
CA ASN A 38 13.34 2.69 29.30
C ASN A 38 13.54 1.82 30.53
N THR A 39 13.55 2.44 31.71
CA THR A 39 13.76 1.70 32.95
C THR A 39 12.68 1.97 33.98
N PHE A 40 12.36 3.24 34.20
CA PHE A 40 11.45 3.63 35.28
C PHE A 40 9.97 3.73 34.88
N ALA A 41 9.72 3.74 33.57
CA ALA A 41 8.36 3.88 33.03
C ALA A 41 7.55 4.95 33.77
N CYS A 42 6.35 4.61 34.22
CA CYS A 42 5.48 5.55 34.96
C CYS A 42 6.01 5.96 36.33
N ASP A 43 6.80 5.09 36.95
CA ASP A 43 7.32 5.33 38.29
C ASP A 43 8.36 6.45 38.26
N VAL A 44 7.91 7.65 38.63
CA VAL A 44 8.71 8.88 38.54
C VAL A 44 8.48 9.80 39.76
N SER A 45 9.36 10.78 39.93
CA SER A 45 9.29 11.74 41.06
C SER A 45 10.28 12.90 40.86
N GLU A 46 10.11 13.94 41.66
CA GLU A 46 11.07 15.04 41.69
C GLU A 46 12.45 14.56 42.14
N GLN A 47 12.46 13.66 43.12
CA GLN A 47 13.71 13.12 43.65
C GLN A 47 14.45 12.25 42.65
N LEU A 48 13.73 11.33 42.00
CA LEU A 48 14.33 10.49 40.97
C LEU A 48 15.00 11.36 39.91
N LEU A 49 14.27 12.39 39.46
CA LEU A 49 14.74 13.24 38.39
C LEU A 49 16.00 14.01 38.80
N LEU A 50 15.93 14.64 39.97
CA LEU A 50 17.03 15.48 40.45
C LEU A 50 18.26 14.68 40.84
N ASP A 51 18.06 13.56 41.54
CA ASP A 51 19.17 12.66 41.87
C ASP A 51 19.90 12.19 40.61
N THR A 52 19.13 11.70 39.64
CA THR A 52 19.64 11.25 38.35
C THR A 52 20.40 12.37 37.66
N ALA A 53 19.81 13.55 37.62
CA ALA A 53 20.48 14.71 37.07
C ALA A 53 21.86 14.91 37.70
N ASP A 54 21.90 14.95 39.04
CA ASP A 54 23.16 15.09 39.78
C ASP A 54 24.15 14.00 39.37
N ARG A 55 23.68 12.76 39.38
CA ARG A 55 24.49 11.60 38.99
C ARG A 55 25.08 11.75 37.56
N ILE A 56 24.24 12.16 36.61
CA ILE A 56 24.70 12.38 35.24
C ILE A 56 25.79 13.45 35.20
N SER A 57 25.60 14.50 36.00
CA SER A 57 26.59 15.56 36.11
C SER A 57 27.88 15.05 36.77
N ASP A 58 27.73 14.27 37.84
CA ASP A 58 28.86 13.76 38.61
C ASP A 58 29.70 12.78 37.82
N LEU A 59 29.04 11.96 37.00
CA LEU A 59 29.73 11.00 36.15
C LEU A 59 30.38 11.65 34.94
N GLY A 60 30.17 12.95 34.77
CA GLY A 60 30.84 13.71 33.71
C GLY A 60 30.17 13.63 32.36
N LEU A 61 29.04 12.93 32.31
CA LEU A 61 28.26 12.78 31.08
C LEU A 61 27.60 14.07 30.64
N LYS A 62 27.13 14.87 31.59
CA LYS A 62 26.54 16.17 31.29
C LYS A 62 27.47 17.01 30.43
N ASP A 63 28.74 17.07 30.85
CA ASP A 63 29.75 17.88 30.17
C ASP A 63 30.26 17.25 28.88
N MET A 64 29.79 16.04 28.57
CA MET A 64 30.05 15.43 27.27
C MET A 64 29.00 15.86 26.24
N GLY A 65 27.90 16.44 26.70
CA GLY A 65 26.84 16.91 25.82
C GLY A 65 25.45 16.43 26.21
N TYR A 66 25.39 15.45 27.12
CA TYR A 66 24.12 14.94 27.62
C TYR A 66 23.40 15.97 28.52
N LYS A 67 22.92 17.05 27.88
CA LYS A 67 22.33 18.20 28.58
C LYS A 67 20.85 18.03 28.92
N TYR A 68 20.12 17.31 28.07
CA TYR A 68 18.67 17.25 28.20
C TYR A 68 18.17 16.20 29.17
N ILE A 69 17.55 16.67 30.25
CA ILE A 69 16.87 15.80 31.19
C ILE A 69 15.39 15.74 30.79
N ILE A 70 15.00 14.60 30.24
CA ILE A 70 13.66 14.49 29.68
C ILE A 70 12.75 13.66 30.59
N LEU A 71 11.74 14.34 31.14
CA LEU A 71 10.69 13.69 31.90
C LEU A 71 9.63 13.17 30.94
N ASP A 72 9.30 11.90 31.08
CA ASP A 72 8.39 11.24 30.16
C ASP A 72 6.93 11.27 30.64
N ASP A 73 6.21 10.17 30.43
CA ASP A 73 4.77 10.10 30.73
C ASP A 73 4.49 9.95 32.23
N CYS A 74 3.21 10.02 32.58
CA CYS A 74 2.72 9.76 33.94
C CYS A 74 3.21 10.81 34.95
N TRP A 75 3.13 12.07 34.57
CA TRP A 75 3.62 13.18 35.43
C TRP A 75 2.52 14.10 35.90
N SER A 76 1.41 14.13 35.16
CA SER A 76 0.28 15.00 35.50
C SER A 76 -0.75 14.23 36.33
N SER A 77 -1.64 14.97 36.98
CA SER A 77 -2.71 14.36 37.77
C SER A 77 -4.08 14.60 37.13
N GLY A 78 -4.13 15.61 36.27
CA GLY A 78 -5.36 15.97 35.59
C GLY A 78 -5.23 17.38 35.03
N ARG A 79 -6.37 18.03 34.81
CA ARG A 79 -6.41 19.42 34.36
C ARG A 79 -7.12 20.30 35.39
N ASP A 80 -6.62 21.52 35.59
CA ASP A 80 -7.22 22.41 36.57
C ASP A 80 -8.41 23.16 35.97
N SER A 81 -9.01 24.02 36.80
CA SER A 81 -10.21 24.79 36.45
C SER A 81 -10.07 25.63 35.17
N ASP A 82 -8.86 26.13 34.90
CA ASP A 82 -8.59 26.96 33.72
C ASP A 82 -8.30 26.16 32.44
N GLY A 83 -8.36 24.83 32.56
CA GLY A 83 -8.05 23.95 31.43
C GLY A 83 -6.57 23.65 31.33
N PHE A 84 -5.76 24.44 32.03
CA PHE A 84 -4.31 24.24 32.11
C PHE A 84 -3.96 22.92 32.78
N LEU A 85 -2.78 22.39 32.44
CA LEU A 85 -2.29 21.13 33.00
C LEU A 85 -1.90 21.26 34.49
N VAL A 86 -2.05 20.17 35.23
CA VAL A 86 -1.67 20.10 36.64
C VAL A 86 -0.75 18.90 36.87
N ALA A 87 0.44 19.18 37.42
CA ALA A 87 1.42 18.14 37.76
C ALA A 87 1.00 17.39 39.01
N ASP A 88 1.17 16.07 38.97
CA ASP A 88 0.84 15.19 40.10
C ASP A 88 1.72 15.53 41.31
N GLU A 89 1.12 16.25 42.26
CA GLU A 89 1.86 16.81 43.41
C GLU A 89 2.49 15.79 44.36
N GLN A 90 1.99 14.55 44.32
CA GLN A 90 2.64 13.45 45.05
C GLN A 90 4.04 13.19 44.48
N LYS A 91 4.15 13.23 43.15
CA LYS A 91 5.40 13.01 42.44
C LYS A 91 6.17 14.33 42.34
N PHE A 92 5.45 15.43 42.16
CA PHE A 92 6.07 16.74 42.02
C PHE A 92 5.41 17.76 42.93
N PRO A 93 5.86 17.81 44.21
CA PRO A 93 5.24 18.68 45.21
C PRO A 93 5.64 20.15 45.15
N ASN A 94 6.62 20.49 44.33
CA ASN A 94 7.04 21.89 44.18
C ASN A 94 6.66 22.49 42.84
N GLY A 95 6.02 21.68 41.99
CA GLY A 95 5.71 22.07 40.62
C GLY A 95 6.85 21.74 39.67
N MET A 96 6.65 22.02 38.38
CA MET A 96 7.64 21.67 37.36
C MET A 96 8.75 22.69 37.22
N GLY A 97 8.39 23.97 37.21
CA GLY A 97 9.37 25.06 37.12
C GLY A 97 10.46 24.98 38.18
N HIS A 98 10.11 24.40 39.33
CA HIS A 98 11.05 24.16 40.43
C HIS A 98 12.11 23.15 40.01
N VAL A 99 11.69 22.14 39.26
CA VAL A 99 12.61 21.14 38.72
C VAL A 99 13.47 21.77 37.62
N ALA A 100 12.85 22.59 36.77
CA ALA A 100 13.57 23.31 35.73
C ALA A 100 14.72 24.11 36.31
N ASP A 101 14.43 24.87 37.38
CA ASP A 101 15.41 25.74 38.04
C ASP A 101 16.61 24.97 38.59
N HIS A 102 16.34 23.89 39.32
CA HIS A 102 17.43 23.01 39.79
C HIS A 102 18.30 22.59 38.63
N LEU A 103 17.67 22.22 37.51
CA LEU A 103 18.38 21.78 36.32
C LEU A 103 19.19 22.90 35.66
N HIS A 104 18.56 24.05 35.46
CA HIS A 104 19.29 25.21 34.94
C HIS A 104 20.49 25.57 35.80
N ASN A 105 20.31 25.53 37.13
CA ASN A 105 21.39 25.86 38.08
C ASN A 105 22.60 24.95 37.94
N ASN A 106 22.35 23.71 37.55
CA ASN A 106 23.41 22.73 37.31
C ASN A 106 23.77 22.64 35.82
N SER A 107 23.33 23.62 35.05
CA SER A 107 23.63 23.74 33.61
C SER A 107 22.99 22.66 32.74
N PHE A 108 21.89 22.09 33.21
CA PHE A 108 21.08 21.15 32.42
C PHE A 108 20.00 21.89 31.66
N LEU A 109 19.37 21.19 30.71
CA LEU A 109 18.17 21.68 30.05
C LEU A 109 17.01 20.72 30.32
N PHE A 110 15.79 21.26 30.40
CA PHE A 110 14.67 20.51 30.92
C PHE A 110 13.66 20.15 29.83
N GLY A 111 13.29 18.88 29.80
CA GLY A 111 12.36 18.36 28.79
C GLY A 111 11.15 17.66 29.36
N MET A 112 9.99 17.97 28.78
CA MET A 112 8.73 17.37 29.21
C MET A 112 8.01 16.63 28.08
N TYR A 113 6.93 15.94 28.45
CA TYR A 113 6.26 15.01 27.56
C TYR A 113 4.79 15.38 27.39
N SER A 114 4.27 15.15 26.19
CA SER A 114 2.85 15.21 25.90
C SER A 114 2.55 14.37 24.67
N SER A 115 1.27 14.33 24.28
CA SER A 115 0.83 13.57 23.11
C SER A 115 -0.11 14.41 22.26
N ALA A 116 0.08 14.34 20.95
CA ALA A 116 -0.83 14.99 20.01
C ALA A 116 -2.12 14.18 19.89
N GLY A 117 -2.82 14.06 21.02
CA GLY A 117 -4.02 13.25 21.13
C GLY A 117 -4.79 13.57 22.40
N GLU A 118 -5.91 12.88 22.58
CA GLU A 118 -6.80 13.08 23.73
C GLU A 118 -6.08 12.73 25.04
N TYR A 119 -5.37 11.60 25.04
CA TYR A 119 -4.63 11.17 26.20
C TYR A 119 -3.20 10.88 25.80
N THR A 120 -2.32 10.77 26.79
CA THR A 120 -0.97 10.26 26.55
C THR A 120 -1.04 8.73 26.52
N CYS A 121 0.06 8.11 26.10
CA CYS A 121 0.11 6.67 25.91
C CYS A 121 -0.15 5.89 27.20
N ALA A 122 0.01 6.56 28.35
CA ALA A 122 -0.30 5.95 29.64
C ALA A 122 -1.66 6.38 30.20
N GLY A 123 -2.36 7.24 29.49
CA GLY A 123 -3.75 7.58 29.85
C GLY A 123 -3.97 8.90 30.55
N TYR A 124 -2.96 9.76 30.52
CA TYR A 124 -3.01 11.07 31.17
C TYR A 124 -3.43 12.16 30.17
N PRO A 125 -3.80 13.36 30.65
CA PRO A 125 -4.28 14.40 29.73
C PRO A 125 -3.36 14.63 28.52
N GLY A 126 -3.96 14.71 27.33
CA GLY A 126 -3.22 14.98 26.09
C GLY A 126 -3.51 16.36 25.54
N SER A 127 -2.75 16.77 24.54
CA SER A 127 -2.73 18.17 24.11
C SER A 127 -3.51 18.51 22.85
N LEU A 128 -4.18 17.52 22.25
CA LEU A 128 -4.89 17.74 20.98
C LEU A 128 -6.07 18.71 21.14
N GLY A 129 -6.04 19.79 20.36
CA GLY A 129 -7.03 20.84 20.45
C GLY A 129 -6.81 21.77 21.64
N ARG A 130 -5.81 21.46 22.46
CA ARG A 130 -5.48 22.27 23.63
C ARG A 130 -4.01 22.67 23.57
N GLU A 131 -3.54 23.04 22.38
CA GLU A 131 -2.10 23.20 22.14
C GLU A 131 -1.50 24.44 22.81
N GLU A 132 -2.19 25.57 22.65
CA GLU A 132 -1.76 26.86 23.24
C GLU A 132 -1.66 26.85 24.76
N GLU A 133 -2.70 26.35 25.43
CA GLU A 133 -2.70 26.24 26.90
C GLU A 133 -1.52 25.40 27.37
N ASP A 134 -1.34 24.24 26.73
CA ASP A 134 -0.30 23.30 27.11
C ASP A 134 1.08 23.85 26.80
N ALA A 135 1.24 24.43 25.60
CA ALA A 135 2.49 25.08 25.23
C ALA A 135 2.86 26.15 26.25
N GLN A 136 1.88 26.98 26.60
CA GLN A 136 2.10 28.05 27.56
C GLN A 136 2.46 27.50 28.93
N PHE A 137 1.79 26.43 29.33
CA PHE A 137 2.12 25.73 30.58
C PHE A 137 3.59 25.29 30.62
N PHE A 138 4.09 24.77 29.50
CA PHE A 138 5.48 24.36 29.42
C PHE A 138 6.43 25.55 29.48
N ALA A 139 6.07 26.63 28.78
CA ALA A 139 6.87 27.86 28.82
C ALA A 139 6.88 28.46 30.24
N ASN A 140 5.71 28.54 30.84
CA ASN A 140 5.55 29.05 32.20
C ASN A 140 6.42 28.30 33.20
N ASN A 141 6.53 26.98 33.02
CA ASN A 141 7.40 26.16 33.86
C ASN A 141 8.81 26.00 33.30
N ARG A 142 9.20 26.94 32.42
CA ARG A 142 10.57 27.09 31.92
C ARG A 142 11.17 25.83 31.29
N VAL A 143 10.41 25.26 30.35
CA VAL A 143 10.78 24.01 29.66
C VAL A 143 11.55 24.31 28.37
N ASP A 144 12.56 23.49 28.08
CA ASP A 144 13.46 23.72 26.94
C ASP A 144 13.26 22.75 25.77
N TYR A 145 12.46 21.71 26.02
CA TYR A 145 12.40 20.53 25.15
C TYR A 145 11.05 19.85 25.33
N LEU A 146 10.38 19.53 24.21
CA LEU A 146 9.12 18.80 24.25
C LEU A 146 9.14 17.54 23.41
N LYS A 147 8.96 16.39 24.06
CA LYS A 147 8.73 15.14 23.36
C LYS A 147 7.22 14.99 23.16
N TYR A 148 6.80 14.94 21.89
CA TYR A 148 5.38 15.05 21.56
C TYR A 148 4.85 13.80 20.83
N ALA A 149 4.12 12.97 21.57
CA ALA A 149 3.76 11.61 21.14
C ALA A 149 2.55 11.54 20.22
N ASN A 150 2.12 10.31 19.90
CA ASN A 150 1.11 10.07 18.87
C ASN A 150 -0.08 9.21 19.33
N CYS A 151 -0.25 9.04 20.64
CA CYS A 151 -1.33 8.20 21.15
C CYS A 151 -2.68 8.91 21.20
N TYR A 152 -3.73 8.15 20.90
CA TYR A 152 -5.13 8.63 20.98
C TYR A 152 -5.36 9.91 20.17
N ASN A 153 -4.97 9.87 18.90
CA ASN A 153 -4.99 11.05 18.04
C ASN A 153 -6.33 11.31 17.33
N LYS A 154 -7.38 10.60 17.76
CA LYS A 154 -8.75 10.84 17.27
C LYS A 154 -8.91 10.75 15.75
N GLY A 155 -8.21 9.78 15.15
CA GLY A 155 -8.25 9.54 13.71
C GLY A 155 -7.57 10.58 12.85
N GLN A 156 -6.76 11.45 13.46
CA GLN A 156 -6.10 12.54 12.73
C GLN A 156 -4.73 12.13 12.16
N PHE A 157 -4.76 11.07 11.35
CA PHE A 157 -3.59 10.51 10.69
C PHE A 157 -4.08 9.77 9.47
N GLY A 158 -3.16 9.24 8.66
CA GLY A 158 -3.51 8.42 7.50
C GLY A 158 -3.03 9.00 6.20
N THR A 159 -2.79 10.30 6.19
CA THR A 159 -2.15 10.99 5.08
C THR A 159 -1.08 11.92 5.69
N PRO A 160 -0.05 12.27 4.90
CA PRO A 160 0.95 13.22 5.36
C PRO A 160 0.37 14.55 5.83
N GLU A 161 -0.57 15.10 5.05
CA GLU A 161 -1.13 16.42 5.32
C GLU A 161 -1.76 16.52 6.71
N ILE A 162 -2.66 15.61 7.03
CA ILE A 162 -3.39 15.61 8.30
C ILE A 162 -2.48 15.44 9.52
N SER A 163 -1.46 14.58 9.41
CA SER A 163 -0.47 14.42 10.47
C SER A 163 0.41 15.66 10.61
N TYR A 164 0.75 16.28 9.47
CA TYR A 164 1.53 17.50 9.45
C TYR A 164 0.86 18.63 10.22
N HIS A 165 -0.43 18.83 9.97
CA HIS A 165 -1.17 19.91 10.62
C HIS A 165 -1.35 19.70 12.11
N ARG A 166 -1.59 18.44 12.50
CA ARG A 166 -1.69 18.08 13.92
C ARG A 166 -0.41 18.43 14.67
N TYR A 167 0.74 18.14 14.07
CA TYR A 167 2.01 18.43 14.72
C TYR A 167 2.47 19.87 14.52
N LYS A 168 1.96 20.52 13.48
CA LYS A 168 2.22 21.94 13.27
C LYS A 168 1.49 22.78 14.33
N ALA A 169 0.34 22.30 14.78
CA ALA A 169 -0.46 22.97 15.80
C ALA A 169 0.38 23.30 17.04
N MET A 170 1.03 22.28 17.58
CA MET A 170 1.88 22.45 18.75
C MET A 170 3.17 23.20 18.42
N SER A 171 3.67 23.01 17.20
CA SER A 171 4.86 23.71 16.74
C SER A 171 4.62 25.22 16.78
N ASP A 172 3.46 25.63 16.28
CA ASP A 172 3.02 27.02 16.28
C ASP A 172 2.76 27.50 17.70
N ALA A 173 2.12 26.65 18.50
CA ALA A 173 1.77 26.97 19.88
C ALA A 173 3.00 27.27 20.72
N LEU A 174 4.07 26.52 20.52
CA LEU A 174 5.34 26.74 21.22
C LEU A 174 5.97 28.04 20.77
N ASN A 175 5.91 28.32 19.47
CA ASN A 175 6.47 29.55 18.91
C ASN A 175 5.80 30.79 19.50
N LYS A 176 4.49 30.70 19.68
CA LYS A 176 3.68 31.79 20.21
C LYS A 176 4.14 32.21 21.61
N THR A 177 4.59 31.24 22.41
CA THR A 177 5.03 31.51 23.79
C THR A 177 6.33 32.31 23.84
N GLY A 178 6.98 32.45 22.68
CA GLY A 178 8.23 33.20 22.58
C GLY A 178 9.44 32.53 23.22
N ARG A 179 9.22 31.40 23.90
CA ARG A 179 10.33 30.66 24.52
C ARG A 179 10.92 29.64 23.55
N PRO A 180 12.26 29.63 23.42
CA PRO A 180 12.94 28.60 22.62
C PRO A 180 12.68 27.21 23.19
N VAL A 181 12.08 26.34 22.38
CA VAL A 181 11.79 24.97 22.79
C VAL A 181 12.21 23.98 21.71
N PHE A 182 13.06 23.02 22.08
CA PHE A 182 13.47 21.94 21.20
C PHE A 182 12.27 21.01 21.04
N TYR A 183 11.78 20.91 19.80
CA TYR A 183 10.53 20.22 19.53
C TYR A 183 10.81 18.85 18.92
N SER A 184 10.53 17.82 19.71
CA SER A 184 10.81 16.44 19.35
C SER A 184 9.52 15.68 19.04
N LEU A 185 9.34 15.34 17.76
CA LEU A 185 8.20 14.57 17.31
C LEU A 185 8.33 13.09 17.65
N CYS A 186 7.22 12.49 18.05
CA CYS A 186 7.19 11.09 18.42
C CYS A 186 5.97 10.42 17.80
N ASN A 187 5.90 10.45 16.46
CA ASN A 187 4.80 9.81 15.72
C ASN A 187 5.21 8.51 15.02
N TRP A 188 6.41 8.05 15.33
CA TRP A 188 6.93 6.74 14.87
C TRP A 188 7.07 6.64 13.37
N GLY A 189 7.27 7.78 12.70
CA GLY A 189 7.43 7.80 11.26
C GLY A 189 6.14 7.71 10.48
N GLN A 190 5.01 7.78 11.18
CA GLN A 190 3.69 7.67 10.55
C GLN A 190 3.43 8.76 9.52
N ASP A 191 2.95 8.34 8.35
CA ASP A 191 2.63 9.23 7.24
C ASP A 191 3.86 9.96 6.70
N LEU A 192 4.97 9.23 6.64
CA LEU A 192 6.23 9.66 6.02
C LEU A 192 6.81 10.95 6.63
N THR A 193 7.05 10.91 7.95
CA THR A 193 7.50 12.08 8.72
C THR A 193 8.79 12.70 8.22
N PHE A 194 9.73 11.87 7.73
CA PHE A 194 11.01 12.36 7.20
C PHE A 194 10.86 13.44 6.12
N TYR A 195 9.72 13.43 5.43
CA TYR A 195 9.44 14.44 4.40
C TYR A 195 9.05 15.79 4.97
N TRP A 196 8.23 15.81 6.02
CA TRP A 196 7.61 17.04 6.49
C TRP A 196 8.03 17.52 7.89
N GLY A 197 8.89 16.78 8.55
CA GLY A 197 9.33 17.12 9.90
C GLY A 197 10.16 18.39 10.02
N SER A 198 11.10 18.59 9.10
CA SER A 198 12.12 19.65 9.21
C SER A 198 11.56 21.05 9.40
N GLY A 199 10.51 21.37 8.65
CA GLY A 199 9.93 22.71 8.66
C GLY A 199 9.16 23.10 9.90
N ILE A 200 8.90 22.13 10.78
CA ILE A 200 8.09 22.37 11.98
C ILE A 200 8.67 21.77 13.26
N ALA A 201 9.74 20.99 13.12
CA ALA A 201 10.35 20.29 14.25
C ALA A 201 11.87 20.16 14.15
N ASN A 202 12.50 19.75 15.25
CA ASN A 202 13.94 19.55 15.31
C ASN A 202 14.35 18.09 15.18
N SER A 203 13.47 17.18 15.57
CA SER A 203 13.71 15.75 15.45
C SER A 203 12.39 14.97 15.43
N TRP A 204 12.38 13.86 14.71
CA TRP A 204 11.18 13.03 14.59
C TRP A 204 11.49 11.54 14.70
N ARG A 205 10.75 10.87 15.58
CA ARG A 205 10.82 9.43 15.65
C ARG A 205 10.38 8.85 14.31
N MET A 206 11.17 7.91 13.80
CA MET A 206 10.91 7.33 12.49
C MET A 206 10.49 5.87 12.53
N SER A 207 10.29 5.34 13.73
CA SER A 207 9.86 3.96 13.92
C SER A 207 9.15 3.81 15.25
N GLY A 208 8.61 2.61 15.48
CA GLY A 208 8.09 2.24 16.78
C GLY A 208 9.22 2.03 17.77
N ASP A 209 8.86 1.93 19.04
CA ASP A 209 9.84 1.89 20.13
C ASP A 209 10.88 0.80 20.01
N VAL A 210 12.11 1.15 20.36
CA VAL A 210 13.22 0.19 20.41
C VAL A 210 13.10 -0.69 21.65
N THR A 211 13.77 -1.84 21.62
CA THR A 211 13.84 -2.72 22.76
C THR A 211 15.27 -3.25 22.86
N ALA A 212 15.63 -3.82 24.02
CA ALA A 212 16.97 -4.37 24.21
C ALA A 212 17.16 -5.70 23.47
N GLU A 213 16.86 -5.70 22.18
CA GLU A 213 17.11 -6.84 21.29
C GLU A 213 17.85 -6.33 20.06
N PHE A 214 18.89 -7.05 19.65
CA PHE A 214 19.66 -6.63 18.49
C PHE A 214 18.99 -6.98 17.16
N THR A 215 18.40 -8.17 17.05
CA THR A 215 17.85 -8.61 15.77
C THR A 215 16.41 -9.13 15.86
N ARG A 216 16.01 -9.58 17.04
CA ARG A 216 14.73 -10.28 17.26
C ARG A 216 13.50 -9.63 16.60
N PRO A 217 12.89 -10.32 15.62
CA PRO A 217 11.58 -9.89 15.14
C PRO A 217 10.52 -10.09 16.24
N ASP A 218 9.51 -9.21 16.25
CA ASP A 218 8.49 -9.22 17.30
C ASP A 218 7.12 -8.99 16.69
N SER A 219 6.14 -9.76 17.13
CA SER A 219 4.78 -9.62 16.62
C SER A 219 4.17 -8.25 16.92
N ARG A 220 4.70 -7.56 17.93
CA ARG A 220 4.25 -6.21 18.26
C ARG A 220 4.91 -5.14 17.39
N CYS A 221 5.87 -5.55 16.57
CA CYS A 221 6.51 -4.68 15.58
C CYS A 221 6.43 -5.37 14.21
N PRO A 222 5.22 -5.34 13.60
CA PRO A 222 4.95 -6.14 12.40
C PRO A 222 5.73 -5.75 11.13
N CYS A 223 6.12 -4.49 11.00
CA CYS A 223 6.89 -4.03 9.85
C CYS A 223 8.36 -4.43 9.93
N ASP A 224 8.86 -5.11 8.91
CA ASP A 224 10.27 -5.51 8.89
C ASP A 224 11.22 -4.35 8.50
N GLY A 225 12.51 -4.64 8.40
CA GLY A 225 13.52 -3.63 8.10
C GLY A 225 13.36 -2.86 6.80
N ASP A 226 12.70 -3.49 5.82
CA ASP A 226 12.50 -2.88 4.51
C ASP A 226 11.27 -1.99 4.47
N GLU A 227 10.39 -2.14 5.45
CA GLU A 227 9.13 -1.39 5.45
C GLU A 227 9.24 -0.04 6.18
N TYR A 228 9.93 0.90 5.56
CA TYR A 228 10.08 2.27 6.06
C TYR A 228 8.74 3.03 6.05
N ASP A 229 7.84 2.63 5.16
CA ASP A 229 6.51 3.20 5.09
C ASP A 229 5.54 2.28 5.81
N CYS A 230 5.57 2.32 7.14
CA CYS A 230 4.86 1.37 7.99
C CYS A 230 3.48 1.91 8.39
N LYS A 231 2.47 1.04 8.34
CA LYS A 231 1.11 1.45 8.71
C LYS A 231 0.75 1.10 10.16
N TYR A 232 1.54 0.19 10.75
CA TYR A 232 1.41 -0.16 12.16
C TYR A 232 2.81 -0.17 12.79
N ALA A 233 3.29 1.01 13.15
CA ALA A 233 4.64 1.19 13.70
C ALA A 233 4.95 0.24 14.85
N GLY A 234 3.98 0.08 15.75
CA GLY A 234 4.13 -0.82 16.89
C GLY A 234 5.24 -0.44 17.84
N PHE A 235 5.74 -1.43 18.57
CA PHE A 235 6.88 -1.25 19.48
C PHE A 235 7.57 -2.59 19.69
N HIS A 236 8.61 -2.60 20.54
CA HIS A 236 9.49 -3.75 20.74
C HIS A 236 10.18 -4.15 19.44
N CYS A 237 10.54 -3.13 18.67
CA CYS A 237 11.31 -3.30 17.46
C CYS A 237 12.78 -3.47 17.84
N SER A 238 13.47 -4.34 17.12
CA SER A 238 14.88 -4.60 17.38
C SER A 238 15.76 -3.47 16.87
N ILE A 239 16.98 -3.41 17.41
CA ILE A 239 17.97 -2.41 17.01
C ILE A 239 18.21 -2.45 15.49
N MET A 240 18.35 -3.64 14.93
CA MET A 240 18.56 -3.79 13.48
C MET A 240 17.33 -3.49 12.65
N ASN A 241 16.14 -3.74 13.21
CA ASN A 241 14.88 -3.38 12.57
C ASN A 241 14.77 -1.88 12.33
N ILE A 242 15.15 -1.11 13.34
CA ILE A 242 15.05 0.35 13.29
C ILE A 242 16.13 0.97 12.41
N LEU A 243 17.37 0.49 12.55
CA LEU A 243 18.46 0.94 11.72
C LEU A 243 18.17 0.68 10.25
N ASN A 244 17.64 -0.50 9.96
CA ASN A 244 17.25 -0.85 8.60
C ASN A 244 16.16 0.03 8.02
N LYS A 245 15.21 0.43 8.87
CA LYS A 245 14.17 1.35 8.47
C LYS A 245 14.73 2.74 8.19
N ALA A 246 15.75 3.11 8.96
CA ALA A 246 16.32 4.46 8.89
C ALA A 246 17.24 4.66 7.70
N ALA A 247 17.80 3.58 7.20
CA ALA A 247 18.78 3.61 6.12
C ALA A 247 18.46 4.56 4.96
N PRO A 248 17.24 4.48 4.37
CA PRO A 248 16.96 5.39 3.25
C PRO A 248 16.64 6.82 3.67
N MET A 249 16.37 7.03 4.96
CA MET A 249 15.89 8.33 5.48
C MET A 249 16.98 9.38 5.70
N GLY A 250 18.25 8.95 5.71
CA GLY A 250 19.37 9.85 5.94
C GLY A 250 19.32 11.10 5.08
N GLN A 251 18.96 10.92 3.82
CA GLN A 251 18.85 12.00 2.84
C GLN A 251 17.85 13.10 3.20
N ASN A 252 16.96 12.82 4.15
CA ASN A 252 15.98 13.81 4.59
C ASN A 252 16.26 14.38 5.99
N ALA A 253 17.48 14.14 6.47
CA ALA A 253 17.92 14.71 7.74
C ALA A 253 19.06 15.70 7.50
N GLY A 254 19.28 16.59 8.47
CA GLY A 254 20.33 17.60 8.36
C GLY A 254 20.30 18.56 9.53
N VAL A 255 21.11 19.60 9.44
CA VAL A 255 21.17 20.65 10.47
C VAL A 255 19.77 21.19 10.78
N GLY A 256 19.35 21.03 12.03
CA GLY A 256 18.06 21.54 12.48
C GLY A 256 16.89 20.56 12.47
N GLY A 257 17.09 19.40 11.84
CA GLY A 257 16.03 18.39 11.71
C GLY A 257 16.58 16.98 11.49
N TRP A 258 16.42 16.13 12.50
CA TRP A 258 17.08 14.83 12.52
C TRP A 258 16.10 13.66 12.59
N ASN A 259 16.51 12.53 12.02
CA ASN A 259 15.81 11.26 12.20
C ASN A 259 16.14 10.75 13.59
N ASP A 260 15.11 10.36 14.32
CA ASP A 260 15.26 9.88 15.68
C ASP A 260 14.96 8.38 15.70
N LEU A 261 15.98 7.60 16.04
CA LEU A 261 15.87 6.15 16.11
C LEU A 261 15.57 5.65 17.52
N ASP A 262 15.02 6.52 18.37
CA ASP A 262 14.61 6.20 19.75
C ASP A 262 15.79 6.15 20.72
N ASN A 263 15.47 6.23 22.01
CA ASN A 263 16.48 6.27 23.07
C ASN A 263 17.43 5.09 23.02
N LEU A 264 18.65 5.30 23.49
CA LEU A 264 19.67 4.27 23.48
C LEU A 264 19.35 3.17 24.49
N GLU A 265 19.59 1.93 24.11
CA GLU A 265 19.33 0.77 24.95
C GLU A 265 20.61 0.26 25.62
N VAL A 266 21.68 1.03 25.50
CA VAL A 266 22.95 0.73 26.14
C VAL A 266 22.77 0.82 27.65
N GLY A 267 23.09 -0.26 28.36
CA GLY A 267 22.88 -0.30 29.80
C GLY A 267 21.51 -0.83 30.23
N VAL A 268 20.63 -1.03 29.27
CA VAL A 268 19.30 -1.59 29.51
C VAL A 268 19.27 -3.03 29.01
N GLY A 269 18.61 -3.90 29.75
CA GLY A 269 18.42 -5.29 29.33
C GLY A 269 19.71 -6.08 29.28
N ASN A 270 19.80 -7.02 28.34
CA ASN A 270 20.91 -7.95 28.30
C ASN A 270 21.61 -8.08 26.95
N LEU A 271 21.99 -6.93 26.39
CA LEU A 271 22.80 -6.90 25.18
C LEU A 271 24.25 -7.16 25.54
N THR A 272 24.98 -7.77 24.59
CA THR A 272 26.41 -7.98 24.76
C THR A 272 27.14 -6.66 24.55
N ASP A 273 28.40 -6.62 24.98
CA ASP A 273 29.23 -5.44 24.79
C ASP A 273 29.36 -5.09 23.31
N ASP A 274 29.53 -6.11 22.46
CA ASP A 274 29.59 -5.92 21.01
C ASP A 274 28.31 -5.32 20.42
N GLU A 275 27.16 -5.80 20.89
CA GLU A 275 25.86 -5.29 20.48
C GLU A 275 25.68 -3.83 20.90
N GLU A 276 26.12 -3.52 22.12
CA GLU A 276 26.02 -2.16 22.64
C GLU A 276 26.89 -1.17 21.86
N LYS A 277 28.11 -1.59 21.51
CA LYS A 277 29.01 -0.79 20.68
C LYS A 277 28.44 -0.53 19.29
N ALA A 278 27.95 -1.59 18.66
CA ALA A 278 27.34 -1.50 17.34
C ALA A 278 26.13 -0.57 17.36
N HIS A 279 25.26 -0.77 18.35
CA HIS A 279 24.06 0.04 18.54
C HIS A 279 24.40 1.51 18.76
N PHE A 280 25.38 1.79 19.61
CA PHE A 280 25.77 3.16 19.92
C PHE A 280 26.46 3.86 18.76
N SER A 281 27.35 3.15 18.07
CA SER A 281 28.08 3.69 16.93
C SER A 281 27.15 4.07 15.79
N MET A 282 26.27 3.14 15.42
CA MET A 282 25.34 3.34 14.32
C MET A 282 24.38 4.50 14.58
N TRP A 283 23.87 4.57 15.81
CA TRP A 283 23.00 5.67 16.22
C TRP A 283 23.72 7.00 16.06
N ALA A 284 25.01 7.01 16.34
CA ALA A 284 25.83 8.22 16.20
C ALA A 284 26.09 8.53 14.74
N MET A 285 26.36 7.48 13.96
CA MET A 285 26.76 7.64 12.56
C MET A 285 25.61 8.13 11.68
N VAL A 286 24.37 7.82 12.06
CA VAL A 286 23.22 8.24 11.27
C VAL A 286 22.62 9.55 11.78
N LYS A 287 23.34 10.18 12.71
CA LYS A 287 22.96 11.45 13.33
C LYS A 287 21.63 11.39 14.06
N SER A 288 21.39 10.28 14.77
CA SER A 288 20.25 10.17 15.64
C SER A 288 20.53 10.87 16.97
N PRO A 289 19.48 11.41 17.60
CA PRO A 289 19.58 11.83 19.00
C PRO A 289 20.24 10.75 19.85
N LEU A 290 21.20 11.15 20.67
CA LEU A 290 21.80 10.23 21.61
C LEU A 290 21.20 10.47 22.99
N ILE A 291 20.18 9.68 23.33
CA ILE A 291 19.47 9.85 24.60
C ILE A 291 19.62 8.59 25.46
N ILE A 292 20.21 8.75 26.65
CA ILE A 292 20.43 7.64 27.56
C ILE A 292 19.10 7.10 28.04
N GLY A 293 18.91 5.79 27.87
CA GLY A 293 17.72 5.11 28.37
C GLY A 293 18.02 4.33 29.63
N ALA A 294 19.30 4.19 29.94
CA ALA A 294 19.75 3.41 31.09
C ALA A 294 19.47 4.10 32.41
N ASN A 295 19.30 3.29 33.45
CA ASN A 295 19.32 3.77 34.81
C ASN A 295 20.77 4.09 35.18
N VAL A 296 21.08 5.38 35.25
CA VAL A 296 22.44 5.83 35.53
C VAL A 296 22.90 5.53 36.96
N ASN A 297 21.95 5.25 37.85
CA ASN A 297 22.22 4.85 39.23
C ASN A 297 22.48 3.36 39.37
N ASN A 298 22.28 2.64 38.27
CA ASN A 298 22.48 1.20 38.23
C ASN A 298 23.14 0.82 36.90
N LEU A 299 24.01 1.70 36.42
CA LEU A 299 24.71 1.52 35.14
C LEU A 299 25.98 0.68 35.31
N LYS A 300 26.16 -0.33 34.47
CA LYS A 300 27.37 -1.15 34.55
C LYS A 300 28.53 -0.49 33.82
N ALA A 301 29.75 -0.94 34.14
CA ALA A 301 30.99 -0.33 33.65
C ALA A 301 31.06 -0.26 32.12
N SER A 302 30.94 -1.42 31.48
CA SER A 302 31.06 -1.52 30.02
C SER A 302 30.11 -0.59 29.28
N SER A 303 28.87 -0.49 29.79
CA SER A 303 27.87 0.40 29.21
C SER A 303 28.24 1.86 29.42
N TYR A 304 28.77 2.16 30.61
CA TYR A 304 29.21 3.51 30.95
C TYR A 304 30.32 4.00 30.02
N SER A 305 31.30 3.14 29.75
CA SER A 305 32.41 3.52 28.88
C SER A 305 31.96 3.74 27.43
N ILE A 306 30.94 3.00 27.01
CA ILE A 306 30.36 3.20 25.69
C ILE A 306 29.71 4.58 25.55
N TYR A 307 28.87 4.95 26.51
CA TYR A 307 28.23 6.27 26.54
C TYR A 307 29.24 7.41 26.54
N SER A 308 30.43 7.12 27.05
CA SER A 308 31.44 8.14 27.29
C SER A 308 32.56 8.17 26.23
N GLN A 309 32.36 7.45 25.13
CA GLN A 309 33.35 7.41 24.04
C GLN A 309 33.32 8.68 23.21
N ALA A 310 34.16 9.64 23.60
CA ALA A 310 34.21 10.97 22.98
C ALA A 310 34.41 10.89 21.47
N SER A 311 35.22 9.92 21.08
CA SER A 311 35.49 9.63 19.68
C SER A 311 34.21 9.48 18.86
N VAL A 312 33.27 8.69 19.39
CA VAL A 312 32.06 8.33 18.68
C VAL A 312 31.04 9.46 18.75
N ILE A 313 30.95 10.09 19.91
CA ILE A 313 30.10 11.26 20.09
C ILE A 313 30.47 12.38 19.11
N ALA A 314 31.77 12.58 18.87
CA ALA A 314 32.28 13.55 17.92
C ALA A 314 31.72 13.34 16.51
N ILE A 315 31.55 12.07 16.12
CA ILE A 315 30.89 11.70 14.87
C ILE A 315 29.43 12.21 14.84
N ASN A 316 28.69 11.92 15.89
CA ASN A 316 27.30 12.34 16.01
C ASN A 316 27.17 13.86 16.04
N GLN A 317 28.10 14.51 16.74
CA GLN A 317 28.06 15.95 16.94
C GLN A 317 28.84 16.72 15.87
N ASP A 318 29.17 16.05 14.77
CA ASP A 318 29.85 16.70 13.66
C ASP A 318 29.08 17.93 13.22
N SER A 319 29.79 19.04 13.05
CA SER A 319 29.16 20.29 12.58
C SER A 319 28.74 20.13 11.13
N ASN A 320 27.64 20.78 10.76
CA ASN A 320 27.03 20.60 9.43
C ASN A 320 26.84 19.11 9.16
N GLY A 321 26.22 18.44 10.12
CA GLY A 321 26.10 16.98 10.12
C GLY A 321 25.36 16.37 8.95
N ILE A 322 25.95 15.31 8.40
CA ILE A 322 25.33 14.53 7.34
C ILE A 322 25.28 13.07 7.80
N PRO A 323 24.07 12.47 7.83
CA PRO A 323 23.93 11.06 8.17
C PRO A 323 24.70 10.18 7.19
N ALA A 324 25.24 9.08 7.69
CA ALA A 324 25.96 8.16 6.82
C ALA A 324 25.03 7.40 5.86
N THR A 325 25.63 6.83 4.81
CA THR A 325 24.89 6.08 3.81
C THR A 325 25.26 4.61 3.95
N ARG A 326 24.28 3.73 3.86
CA ARG A 326 24.56 2.30 3.81
C ARG A 326 25.00 1.96 2.39
N VAL A 327 26.24 1.51 2.24
CA VAL A 327 26.81 1.24 0.93
C VAL A 327 26.38 -0.13 0.39
N TRP A 328 26.45 -1.14 1.24
CA TRP A 328 25.94 -2.47 0.88
C TRP A 328 25.39 -3.26 2.05
N ARG A 329 24.59 -4.27 1.72
CA ARG A 329 23.97 -5.16 2.70
C ARG A 329 23.77 -6.54 2.08
N TYR A 330 24.32 -7.55 2.74
CA TYR A 330 24.14 -8.94 2.30
C TYR A 330 23.67 -9.82 3.46
N TYR A 331 22.80 -10.76 3.14
CA TYR A 331 22.36 -11.74 4.13
C TYR A 331 23.35 -12.88 4.16
N VAL A 332 23.62 -13.40 5.36
CA VAL A 332 24.60 -14.45 5.53
C VAL A 332 23.95 -15.70 6.12
N SER A 333 24.60 -16.85 5.94
CA SER A 333 24.06 -18.11 6.47
C SER A 333 24.27 -18.25 7.96
N ASP A 334 25.18 -17.46 8.52
CA ASP A 334 25.41 -17.41 9.96
C ASP A 334 24.29 -16.64 10.64
N THR A 335 23.22 -17.34 10.96
CA THR A 335 22.02 -16.72 11.54
C THR A 335 21.93 -17.03 13.02
N ASP A 336 21.28 -16.16 13.78
CA ASP A 336 21.11 -16.35 15.22
C ASP A 336 19.89 -17.20 15.55
N GLU A 337 19.57 -17.26 16.85
CA GLU A 337 18.42 -18.01 17.36
C GLU A 337 17.09 -17.57 16.74
N TYR A 338 17.08 -16.41 16.09
CA TYR A 338 15.88 -15.86 15.50
C TYR A 338 15.90 -15.87 13.96
N GLY A 339 16.88 -16.57 13.38
CA GLY A 339 17.02 -16.67 11.92
C GLY A 339 17.54 -15.42 11.24
N GLN A 340 18.02 -14.46 12.03
CA GLN A 340 18.49 -13.19 11.52
C GLN A 340 20.00 -13.21 11.36
N GLY A 341 20.48 -12.63 10.27
CA GLY A 341 21.90 -12.57 9.97
C GLY A 341 22.19 -11.82 8.70
N GLU A 342 22.75 -10.62 8.85
CA GLU A 342 23.12 -9.80 7.70
C GLU A 342 24.39 -9.01 8.01
N ILE A 343 25.14 -8.68 6.97
CA ILE A 343 26.32 -7.82 7.10
C ILE A 343 26.12 -6.51 6.36
N GLN A 344 26.63 -5.42 6.94
CA GLN A 344 26.45 -4.09 6.37
C GLN A 344 27.72 -3.25 6.37
N MET A 345 27.84 -2.38 5.37
CA MET A 345 28.88 -1.37 5.32
C MET A 345 28.26 0.00 5.17
N TRP A 346 28.72 0.94 5.98
CA TRP A 346 28.20 2.29 5.92
C TRP A 346 29.37 3.24 5.80
N SER A 347 29.19 4.28 4.99
CA SER A 347 30.20 5.31 4.81
C SER A 347 29.52 6.67 4.85
N GLY A 348 30.25 7.68 5.31
CA GLY A 348 29.69 9.01 5.48
C GLY A 348 30.72 10.12 5.54
N PRO A 349 30.44 11.26 4.89
CA PRO A 349 31.36 12.41 4.90
C PRO A 349 31.38 13.12 6.25
N LEU A 350 32.56 13.62 6.63
CA LEU A 350 32.70 14.43 7.84
C LEU A 350 33.11 15.85 7.46
N ASP A 351 32.72 16.81 8.30
CA ASP A 351 32.89 18.23 8.03
C ASP A 351 34.32 18.65 7.66
N ASN A 352 35.32 18.11 8.35
CA ASN A 352 36.72 18.48 8.10
C ASN A 352 37.36 17.75 6.92
N GLY A 353 36.57 17.01 6.14
CA GLY A 353 37.08 16.27 5.00
C GLY A 353 37.36 14.80 5.27
N ASP A 354 37.19 14.39 6.53
CA ASP A 354 37.35 12.99 6.93
C ASP A 354 36.15 12.13 6.52
N GLN A 355 36.23 10.83 6.73
CA GLN A 355 35.15 9.91 6.35
C GLN A 355 34.90 8.88 7.44
N VAL A 356 33.64 8.70 7.84
CA VAL A 356 33.28 7.63 8.77
C VAL A 356 33.01 6.34 8.01
N VAL A 357 33.55 5.24 8.51
CA VAL A 357 33.31 3.92 7.92
C VAL A 357 32.89 2.93 8.99
N ALA A 358 31.81 2.20 8.72
CA ALA A 358 31.36 1.14 9.61
C ALA A 358 31.24 -0.19 8.86
N LEU A 359 31.90 -1.20 9.39
CA LEU A 359 31.72 -2.58 8.95
C LEU A 359 30.91 -3.30 10.02
N LEU A 360 29.66 -3.57 9.70
CA LEU A 360 28.70 -4.07 10.67
C LEU A 360 28.40 -5.55 10.47
N ASN A 361 28.78 -6.38 11.45
CA ASN A 361 28.55 -7.81 11.38
C ASN A 361 27.32 -8.21 12.22
N GLY A 362 26.18 -8.32 11.55
CA GLY A 362 24.94 -8.72 12.20
C GLY A 362 24.77 -10.23 12.15
N GLY A 363 25.79 -10.92 11.65
CA GLY A 363 25.83 -12.38 11.65
C GLY A 363 26.07 -12.94 13.04
N SER A 364 25.83 -14.24 13.20
CA SER A 364 25.90 -14.88 14.51
C SER A 364 27.31 -15.32 14.89
N VAL A 365 28.23 -15.21 13.94
CA VAL A 365 29.59 -15.68 14.12
C VAL A 365 30.57 -14.56 13.78
N SER A 366 31.71 -14.56 14.46
CA SER A 366 32.84 -13.71 14.11
C SER A 366 33.25 -13.95 12.66
N ARG A 367 33.49 -12.88 11.91
CA ARG A 367 33.88 -13.00 10.51
C ARG A 367 34.87 -11.93 10.03
N PRO A 368 35.68 -12.27 9.01
CA PRO A 368 36.46 -11.23 8.33
C PRO A 368 35.54 -10.37 7.47
N MET A 369 35.75 -9.06 7.53
CA MET A 369 35.01 -8.12 6.68
C MET A 369 36.00 -7.23 5.97
N ASN A 370 35.68 -6.87 4.73
CA ASN A 370 36.59 -6.09 3.90
C ASN A 370 35.90 -5.00 3.08
N THR A 371 36.66 -3.97 2.72
CA THR A 371 36.18 -2.91 1.82
C THR A 371 37.36 -2.24 1.13
N THR A 372 37.06 -1.47 0.09
CA THR A 372 38.07 -0.73 -0.66
C THR A 372 37.78 0.76 -0.59
N LEU A 373 38.66 1.57 -1.16
CA LEU A 373 38.44 3.00 -1.26
C LEU A 373 37.29 3.31 -2.21
N GLU A 374 37.17 2.51 -3.28
CA GLU A 374 36.08 2.66 -4.23
C GLU A 374 34.72 2.51 -3.56
N GLU A 375 34.61 1.54 -2.65
CA GLU A 375 33.38 1.29 -1.89
C GLU A 375 33.15 2.36 -0.83
N ILE A 376 34.23 2.82 -0.19
CA ILE A 376 34.14 3.83 0.86
C ILE A 376 33.70 5.17 0.27
N PHE A 377 34.35 5.58 -0.81
CA PHE A 377 33.99 6.81 -1.47
C PHE A 377 33.07 6.52 -2.65
N PHE A 378 31.84 6.17 -2.29
CA PHE A 378 30.83 5.59 -3.17
C PHE A 378 30.37 6.53 -4.28
N ASP A 379 30.41 7.82 -4.02
CA ASP A 379 30.03 8.82 -5.01
C ASP A 379 31.23 9.54 -5.64
N SER A 380 32.40 8.92 -5.58
CA SER A 380 33.60 9.45 -6.22
C SER A 380 33.95 8.68 -7.49
N ASN A 381 34.27 9.43 -8.54
CA ASN A 381 34.66 8.85 -9.83
C ASN A 381 36.07 8.29 -9.78
N LEU A 382 36.37 7.37 -10.69
CA LEU A 382 37.71 6.83 -10.84
C LEU A 382 38.71 7.95 -11.16
N GLY A 383 39.89 7.90 -10.53
CA GLY A 383 40.94 8.90 -10.76
C GLY A 383 40.75 10.23 -10.06
N SER A 384 39.64 10.39 -9.32
CA SER A 384 39.43 11.58 -8.50
C SER A 384 40.38 11.55 -7.30
N LYS A 385 40.55 12.70 -6.64
CA LYS A 385 41.50 12.83 -5.52
C LYS A 385 41.30 11.77 -4.43
N LYS A 386 40.06 11.65 -3.95
CA LYS A 386 39.73 10.73 -2.86
C LYS A 386 40.07 9.27 -3.14
N LEU A 387 39.92 8.86 -4.41
CA LEU A 387 40.24 7.49 -4.82
C LEU A 387 41.71 7.29 -5.15
N THR A 388 42.44 8.38 -5.38
CA THR A 388 43.85 8.31 -5.76
C THR A 388 44.78 8.62 -4.59
N SER A 389 44.25 9.25 -3.55
CA SER A 389 44.98 9.57 -2.33
C SER A 389 45.12 8.36 -1.40
N THR A 390 46.00 8.48 -0.41
CA THR A 390 46.13 7.48 0.65
C THR A 390 45.48 8.03 1.92
N TRP A 391 44.80 7.16 2.65
CA TRP A 391 44.03 7.58 3.82
C TRP A 391 44.52 6.86 5.07
N ASP A 392 44.62 7.59 6.17
CA ASP A 392 44.97 7.02 7.45
C ASP A 392 43.72 6.48 8.14
N ILE A 393 43.83 5.30 8.73
CA ILE A 393 42.70 4.62 9.38
C ILE A 393 42.78 4.77 10.90
N TYR A 394 41.72 5.31 11.49
CA TYR A 394 41.66 5.49 12.93
C TYR A 394 40.55 4.64 13.53
N ASP A 395 40.91 3.79 14.48
CA ASP A 395 39.92 2.98 15.19
C ASP A 395 39.25 3.86 16.25
N LEU A 396 37.99 4.18 16.03
CA LEU A 396 37.25 5.09 16.91
C LEU A 396 36.97 4.51 18.29
N TRP A 397 37.14 3.20 18.44
CA TRP A 397 36.86 2.53 19.69
C TRP A 397 38.10 2.30 20.54
N ALA A 398 39.25 2.74 20.04
CA ALA A 398 40.49 2.67 20.81
C ALA A 398 40.48 3.67 21.95
N ASN A 399 41.25 3.37 22.99
CA ASN A 399 41.41 4.24 24.16
C ASN A 399 40.11 4.47 24.92
N ARG A 400 39.26 3.45 24.93
CA ARG A 400 38.00 3.56 25.67
C ARG A 400 38.30 3.32 27.15
N VAL A 401 37.58 4.01 28.03
CA VAL A 401 37.73 3.81 29.46
C VAL A 401 37.60 2.32 29.74
N ASP A 402 38.60 1.75 30.43
CA ASP A 402 38.58 0.31 30.74
C ASP A 402 37.56 -0.02 31.84
N ASN A 403 37.26 -1.31 31.97
CA ASN A 403 36.28 -1.78 32.94
C ASN A 403 36.59 -1.45 34.41
N SER A 404 37.88 -1.35 34.73
CA SER A 404 38.33 -1.05 36.11
C SER A 404 38.12 0.40 36.46
N THR A 405 38.52 1.29 35.55
CA THR A 405 38.40 2.73 35.75
C THR A 405 36.94 3.13 35.82
N ALA A 406 36.13 2.63 34.87
CA ALA A 406 34.69 2.90 34.83
C ALA A 406 33.99 2.46 36.12
N SER A 407 34.29 1.24 36.57
CA SER A 407 33.79 0.74 37.85
C SER A 407 34.09 1.71 39.00
N ALA A 408 35.34 2.14 39.06
CA ALA A 408 35.80 3.07 40.09
C ALA A 408 35.00 4.38 40.06
N ILE A 409 34.82 4.95 38.87
CA ILE A 409 34.07 6.20 38.71
C ILE A 409 32.60 6.02 39.12
N LEU A 410 31.98 4.94 38.66
CA LEU A 410 30.60 4.61 39.00
C LEU A 410 30.44 4.33 40.49
N GLY A 411 31.43 3.66 41.07
CA GLY A 411 31.47 3.39 42.52
C GLY A 411 31.98 4.56 43.35
N ARG A 412 32.06 5.74 42.72
CA ARG A 412 32.46 7.00 43.38
C ARG A 412 33.90 7.10 43.90
N ASN A 413 34.69 6.05 43.74
CA ASN A 413 36.11 6.05 44.15
C ASN A 413 36.95 7.08 43.36
N LYS A 414 36.72 7.16 42.05
CA LYS A 414 37.41 8.13 41.20
C LYS A 414 36.46 9.18 40.64
N THR A 415 37.02 10.30 40.19
CA THR A 415 36.26 11.32 39.47
C THR A 415 36.45 11.15 37.98
N ALA A 416 35.42 11.54 37.23
CA ALA A 416 35.47 11.51 35.76
C ALA A 416 36.40 12.60 35.23
N THR A 417 36.52 13.69 35.98
CA THR A 417 37.37 14.83 35.62
C THR A 417 38.77 14.33 35.29
N GLY A 418 39.28 14.76 34.14
CA GLY A 418 40.61 14.36 33.68
C GLY A 418 40.62 13.02 32.95
N ILE A 419 39.52 12.28 33.05
CA ILE A 419 39.38 11.00 32.36
C ILE A 419 38.46 11.11 31.13
N LEU A 420 37.25 11.64 31.34
CA LEU A 420 36.32 11.89 30.25
C LEU A 420 36.54 13.25 29.59
N TYR A 421 36.42 13.29 28.27
CA TYR A 421 36.51 14.53 27.49
C TYR A 421 35.41 15.50 27.94
N ASN A 422 35.79 16.76 28.12
CA ASN A 422 34.88 17.80 28.55
C ASN A 422 34.51 18.71 27.37
N ALA A 423 33.29 18.54 26.87
CA ALA A 423 32.81 19.30 25.72
C ALA A 423 32.38 20.71 26.11
N THR A 424 32.04 20.89 27.39
CA THR A 424 31.70 22.21 27.93
C THR A 424 32.94 23.08 27.90
N GLU A 425 34.08 22.47 28.24
CA GLU A 425 35.37 23.15 28.25
C GLU A 425 35.92 23.40 26.83
N GLN A 426 35.61 22.48 25.92
CA GLN A 426 36.10 22.54 24.55
C GLN A 426 35.13 21.78 23.64
N SER A 427 34.39 22.54 22.84
CA SER A 427 33.42 21.96 21.91
C SER A 427 34.09 20.91 21.03
N TYR A 428 33.30 19.95 20.56
CA TYR A 428 33.81 18.90 19.69
C TYR A 428 34.46 19.46 18.44
N LYS A 429 33.87 20.50 17.84
CA LYS A 429 34.45 21.16 16.67
C LYS A 429 35.88 21.65 16.96
N ASP A 430 36.05 22.34 18.08
CA ASP A 430 37.38 22.82 18.50
C ASP A 430 38.38 21.68 18.62
N GLY A 431 38.00 20.66 19.38
CA GLY A 431 38.81 19.47 19.57
C GLY A 431 39.26 18.82 18.27
N LEU A 432 38.36 18.80 17.28
CA LEU A 432 38.68 18.29 15.96
C LEU A 432 39.69 19.20 15.24
N SER A 433 39.51 20.52 15.37
CA SER A 433 40.45 21.51 14.82
C SER A 433 41.83 21.38 15.49
N LYS A 434 41.85 21.24 16.82
CA LYS A 434 43.09 21.07 17.58
C LYS A 434 43.68 19.69 17.39
N ASN A 435 42.90 18.77 16.82
CA ASN A 435 43.37 17.44 16.52
C ASN A 435 43.59 16.56 17.76
N ASP A 436 42.67 16.65 18.72
CA ASP A 436 42.77 15.86 19.93
C ASP A 436 42.66 14.37 19.62
N THR A 437 43.72 13.63 19.95
CA THR A 437 43.74 12.17 19.81
C THR A 437 42.52 11.59 20.54
N ARG A 438 42.07 12.34 21.54
CA ARG A 438 40.85 12.07 22.29
C ARG A 438 39.62 11.88 21.42
N LEU A 439 39.55 12.60 20.30
CA LEU A 439 38.37 12.61 19.46
C LEU A 439 38.52 11.81 18.17
N PHE A 440 39.73 11.37 17.88
CA PHE A 440 40.02 10.69 16.62
C PHE A 440 40.29 9.20 16.79
N GLY A 441 40.40 8.75 18.04
CA GLY A 441 40.77 7.37 18.32
C GLY A 441 42.25 7.19 18.05
N GLN A 442 42.64 5.97 17.71
CA GLN A 442 44.04 5.65 17.47
C GLN A 442 44.27 5.23 16.03
N LYS A 443 45.32 5.79 15.42
CA LYS A 443 45.73 5.40 14.09
C LYS A 443 46.24 3.97 14.11
N ILE A 444 45.62 3.11 13.29
CA ILE A 444 45.97 1.68 13.25
C ILE A 444 46.61 1.28 11.91
N GLY A 445 46.75 2.25 11.02
CA GLY A 445 47.30 2.01 9.71
C GLY A 445 46.75 2.95 8.66
N SER A 446 46.97 2.60 7.40
CA SER A 446 46.53 3.42 6.28
C SER A 446 46.01 2.55 5.14
N LEU A 447 45.18 3.17 4.29
CA LEU A 447 44.60 2.50 3.12
C LEU A 447 45.01 3.24 1.86
N SER A 448 45.56 2.49 0.92
CA SER A 448 46.02 3.04 -0.35
C SER A 448 45.18 2.53 -1.50
N PRO A 449 45.16 3.28 -2.63
CA PRO A 449 44.42 2.83 -3.81
C PRO A 449 44.82 1.40 -4.20
N ASN A 450 43.85 0.62 -4.68
CA ASN A 450 44.04 -0.78 -5.09
C ASN A 450 44.31 -1.74 -3.93
N ALA A 451 44.44 -1.20 -2.72
CA ALA A 451 44.58 -2.02 -1.52
C ALA A 451 43.22 -2.27 -0.88
N ILE A 452 43.15 -3.31 -0.04
CA ILE A 452 41.90 -3.65 0.66
C ILE A 452 42.01 -3.44 2.18
N LEU A 453 41.00 -2.81 2.76
CA LEU A 453 40.89 -2.71 4.22
C LEU A 453 40.16 -3.94 4.73
N ASN A 454 40.84 -4.71 5.57
CA ASN A 454 40.28 -5.92 6.14
C ASN A 454 40.42 -5.97 7.67
N THR A 455 39.40 -6.49 8.33
CA THR A 455 39.44 -6.71 9.77
C THR A 455 38.68 -7.97 10.12
N THR A 456 38.73 -8.32 11.40
CA THR A 456 37.85 -9.33 11.98
C THR A 456 36.81 -8.59 12.81
N VAL A 457 35.54 -8.85 12.53
CA VAL A 457 34.46 -8.17 13.24
C VAL A 457 33.66 -9.21 14.02
N PRO A 458 33.47 -9.00 15.33
CA PRO A 458 32.76 -9.97 16.18
C PRO A 458 31.30 -10.12 15.79
N ALA A 459 30.70 -11.24 16.21
CA ALA A 459 29.27 -11.47 16.06
C ALA A 459 28.48 -10.34 16.69
N HIS A 460 27.55 -9.77 15.92
CA HIS A 460 26.71 -8.67 16.39
C HIS A 460 27.55 -7.46 16.77
N GLY A 461 28.71 -7.33 16.15
CA GLY A 461 29.67 -6.28 16.46
C GLY A 461 29.99 -5.38 15.29
N ILE A 462 30.92 -4.45 15.52
CA ILE A 462 31.21 -3.41 14.55
C ILE A 462 32.70 -3.09 14.49
N ALA A 463 33.18 -2.72 13.31
CA ALA A 463 34.46 -2.05 13.15
C ALA A 463 34.14 -0.63 12.70
N PHE A 464 34.56 0.34 13.49
CA PHE A 464 34.10 1.71 13.33
C PHE A 464 35.31 2.64 13.15
N TYR A 465 35.49 3.14 11.93
CA TYR A 465 36.68 3.90 11.57
C TYR A 465 36.43 5.33 11.16
N ARG A 466 37.42 6.18 11.43
CA ARG A 466 37.52 7.51 10.84
C ARG A 466 38.74 7.55 9.93
N LEU A 467 38.52 7.89 8.67
CA LEU A 467 39.61 7.99 7.70
C LEU A 467 40.00 9.44 7.48
N ARG A 468 41.31 9.69 7.53
CA ARG A 468 41.84 11.03 7.30
C ARG A 468 42.81 10.97 6.13
N PRO A 469 42.88 12.06 5.33
CA PRO A 469 43.86 12.09 4.23
C PRO A 469 45.28 12.11 4.77
N SER A 470 46.19 11.41 4.11
CA SER A 470 47.59 11.36 4.53
C SER A 470 48.32 12.68 4.27
N VAL B 19 -2.97 2.54 27.82
CA VAL B 19 -4.16 2.77 28.70
C VAL B 19 -4.72 4.18 28.62
N SER B 20 -6.05 4.27 28.67
CA SER B 20 -6.79 5.51 28.73
C SER B 20 -8.15 5.12 29.33
N PRO B 21 -8.85 6.07 29.97
CA PRO B 21 -10.16 5.71 30.52
C PRO B 21 -11.14 5.30 29.42
N SER B 22 -12.12 4.47 29.77
CA SER B 22 -13.23 4.15 28.88
C SER B 22 -13.92 5.45 28.50
N TYR B 23 -14.10 5.67 27.20
CA TYR B 23 -14.70 6.92 26.70
C TYR B 23 -16.10 7.17 27.27
N ASN B 24 -16.79 6.08 27.63
CA ASN B 24 -18.16 6.19 28.11
C ASN B 24 -18.45 5.41 29.41
N GLY B 25 -17.40 4.86 30.02
CA GLY B 25 -17.52 4.17 31.30
C GLY B 25 -17.91 2.72 31.19
N LEU B 26 -18.25 2.28 29.98
CA LEU B 26 -18.62 0.88 29.72
C LEU B 26 -17.45 0.06 29.14
N GLY B 27 -17.62 -1.27 29.14
CA GLY B 27 -16.62 -2.18 28.57
C GLY B 27 -15.33 -2.21 29.35
N LEU B 28 -15.44 -2.17 30.68
CA LEU B 28 -14.29 -2.28 31.57
C LEU B 28 -13.64 -3.64 31.44
N THR B 29 -14.43 -4.62 31.01
CA THR B 29 -13.95 -5.91 30.53
C THR B 29 -14.63 -6.15 29.17
N PRO B 30 -14.16 -7.12 28.38
CA PRO B 30 -14.86 -7.41 27.12
C PRO B 30 -16.29 -7.88 27.37
N GLN B 31 -17.21 -7.49 26.49
CA GLN B 31 -18.61 -7.89 26.60
C GLN B 31 -18.79 -9.38 26.34
N MET B 32 -19.84 -9.95 26.94
CA MET B 32 -20.19 -11.35 26.73
C MET B 32 -21.67 -11.44 26.41
N GLY B 33 -22.06 -12.46 25.66
CA GLY B 33 -23.46 -12.62 25.26
C GLY B 33 -23.70 -13.55 24.10
N TRP B 34 -24.71 -13.20 23.28
CA TRP B 34 -25.16 -14.06 22.20
C TRP B 34 -25.73 -13.26 21.02
N ASP B 35 -25.57 -13.82 19.83
CA ASP B 35 -26.04 -13.22 18.58
C ASP B 35 -26.67 -14.30 17.70
N ASN B 36 -27.79 -13.97 17.07
CA ASN B 36 -28.56 -14.90 16.23
C ASN B 36 -28.02 -15.16 14.81
N TRP B 37 -27.03 -14.37 14.38
CA TRP B 37 -26.57 -14.42 12.99
C TRP B 37 -25.99 -15.78 12.56
N ASN B 38 -24.94 -16.23 13.24
CA ASN B 38 -24.16 -17.42 12.87
C ASN B 38 -24.96 -18.67 12.52
N THR B 39 -26.22 -18.72 12.97
CA THR B 39 -27.09 -19.86 12.71
C THR B 39 -28.42 -19.46 12.06
N PHE B 40 -29.10 -18.47 12.64
CA PHE B 40 -30.46 -18.10 12.19
C PHE B 40 -30.51 -17.03 11.09
N ALA B 41 -29.38 -16.35 10.86
CA ALA B 41 -29.29 -15.28 9.86
C ALA B 41 -30.51 -14.33 9.93
N CYS B 42 -31.17 -14.12 8.79
CA CYS B 42 -32.35 -13.23 8.69
C CYS B 42 -33.59 -13.76 9.41
N ASP B 43 -33.68 -15.09 9.51
CA ASP B 43 -34.84 -15.74 10.12
C ASP B 43 -34.82 -15.50 11.63
N VAL B 44 -35.65 -14.53 12.05
CA VAL B 44 -35.70 -14.07 13.45
C VAL B 44 -37.15 -13.77 13.87
N SER B 45 -37.36 -13.62 15.17
CA SER B 45 -38.68 -13.32 15.75
C SER B 45 -38.58 -12.94 17.24
N GLU B 46 -39.67 -12.39 17.78
CA GLU B 46 -39.76 -12.13 19.21
C GLU B 46 -39.62 -13.44 20.00
N GLN B 47 -40.29 -14.49 19.51
CA GLN B 47 -40.29 -15.79 20.18
C GLN B 47 -38.91 -16.43 20.18
N LEU B 48 -38.23 -16.45 19.02
CA LEU B 48 -36.87 -16.99 18.92
C LEU B 48 -35.96 -16.32 19.94
N LEU B 49 -36.04 -14.98 20.00
CA LEU B 49 -35.20 -14.17 20.86
C LEU B 49 -35.47 -14.49 22.32
N LEU B 50 -36.74 -14.45 22.71
CA LEU B 50 -37.13 -14.66 24.10
C LEU B 50 -36.90 -16.09 24.60
N ASP B 51 -37.28 -17.07 23.78
CA ASP B 51 -37.01 -18.47 24.11
C ASP B 51 -35.52 -18.72 24.33
N THR B 52 -34.71 -18.25 23.38
CA THR B 52 -33.25 -18.35 23.46
C THR B 52 -32.72 -17.69 24.73
N ALA B 53 -33.20 -16.48 25.00
CA ALA B 53 -32.86 -15.77 26.23
C ALA B 53 -33.11 -16.65 27.44
N ASP B 54 -34.34 -17.18 27.55
CA ASP B 54 -34.71 -18.09 28.65
C ASP B 54 -33.73 -19.27 28.72
N ARG B 55 -33.48 -19.89 27.56
CA ARG B 55 -32.60 -21.04 27.47
C ARG B 55 -31.19 -20.70 27.97
N ILE B 56 -30.68 -19.55 27.57
CA ILE B 56 -29.36 -19.10 28.01
C ILE B 56 -29.34 -18.93 29.52
N SER B 57 -30.42 -18.36 30.05
CA SER B 57 -30.57 -18.21 31.49
C SER B 57 -30.67 -19.56 32.19
N ASP B 58 -31.48 -20.45 31.63
CA ASP B 58 -31.71 -21.77 32.23
C ASP B 58 -30.45 -22.64 32.27
N LEU B 59 -29.64 -22.55 31.21
CA LEU B 59 -28.40 -23.30 31.12
C LEU B 59 -27.29 -22.70 31.98
N GLY B 60 -27.59 -21.58 32.65
CA GLY B 60 -26.67 -20.94 33.59
C GLY B 60 -25.60 -20.08 32.96
N LEU B 61 -25.65 -19.94 31.64
CA LEU B 61 -24.67 -19.14 30.90
C LEU B 61 -24.81 -17.65 31.17
N LYS B 62 -26.06 -17.20 31.34
CA LYS B 62 -26.34 -15.80 31.68
C LYS B 62 -25.54 -15.36 32.91
N ASP B 63 -25.58 -16.20 33.94
CA ASP B 63 -24.93 -15.89 35.20
C ASP B 63 -23.43 -16.12 35.16
N MET B 64 -22.92 -16.62 34.04
CA MET B 64 -21.48 -16.70 33.81
C MET B 64 -20.93 -15.40 33.24
N GLY B 65 -21.83 -14.54 32.75
CA GLY B 65 -21.45 -13.25 32.17
C GLY B 65 -22.08 -12.96 30.82
N TYR B 66 -22.61 -14.01 30.18
CA TYR B 66 -23.26 -13.88 28.88
C TYR B 66 -24.58 -13.09 28.97
N LYS B 67 -24.45 -11.79 29.27
CA LYS B 67 -25.59 -10.90 29.55
C LYS B 67 -26.27 -10.33 28.31
N TYR B 68 -25.49 -10.14 27.23
CA TYR B 68 -25.98 -9.40 26.07
C TYR B 68 -26.70 -10.27 25.07
N ILE B 69 -27.98 -9.98 24.88
CA ILE B 69 -28.78 -10.64 23.85
C ILE B 69 -28.81 -9.69 22.66
N ILE B 70 -28.07 -10.06 21.62
CA ILE B 70 -27.89 -9.20 20.47
C ILE B 70 -28.73 -9.65 19.28
N LEU B 71 -29.72 -8.82 18.94
CA LEU B 71 -30.52 -9.02 17.74
C LEU B 71 -29.79 -8.41 16.55
N ASP B 72 -29.64 -9.21 15.50
CA ASP B 72 -28.85 -8.83 14.35
C ASP B 72 -29.67 -8.16 13.23
N ASP B 73 -29.36 -8.48 11.98
CA ASP B 73 -29.99 -7.84 10.83
C ASP B 73 -31.38 -8.40 10.56
N CYS B 74 -32.08 -7.77 9.62
CA CYS B 74 -33.38 -8.21 9.12
C CYS B 74 -34.47 -8.14 10.21
N TRP B 75 -34.55 -7.00 10.91
CA TRP B 75 -35.50 -6.83 12.00
C TRP B 75 -36.52 -5.72 11.73
N SER B 76 -36.15 -4.78 10.88
CA SER B 76 -37.02 -3.67 10.54
C SER B 76 -37.84 -3.98 9.29
N SER B 77 -38.89 -3.19 9.06
CA SER B 77 -39.74 -3.36 7.86
C SER B 77 -39.58 -2.18 6.92
N GLY B 78 -39.11 -1.07 7.47
CA GLY B 78 -38.91 0.17 6.72
C GLY B 78 -38.77 1.32 7.68
N ARG B 79 -39.09 2.52 7.20
CA ARG B 79 -39.11 3.70 8.05
C ARG B 79 -40.50 4.32 8.06
N ASP B 80 -40.91 4.84 9.22
CA ASP B 80 -42.22 5.46 9.32
C ASP B 80 -42.21 6.91 8.84
N SER B 81 -43.38 7.53 8.94
CA SER B 81 -43.62 8.89 8.49
C SER B 81 -42.68 9.95 9.06
N ASP B 82 -42.25 9.74 10.30
CA ASP B 82 -41.35 10.67 10.98
C ASP B 82 -39.87 10.45 10.68
N GLY B 83 -39.56 9.50 9.79
CA GLY B 83 -38.16 9.17 9.48
C GLY B 83 -37.59 8.13 10.43
N PHE B 84 -38.25 7.97 11.57
CA PHE B 84 -37.88 6.96 12.57
C PHE B 84 -38.03 5.54 12.03
N LEU B 85 -37.24 4.62 12.60
CA LEU B 85 -37.26 3.22 12.19
C LEU B 85 -38.54 2.51 12.66
N VAL B 86 -38.96 1.52 11.88
CA VAL B 86 -40.11 0.68 12.22
C VAL B 86 -39.71 -0.79 12.21
N ALA B 87 -39.99 -1.47 13.32
CA ALA B 87 -39.73 -2.90 13.46
C ALA B 87 -40.77 -3.73 12.71
N ASP B 88 -40.30 -4.77 12.02
CA ASP B 88 -41.16 -5.67 11.24
C ASP B 88 -42.12 -6.41 12.17
N GLU B 89 -43.37 -5.94 12.19
CA GLU B 89 -44.38 -6.39 13.15
C GLU B 89 -44.76 -7.88 13.06
N GLN B 90 -44.51 -8.49 11.90
CA GLN B 90 -44.68 -9.93 11.77
C GLN B 90 -43.69 -10.68 12.67
N LYS B 91 -42.46 -10.17 12.71
CA LYS B 91 -41.41 -10.76 13.55
C LYS B 91 -41.51 -10.20 14.96
N PHE B 92 -41.88 -8.92 15.07
CA PHE B 92 -41.95 -8.26 16.37
C PHE B 92 -43.26 -7.50 16.52
N PRO B 93 -44.31 -8.22 16.95
CA PRO B 93 -45.67 -7.65 17.04
C PRO B 93 -45.94 -6.78 18.28
N ASN B 94 -45.00 -6.76 19.22
CA ASN B 94 -45.14 -5.92 20.41
C ASN B 94 -44.20 -4.72 20.43
N GLY B 95 -43.38 -4.60 19.39
CA GLY B 95 -42.32 -3.59 19.34
C GLY B 95 -41.05 -4.10 20.00
N MET B 96 -40.00 -3.26 19.98
CA MET B 96 -38.69 -3.66 20.47
C MET B 96 -38.58 -3.50 21.98
N GLY B 97 -39.01 -2.35 22.50
CA GLY B 97 -39.00 -2.07 23.95
C GLY B 97 -39.65 -3.16 24.79
N HIS B 98 -40.61 -3.85 24.20
CA HIS B 98 -41.29 -4.98 24.81
C HIS B 98 -40.32 -6.15 25.01
N VAL B 99 -39.45 -6.36 24.02
CA VAL B 99 -38.42 -7.38 24.12
C VAL B 99 -37.38 -6.96 25.16
N ALA B 100 -37.02 -5.68 25.15
CA ALA B 100 -36.06 -5.14 26.10
C ALA B 100 -36.52 -5.45 27.53
N ASP B 101 -37.78 -5.13 27.81
CA ASP B 101 -38.37 -5.33 29.13
C ASP B 101 -38.31 -6.76 29.61
N HIS B 102 -38.76 -7.70 28.78
CA HIS B 102 -38.63 -9.12 29.10
C HIS B 102 -37.19 -9.48 29.45
N LEU B 103 -36.24 -8.92 28.71
CA LEU B 103 -34.82 -9.19 28.93
C LEU B 103 -34.34 -8.57 30.25
N HIS B 104 -34.66 -7.29 30.46
CA HIS B 104 -34.33 -6.64 31.73
C HIS B 104 -34.88 -7.41 32.94
N ASN B 105 -36.14 -7.83 32.83
CA ASN B 105 -36.82 -8.60 33.89
C ASN B 105 -36.09 -9.90 34.26
N ASN B 106 -35.42 -10.49 33.28
CA ASN B 106 -34.65 -11.71 33.50
C ASN B 106 -33.16 -11.40 33.66
N SER B 107 -32.86 -10.12 33.92
CA SER B 107 -31.48 -9.63 34.18
C SER B 107 -30.53 -9.71 32.98
N PHE B 108 -31.09 -9.69 31.77
CA PHE B 108 -30.32 -9.60 30.54
C PHE B 108 -30.14 -8.15 30.12
N LEU B 109 -29.24 -7.93 29.16
CA LEU B 109 -29.10 -6.63 28.50
C LEU B 109 -29.39 -6.80 27.01
N PHE B 110 -29.98 -5.76 26.40
CA PHE B 110 -30.53 -5.86 25.06
C PHE B 110 -29.71 -5.13 24.00
N GLY B 111 -29.37 -5.85 22.93
CA GLY B 111 -28.55 -5.30 21.85
C GLY B 111 -29.22 -5.34 20.49
N MET B 112 -29.08 -4.25 19.75
CA MET B 112 -29.65 -4.15 18.40
C MET B 112 -28.60 -3.84 17.33
N TYR B 113 -29.02 -3.93 16.08
CA TYR B 113 -28.13 -3.84 14.94
C TYR B 113 -28.49 -2.69 14.00
N SER B 114 -27.46 -2.09 13.40
CA SER B 114 -27.62 -1.13 12.32
C SER B 114 -26.31 -1.05 11.52
N SER B 115 -26.32 -0.26 10.46
CA SER B 115 -25.14 -0.07 9.63
C SER B 115 -24.86 1.40 9.39
N ALA B 116 -23.59 1.77 9.43
CA ALA B 116 -23.15 3.12 9.10
C ALA B 116 -23.15 3.31 7.59
N GLY B 117 -24.34 3.12 7.00
CA GLY B 117 -24.52 3.18 5.57
C GLY B 117 -25.98 3.36 5.21
N GLU B 118 -26.26 3.42 3.91
CA GLU B 118 -27.61 3.61 3.39
C GLU B 118 -28.52 2.43 3.75
N TYR B 119 -28.00 1.22 3.62
CA TYR B 119 -28.73 0.02 3.97
C TYR B 119 -27.90 -0.86 4.89
N THR B 120 -28.53 -1.83 5.53
CA THR B 120 -27.79 -2.84 6.27
C THR B 120 -27.33 -3.88 5.28
N CYS B 121 -26.45 -4.77 5.74
CA CYS B 121 -25.85 -5.79 4.89
C CYS B 121 -26.87 -6.73 4.25
N ALA B 122 -28.08 -6.78 4.81
CA ALA B 122 -29.17 -7.58 4.25
C ALA B 122 -30.18 -6.74 3.46
N GLY B 123 -29.95 -5.42 3.41
CA GLY B 123 -30.76 -4.54 2.57
C GLY B 123 -31.85 -3.73 3.24
N TYR B 124 -31.81 -3.66 4.58
CA TYR B 124 -32.82 -2.96 5.35
C TYR B 124 -32.33 -1.54 5.65
N PRO B 125 -33.22 -0.63 6.11
CA PRO B 125 -32.81 0.77 6.35
C PRO B 125 -31.52 0.90 7.18
N GLY B 126 -30.64 1.79 6.74
CA GLY B 126 -29.36 2.04 7.42
C GLY B 126 -29.32 3.43 8.03
N SER B 127 -28.33 3.69 8.87
CA SER B 127 -28.35 4.87 9.75
C SER B 127 -27.53 6.07 9.29
N LEU B 128 -26.87 5.97 8.14
CA LEU B 128 -25.97 7.03 7.66
C LEU B 128 -26.72 8.32 7.35
N GLY B 129 -26.29 9.41 8.00
CA GLY B 129 -26.97 10.69 7.90
C GLY B 129 -28.24 10.77 8.73
N ARG B 130 -28.65 9.65 9.32
CA ARG B 130 -29.86 9.58 10.14
C ARG B 130 -29.54 9.07 11.54
N GLU B 131 -28.43 9.54 12.09
CA GLU B 131 -27.87 8.94 13.30
C GLU B 131 -28.69 9.26 14.57
N GLU B 132 -29.05 10.53 14.72
CA GLU B 132 -29.83 11.00 15.87
C GLU B 132 -31.19 10.31 15.99
N GLU B 133 -31.94 10.27 14.89
CA GLU B 133 -33.25 9.60 14.87
C GLU B 133 -33.12 8.15 15.29
N ASP B 134 -32.14 7.47 14.71
CA ASP B 134 -31.93 6.05 14.94
C ASP B 134 -31.42 5.79 16.34
N ALA B 135 -30.48 6.61 16.80
CA ALA B 135 -29.96 6.52 18.17
C ALA B 135 -31.11 6.67 19.17
N GLN B 136 -31.93 7.71 18.95
CA GLN B 136 -33.09 7.97 19.80
C GLN B 136 -34.06 6.80 19.79
N PHE B 137 -34.30 6.23 18.62
CA PHE B 137 -35.17 5.07 18.49
C PHE B 137 -34.68 3.93 19.38
N PHE B 138 -33.36 3.71 19.39
CA PHE B 138 -32.78 2.65 20.21
C PHE B 138 -32.89 2.96 21.70
N ALA B 139 -32.69 4.22 22.07
CA ALA B 139 -32.87 4.66 23.46
C ALA B 139 -34.34 4.52 23.89
N ASN B 140 -35.24 5.02 23.04
CA ASN B 140 -36.69 4.93 23.29
C ASN B 140 -37.13 3.48 23.52
N ASN B 141 -36.55 2.53 22.79
CA ASN B 141 -36.85 1.12 23.00
C ASN B 141 -35.92 0.44 23.99
N ARG B 142 -35.30 1.27 24.85
CA ARG B 142 -34.49 0.82 25.99
C ARG B 142 -33.39 -0.20 25.63
N VAL B 143 -32.55 0.20 24.67
CA VAL B 143 -31.45 -0.63 24.15
C VAL B 143 -30.14 -0.34 24.91
N ASP B 144 -29.37 -1.39 25.18
CA ASP B 144 -28.14 -1.29 25.98
C ASP B 144 -26.87 -1.42 25.15
N TYR B 145 -27.01 -1.84 23.90
CA TYR B 145 -25.89 -2.30 23.08
C TYR B 145 -26.20 -2.11 21.60
N LEU B 146 -25.27 -1.51 20.86
CA LEU B 146 -25.44 -1.35 19.42
C LEU B 146 -24.26 -1.92 18.61
N LYS B 147 -24.56 -2.92 17.78
CA LYS B 147 -23.62 -3.43 16.79
C LYS B 147 -23.81 -2.61 15.53
N TYR B 148 -22.77 -1.89 15.13
CA TYR B 148 -22.88 -0.89 14.07
C TYR B 148 -22.01 -1.22 12.86
N ALA B 149 -22.64 -1.75 11.81
CA ALA B 149 -21.97 -2.32 10.64
C ALA B 149 -21.43 -1.32 9.63
N ASN B 150 -20.87 -1.83 8.53
CA ASN B 150 -20.13 -1.04 7.54
C ASN B 150 -20.60 -1.19 6.09
N CYS B 151 -21.80 -1.75 5.91
CA CYS B 151 -22.32 -1.98 4.55
C CYS B 151 -22.92 -0.72 3.95
N TYR B 152 -22.75 -0.58 2.64
CA TYR B 152 -23.33 0.51 1.85
C TYR B 152 -23.02 1.92 2.40
N ASN B 153 -21.75 2.18 2.64
CA ASN B 153 -21.31 3.40 3.33
C ASN B 153 -21.10 4.63 2.41
N LYS B 154 -21.56 4.52 1.17
CA LYS B 154 -21.57 5.65 0.23
C LYS B 154 -20.19 6.28 0.01
N GLY B 155 -19.17 5.43 -0.03
CA GLY B 155 -17.80 5.86 -0.28
C GLY B 155 -17.14 6.61 0.87
N GLN B 156 -17.73 6.52 2.05
CA GLN B 156 -17.20 7.22 3.21
C GLN B 156 -16.21 6.35 4.00
N PHE B 157 -15.15 5.94 3.30
CA PHE B 157 -14.06 5.15 3.85
C PHE B 157 -12.85 5.39 2.96
N GLY B 158 -11.71 4.80 3.32
CA GLY B 158 -10.51 4.88 2.51
C GLY B 158 -9.35 5.52 3.22
N THR B 159 -9.67 6.37 4.19
CA THR B 159 -8.66 6.93 5.09
C THR B 159 -9.18 6.78 6.52
N PRO B 160 -8.29 6.78 7.52
CA PRO B 160 -8.71 6.73 8.91
C PRO B 160 -9.71 7.84 9.28
N GLU B 161 -9.39 9.07 8.89
CA GLU B 161 -10.19 10.22 9.26
C GLU B 161 -11.67 10.10 8.86
N ILE B 162 -11.93 9.79 7.60
CA ILE B 162 -13.29 9.71 7.08
C ILE B 162 -14.13 8.60 7.75
N SER B 163 -13.50 7.43 7.99
CA SER B 163 -14.14 6.34 8.71
C SER B 163 -14.38 6.71 10.17
N TYR B 164 -13.43 7.43 10.77
CA TYR B 164 -13.54 7.86 12.15
C TYR B 164 -14.78 8.75 12.36
N HIS B 165 -14.97 9.72 11.47
CA HIS B 165 -16.08 10.66 11.59
C HIS B 165 -17.43 10.00 11.35
N ARG B 166 -17.48 9.05 10.42
CA ARG B 166 -18.70 8.30 10.15
C ARG B 166 -19.16 7.53 11.39
N TYR B 167 -18.20 6.96 12.13
CA TYR B 167 -18.53 6.18 13.31
C TYR B 167 -18.65 7.03 14.56
N LYS B 168 -18.02 8.19 14.55
CA LYS B 168 -18.18 9.16 15.63
C LYS B 168 -19.59 9.75 15.61
N ALA B 169 -20.16 9.89 14.41
CA ALA B 169 -21.52 10.42 14.23
C ALA B 169 -22.52 9.70 15.13
N MET B 170 -22.55 8.38 15.02
CA MET B 170 -23.44 7.54 15.84
C MET B 170 -23.01 7.50 17.31
N SER B 171 -21.70 7.57 17.55
CA SER B 171 -21.15 7.62 18.90
C SER B 171 -21.70 8.83 19.64
N ASP B 172 -21.65 9.98 18.99
CA ASP B 172 -22.19 11.22 19.50
C ASP B 172 -23.70 11.13 19.64
N ALA B 173 -24.35 10.52 18.63
CA ALA B 173 -25.82 10.44 18.59
C ALA B 173 -26.35 9.65 19.78
N LEU B 174 -25.68 8.55 20.12
CA LEU B 174 -26.04 7.75 21.29
C LEU B 174 -25.80 8.52 22.59
N ASN B 175 -24.72 9.27 22.67
CA ASN B 175 -24.41 10.07 23.85
C ASN B 175 -25.48 11.13 24.14
N LYS B 176 -25.98 11.74 23.06
CA LYS B 176 -27.01 12.76 23.13
C LYS B 176 -28.30 12.23 23.78
N THR B 177 -28.61 10.95 23.55
CA THR B 177 -29.82 10.34 24.10
C THR B 177 -29.75 10.18 25.62
N GLY B 178 -28.56 10.36 26.18
CA GLY B 178 -28.38 10.27 27.63
C GLY B 178 -28.44 8.86 28.18
N ARG B 179 -28.76 7.89 27.32
CA ARG B 179 -28.81 6.49 27.75
C ARG B 179 -27.47 5.79 27.53
N PRO B 180 -26.99 5.08 28.57
CA PRO B 180 -25.77 4.30 28.45
C PRO B 180 -25.95 3.20 27.40
N VAL B 181 -25.10 3.22 26.36
CA VAL B 181 -25.15 2.22 25.29
C VAL B 181 -23.75 1.69 24.98
N PHE B 182 -23.60 0.37 25.05
CA PHE B 182 -22.36 -0.29 24.67
C PHE B 182 -22.25 -0.22 23.15
N TYR B 183 -21.24 0.49 22.67
CA TYR B 183 -21.09 0.77 21.25
C TYR B 183 -20.06 -0.15 20.60
N SER B 184 -20.56 -1.03 19.73
CA SER B 184 -19.76 -2.06 19.10
C SER B 184 -19.61 -1.78 17.62
N LEU B 185 -18.41 -1.37 17.23
CA LEU B 185 -18.08 -1.12 15.83
C LEU B 185 -17.94 -2.41 15.04
N CYS B 186 -18.41 -2.37 13.80
CA CYS B 186 -18.33 -3.53 12.91
C CYS B 186 -17.89 -3.08 11.52
N ASN B 187 -16.71 -2.49 11.42
CA ASN B 187 -16.16 -2.04 10.14
C ASN B 187 -15.04 -2.94 9.62
N TRP B 188 -14.85 -4.08 10.29
CA TRP B 188 -13.91 -5.13 9.89
C TRP B 188 -12.45 -4.70 9.88
N GLY B 189 -12.13 -3.69 10.69
CA GLY B 189 -10.75 -3.20 10.78
C GLY B 189 -10.37 -2.22 9.70
N GLN B 190 -11.33 -1.82 8.90
CA GLN B 190 -11.08 -0.93 7.77
C GLN B 190 -10.53 0.40 8.22
N ASP B 191 -9.47 0.84 7.55
CA ASP B 191 -8.81 2.12 7.80
C ASP B 191 -8.19 2.17 9.20
N LEU B 192 -7.63 1.03 9.60
CA LEU B 192 -6.85 0.90 10.83
C LEU B 192 -7.63 1.28 12.10
N THR B 193 -8.74 0.57 12.33
CA THR B 193 -9.65 0.88 13.43
C THR B 193 -9.00 0.84 14.81
N PHE B 194 -8.09 -0.10 15.01
CA PHE B 194 -7.41 -0.28 16.29
C PHE B 194 -6.78 1.02 16.82
N TYR B 195 -6.48 1.94 15.90
CA TYR B 195 -5.89 3.23 16.27
C TYR B 195 -6.91 4.23 16.82
N TRP B 196 -8.10 4.27 16.23
CA TRP B 196 -9.06 5.33 16.53
C TRP B 196 -10.36 4.90 17.22
N GLY B 197 -10.50 3.60 17.45
CA GLY B 197 -11.71 3.04 18.07
C GLY B 197 -11.97 3.45 19.50
N SER B 198 -10.93 3.40 20.33
CA SER B 198 -11.05 3.58 21.79
C SER B 198 -11.79 4.83 22.22
N GLY B 199 -11.51 5.94 21.55
CA GLY B 199 -12.06 7.25 21.93
C GLY B 199 -13.53 7.47 21.61
N ILE B 200 -14.12 6.58 20.82
CA ILE B 200 -15.52 6.72 20.41
C ILE B 200 -16.36 5.45 20.57
N ALA B 201 -15.72 4.35 20.94
CA ALA B 201 -16.40 3.05 20.99
C ALA B 201 -15.84 2.12 22.06
N ASN B 202 -16.56 1.04 22.34
CA ASN B 202 -16.13 0.07 23.34
C ASN B 202 -15.46 -1.18 22.74
N SER B 203 -15.80 -1.50 21.50
CA SER B 203 -15.20 -2.64 20.80
C SER B 203 -15.33 -2.46 19.30
N TRP B 204 -14.35 -2.97 18.56
CA TRP B 204 -14.32 -2.84 17.11
C TRP B 204 -13.91 -4.13 16.44
N ARG B 205 -14.70 -4.54 15.45
CA ARG B 205 -14.34 -5.67 14.61
C ARG B 205 -13.06 -5.31 13.85
N MET B 206 -12.10 -6.24 13.86
CA MET B 206 -10.80 -5.98 13.27
C MET B 206 -10.52 -6.82 12.03
N SER B 207 -11.52 -7.56 11.58
CA SER B 207 -11.41 -8.42 10.41
C SER B 207 -12.78 -8.65 9.80
N GLY B 208 -12.79 -9.30 8.64
CA GLY B 208 -14.03 -9.81 8.07
C GLY B 208 -14.54 -11.00 8.85
N ASP B 209 -15.80 -11.37 8.59
CA ASP B 209 -16.51 -12.39 9.34
C ASP B 209 -15.78 -13.71 9.47
N VAL B 210 -15.89 -14.30 10.65
CA VAL B 210 -15.35 -15.63 10.91
C VAL B 210 -16.25 -16.70 10.31
N THR B 211 -15.70 -17.89 10.13
CA THR B 211 -16.46 -19.05 9.67
C THR B 211 -16.00 -20.26 10.47
N ALA B 212 -16.78 -21.33 10.44
CA ALA B 212 -16.43 -22.57 11.16
C ALA B 212 -15.31 -23.35 10.46
N GLU B 213 -14.22 -22.64 10.17
CA GLU B 213 -13.02 -23.27 9.62
C GLU B 213 -11.83 -22.81 10.45
N PHE B 214 -10.96 -23.74 10.82
CA PHE B 214 -9.84 -23.40 11.67
C PHE B 214 -8.70 -22.74 10.88
N THR B 215 -8.39 -23.27 9.70
CA THR B 215 -7.25 -22.77 8.92
C THR B 215 -7.55 -22.37 7.47
N ARG B 216 -8.61 -22.96 6.91
CA ARG B 216 -8.95 -22.82 5.48
C ARG B 216 -8.88 -21.41 4.91
N PRO B 217 -7.96 -21.17 3.96
CA PRO B 217 -8.01 -19.91 3.21
C PRO B 217 -9.24 -19.89 2.30
N ASP B 218 -9.77 -18.70 2.06
CA ASP B 218 -10.99 -18.55 1.27
C ASP B 218 -10.85 -17.38 0.31
N SER B 219 -11.28 -17.57 -0.93
CA SER B 219 -11.26 -16.51 -1.94
C SER B 219 -12.12 -15.30 -1.54
N ARG B 220 -13.09 -15.51 -0.67
CA ARG B 220 -13.92 -14.41 -0.17
C ARG B 220 -13.23 -13.64 0.96
N CYS B 221 -12.14 -14.18 1.49
CA CYS B 221 -11.31 -13.51 2.48
C CYS B 221 -9.88 -13.39 1.94
N PRO B 222 -9.64 -12.45 0.99
CA PRO B 222 -8.39 -12.39 0.25
C PRO B 222 -7.14 -12.04 1.07
N CYS B 223 -7.29 -11.30 2.16
CA CYS B 223 -6.14 -10.95 3.00
C CYS B 223 -5.70 -12.10 3.88
N ASP B 224 -4.43 -12.47 3.82
CA ASP B 224 -3.91 -13.53 4.69
C ASP B 224 -3.63 -13.05 6.12
N GLY B 225 -3.11 -13.94 6.96
CA GLY B 225 -2.85 -13.66 8.37
C GLY B 225 -1.93 -12.48 8.66
N ASP B 226 -1.02 -12.20 7.73
CA ASP B 226 -0.06 -11.11 7.90
C ASP B 226 -0.61 -9.76 7.49
N GLU B 227 -1.72 -9.75 6.76
CA GLU B 227 -2.28 -8.50 6.23
C GLU B 227 -3.31 -7.87 7.17
N TYR B 228 -2.81 -7.31 8.27
CA TYR B 228 -3.64 -6.63 9.26
C TYR B 228 -4.23 -5.32 8.71
N ASP B 229 -3.55 -4.75 7.72
CA ASP B 229 -4.03 -3.56 7.01
C ASP B 229 -4.67 -4.00 5.69
N CYS B 230 -5.88 -4.50 5.79
CA CYS B 230 -6.57 -5.13 4.68
C CYS B 230 -7.49 -4.14 3.95
N LYS B 231 -7.47 -4.17 2.63
CA LYS B 231 -8.29 -3.26 1.84
C LYS B 231 -9.61 -3.89 1.37
N TYR B 232 -9.68 -5.21 1.44
CA TYR B 232 -10.90 -5.96 1.17
C TYR B 232 -11.07 -7.01 2.28
N ALA B 233 -11.65 -6.59 3.41
CA ALA B 233 -11.81 -7.43 4.59
C ALA B 233 -12.51 -8.75 4.29
N GLY B 234 -13.57 -8.69 3.49
CA GLY B 234 -14.30 -9.88 3.06
C GLY B 234 -14.99 -10.61 4.20
N PHE B 235 -15.21 -11.90 3.99
CA PHE B 235 -15.78 -12.78 5.00
C PHE B 235 -15.40 -14.24 4.73
N HIS B 236 -15.89 -15.15 5.57
CA HIS B 236 -15.48 -16.55 5.56
C HIS B 236 -13.99 -16.71 5.83
N CYS B 237 -13.48 -15.84 6.68
CA CYS B 237 -12.11 -15.91 7.16
C CYS B 237 -12.00 -16.99 8.23
N SER B 238 -10.91 -17.75 8.18
CA SER B 238 -10.70 -18.82 9.14
C SER B 238 -10.33 -18.28 10.53
N ILE B 239 -10.48 -19.13 11.53
CA ILE B 239 -10.13 -18.79 12.91
C ILE B 239 -8.66 -18.34 13.01
N MET B 240 -7.77 -19.08 12.36
CA MET B 240 -6.34 -18.73 12.39
C MET B 240 -6.00 -17.48 11.59
N ASN B 241 -6.76 -17.23 10.52
CA ASN B 241 -6.63 -16.01 9.74
C ASN B 241 -6.90 -14.75 10.56
N ILE B 242 -7.94 -14.81 11.40
CA ILE B 242 -8.36 -13.67 12.22
C ILE B 242 -7.44 -13.47 13.43
N LEU B 243 -7.11 -14.56 14.11
CA LEU B 243 -6.15 -14.52 15.22
C LEU B 243 -4.81 -13.97 14.77
N ASN B 244 -4.34 -14.41 13.60
CA ASN B 244 -3.08 -13.92 13.04
C ASN B 244 -3.11 -12.44 12.71
N LYS B 245 -4.26 -11.96 12.24
CA LYS B 245 -4.47 -10.54 11.97
C LYS B 245 -4.48 -9.73 13.27
N ALA B 246 -5.01 -10.34 14.33
CA ALA B 246 -5.18 -9.64 15.60
C ALA B 246 -3.89 -9.54 16.40
N ALA B 247 -2.97 -10.47 16.15
CA ALA B 247 -1.71 -10.55 16.91
C ALA B 247 -1.04 -9.20 17.22
N PRO B 248 -0.81 -8.34 16.20
CA PRO B 248 -0.11 -7.08 16.51
C PRO B 248 -1.02 -6.02 17.14
N MET B 249 -2.33 -6.27 17.14
CA MET B 249 -3.32 -5.29 17.57
C MET B 249 -3.53 -5.23 19.08
N GLY B 250 -3.02 -6.21 19.81
CA GLY B 250 -3.17 -6.28 21.27
C GLY B 250 -2.79 -4.99 21.97
N GLN B 251 -1.70 -4.39 21.52
CA GLN B 251 -1.15 -3.16 22.11
C GLN B 251 -2.09 -1.96 22.02
N ASN B 252 -3.11 -2.03 21.16
CA ASN B 252 -4.08 -0.95 21.03
C ASN B 252 -5.45 -1.25 21.65
N ALA B 253 -5.51 -2.32 22.44
CA ALA B 253 -6.69 -2.66 23.20
C ALA B 253 -6.45 -2.48 24.70
N GLY B 254 -7.53 -2.35 25.46
CA GLY B 254 -7.46 -2.17 26.90
C GLY B 254 -8.82 -1.92 27.50
N VAL B 255 -8.82 -1.54 28.77
CA VAL B 255 -10.05 -1.23 29.52
C VAL B 255 -10.86 -0.17 28.78
N GLY B 256 -12.08 -0.54 28.39
CA GLY B 256 -12.99 0.37 27.71
C GLY B 256 -13.00 0.32 26.19
N GLY B 257 -12.04 -0.40 25.60
CA GLY B 257 -11.93 -0.49 24.14
C GLY B 257 -11.17 -1.73 23.69
N TRP B 258 -11.89 -2.67 23.07
CA TRP B 258 -11.35 -3.99 22.77
C TRP B 258 -11.32 -4.34 21.28
N ASN B 259 -10.34 -5.17 20.90
CA ASN B 259 -10.35 -5.77 19.57
C ASN B 259 -11.37 -6.88 19.53
N ASP B 260 -12.22 -6.86 18.50
CA ASP B 260 -13.29 -7.82 18.37
C ASP B 260 -12.96 -8.77 17.22
N LEU B 261 -12.76 -10.04 17.56
CA LEU B 261 -12.42 -11.06 16.56
C LEU B 261 -13.64 -11.82 16.06
N ASP B 262 -14.82 -11.21 16.21
CA ASP B 262 -16.10 -11.76 15.74
C ASP B 262 -16.66 -12.84 16.65
N ASN B 263 -17.96 -13.12 16.51
CA ASN B 263 -18.67 -14.09 17.35
C ASN B 263 -18.01 -15.46 17.36
N LEU B 264 -18.17 -16.18 18.46
CA LEU B 264 -17.57 -17.51 18.61
C LEU B 264 -18.27 -18.52 17.71
N GLU B 265 -17.49 -19.40 17.11
CA GLU B 265 -18.00 -20.44 16.22
C GLU B 265 -18.10 -21.79 16.94
N VAL B 266 -17.90 -21.76 18.26
CA VAL B 266 -18.06 -22.96 19.09
C VAL B 266 -19.53 -23.39 19.04
N GLY B 267 -19.76 -24.63 18.61
CA GLY B 267 -21.11 -25.16 18.49
C GLY B 267 -21.73 -24.95 17.13
N VAL B 268 -21.02 -24.21 16.27
CA VAL B 268 -21.46 -23.97 14.90
C VAL B 268 -20.59 -24.80 13.96
N GLY B 269 -21.20 -25.34 12.91
CA GLY B 269 -20.48 -26.07 11.89
C GLY B 269 -19.86 -27.35 12.41
N ASN B 270 -18.68 -27.70 11.88
CA ASN B 270 -18.07 -28.99 12.17
C ASN B 270 -16.61 -28.93 12.60
N LEU B 271 -16.33 -28.09 13.58
CA LEU B 271 -15.01 -28.04 14.18
C LEU B 271 -14.86 -29.19 15.16
N THR B 272 -13.62 -29.67 15.32
CA THR B 272 -13.31 -30.69 16.32
C THR B 272 -13.32 -30.06 17.71
N ASP B 273 -13.34 -30.91 18.73
CA ASP B 273 -13.30 -30.45 20.10
C ASP B 273 -12.02 -29.64 20.35
N ASP B 274 -10.90 -30.14 19.83
CA ASP B 274 -9.61 -29.46 19.95
C ASP B 274 -9.61 -28.08 19.32
N GLU B 275 -10.19 -27.98 18.13
CA GLU B 275 -10.33 -26.70 17.42
C GLU B 275 -11.19 -25.72 18.18
N GLU B 276 -12.25 -26.23 18.81
CA GLU B 276 -13.17 -25.39 19.56
C GLU B 276 -12.52 -24.83 20.83
N LYS B 277 -11.76 -25.68 21.52
CA LYS B 277 -10.99 -25.26 22.70
C LYS B 277 -9.94 -24.20 22.36
N ALA B 278 -9.20 -24.44 21.28
CA ALA B 278 -8.17 -23.51 20.81
C ALA B 278 -8.80 -22.16 20.46
N HIS B 279 -9.88 -22.23 19.70
CA HIS B 279 -10.61 -21.05 19.25
C HIS B 279 -11.14 -20.25 20.44
N PHE B 280 -11.73 -20.95 21.40
CA PHE B 280 -12.30 -20.30 22.58
C PHE B 280 -11.24 -19.71 23.51
N SER B 281 -10.17 -20.46 23.75
CA SER B 281 -9.08 -20.01 24.61
C SER B 281 -8.42 -18.76 24.07
N MET B 282 -8.07 -18.80 22.79
CA MET B 282 -7.38 -17.68 22.14
C MET B 282 -8.21 -16.40 22.14
N TRP B 283 -9.49 -16.55 21.78
CA TRP B 283 -10.44 -15.44 21.82
C TRP B 283 -10.45 -14.81 23.22
N ALA B 284 -10.40 -15.66 24.25
CA ALA B 284 -10.38 -15.18 25.62
C ALA B 284 -9.05 -14.51 25.97
N MET B 285 -7.95 -15.13 25.55
CA MET B 285 -6.61 -14.66 25.88
C MET B 285 -6.26 -13.31 25.26
N VAL B 286 -6.85 -13.00 24.10
CA VAL B 286 -6.59 -11.73 23.43
C VAL B 286 -7.60 -10.63 23.82
N LYS B 287 -8.44 -10.96 24.80
CA LYS B 287 -9.48 -10.07 25.30
C LYS B 287 -10.49 -9.66 24.23
N SER B 288 -10.86 -10.63 23.39
CA SER B 288 -11.96 -10.43 22.45
C SER B 288 -13.31 -10.60 23.15
N PRO B 289 -14.33 -9.89 22.69
CA PRO B 289 -15.70 -10.18 23.08
C PRO B 289 -16.00 -11.66 22.96
N LEU B 290 -16.62 -12.23 23.98
CA LEU B 290 -17.03 -13.62 23.92
C LEU B 290 -18.53 -13.67 23.65
N ILE B 291 -18.90 -13.81 22.37
CA ILE B 291 -20.29 -13.79 21.96
C ILE B 291 -20.66 -15.13 21.33
N ILE B 292 -21.64 -15.81 21.93
CA ILE B 292 -22.10 -17.11 21.44
C ILE B 292 -22.73 -16.95 20.05
N GLY B 293 -22.22 -17.71 19.09
CA GLY B 293 -22.80 -17.75 17.75
C GLY B 293 -23.64 -19.01 17.54
N ALA B 294 -23.52 -19.95 18.47
CA ALA B 294 -24.23 -21.23 18.38
C ALA B 294 -25.72 -21.09 18.66
N ASN B 295 -26.50 -22.01 18.08
CA ASN B 295 -27.90 -22.20 18.43
C ASN B 295 -27.96 -22.91 19.78
N VAL B 296 -28.35 -22.17 20.81
CA VAL B 296 -28.33 -22.71 22.17
C VAL B 296 -29.40 -23.79 22.38
N ASN B 297 -30.41 -23.80 21.52
CA ASN B 297 -31.47 -24.81 21.54
C ASN B 297 -31.09 -26.08 20.80
N ASN B 298 -29.93 -26.05 20.17
CA ASN B 298 -29.41 -27.18 19.42
C ASN B 298 -27.90 -27.33 19.66
N LEU B 299 -27.48 -26.95 20.86
CA LEU B 299 -26.07 -26.96 21.25
C LEU B 299 -25.64 -28.35 21.70
N LYS B 300 -24.51 -28.85 21.19
CA LYS B 300 -24.01 -30.16 21.64
C LYS B 300 -23.23 -30.06 22.95
N ALA B 301 -23.05 -31.19 23.62
CA ALA B 301 -22.42 -31.23 24.95
C ALA B 301 -21.03 -30.60 25.00
N SER B 302 -20.12 -31.14 24.19
CA SER B 302 -18.72 -30.68 24.16
C SER B 302 -18.58 -29.16 23.96
N SER B 303 -19.42 -28.61 23.08
CA SER B 303 -19.43 -27.18 22.83
C SER B 303 -19.96 -26.41 24.04
N TYR B 304 -20.98 -26.98 24.68
CA TYR B 304 -21.58 -26.38 25.86
C TYR B 304 -20.57 -26.27 27.01
N SER B 305 -19.80 -27.33 27.23
CA SER B 305 -18.81 -27.33 28.31
C SER B 305 -17.68 -26.35 28.06
N ILE B 306 -17.34 -26.15 26.80
CA ILE B 306 -16.36 -25.14 26.41
C ILE B 306 -16.84 -23.71 26.75
N TYR B 307 -18.05 -23.36 26.32
CA TYR B 307 -18.62 -22.05 26.66
C TYR B 307 -18.70 -21.79 28.16
N SER B 308 -18.71 -22.87 28.94
CA SER B 308 -18.96 -22.80 30.37
C SER B 308 -17.71 -22.97 31.23
N GLN B 309 -16.54 -22.96 30.60
CA GLN B 309 -15.28 -23.09 31.30
C GLN B 309 -14.90 -21.79 32.02
N ALA B 310 -15.29 -21.72 33.30
CA ALA B 310 -15.10 -20.54 34.14
C ALA B 310 -13.64 -20.10 34.20
N SER B 311 -12.76 -21.09 34.20
CA SER B 311 -11.31 -20.92 34.21
C SER B 311 -10.84 -20.01 33.07
N VAL B 312 -11.36 -20.26 31.88
CA VAL B 312 -10.96 -19.56 30.67
C VAL B 312 -11.64 -18.19 30.59
N ILE B 313 -12.93 -18.15 30.94
CA ILE B 313 -13.66 -16.88 31.00
C ILE B 313 -12.98 -15.89 31.96
N ALA B 314 -12.46 -16.40 33.07
CA ALA B 314 -11.71 -15.58 34.05
C ALA B 314 -10.51 -14.85 33.43
N ILE B 315 -9.86 -15.52 32.48
CA ILE B 315 -8.78 -14.92 31.70
C ILE B 315 -9.29 -13.74 30.89
N ASN B 316 -10.37 -13.97 30.14
CA ASN B 316 -10.99 -12.93 29.34
C ASN B 316 -11.50 -11.77 30.18
N GLN B 317 -12.07 -12.10 31.34
CA GLN B 317 -12.70 -11.11 32.20
C GLN B 317 -11.76 -10.55 33.26
N ASP B 318 -10.46 -10.78 33.07
CA ASP B 318 -9.43 -10.23 33.96
C ASP B 318 -9.60 -8.72 34.11
N SER B 319 -9.58 -8.25 35.35
CA SER B 319 -9.69 -6.82 35.62
C SER B 319 -8.42 -6.11 35.17
N ASN B 320 -8.57 -4.87 34.71
CA ASN B 320 -7.48 -4.15 34.05
C ASN B 320 -6.84 -5.01 32.97
N GLY B 321 -7.69 -5.54 32.09
CA GLY B 321 -7.29 -6.53 31.10
C GLY B 321 -6.25 -6.08 30.10
N ILE B 322 -5.27 -6.95 29.87
CA ILE B 322 -4.25 -6.75 28.87
C ILE B 322 -4.25 -7.96 27.94
N PRO B 323 -4.45 -7.75 26.64
CA PRO B 323 -4.38 -8.84 25.67
C PRO B 323 -3.01 -9.51 25.69
N ALA B 324 -2.99 -10.82 25.45
CA ALA B 324 -1.72 -11.54 25.39
C ALA B 324 -0.88 -11.19 24.15
N THR B 325 0.40 -11.50 24.22
CA THR B 325 1.35 -11.25 23.14
C THR B 325 1.76 -12.57 22.54
N ARG B 326 1.84 -12.62 21.22
CA ARG B 326 2.38 -13.79 20.54
C ARG B 326 3.90 -13.73 20.62
N VAL B 327 4.50 -14.69 21.31
CA VAL B 327 5.94 -14.69 21.55
C VAL B 327 6.71 -15.24 20.35
N TRP B 328 6.24 -16.35 19.80
CA TRP B 328 6.82 -16.88 18.57
C TRP B 328 5.82 -17.59 17.66
N ARG B 329 6.22 -17.78 16.41
CA ARG B 329 5.41 -18.45 15.40
C ARG B 329 6.34 -19.08 14.38
N TYR B 330 6.20 -20.40 14.20
CA TYR B 330 6.94 -21.13 13.18
C TYR B 330 6.00 -21.93 12.30
N TYR B 331 6.32 -22.03 11.02
CA TYR B 331 5.59 -22.90 10.12
C TYR B 331 6.17 -24.29 10.17
N VAL B 332 5.29 -25.29 10.12
CA VAL B 332 5.71 -26.69 10.23
C VAL B 332 5.36 -27.47 8.97
N SER B 333 6.04 -28.60 8.76
CA SER B 333 5.79 -29.42 7.56
C SER B 333 4.52 -30.27 7.69
N ASP B 334 4.03 -30.42 8.92
CA ASP B 334 2.73 -31.07 9.18
C ASP B 334 1.58 -30.14 8.80
N THR B 335 1.20 -30.17 7.52
CA THR B 335 0.17 -29.30 7.00
C THR B 335 -1.13 -30.07 6.78
N ASP B 336 -2.26 -29.37 6.87
CA ASP B 336 -3.56 -29.99 6.66
C ASP B 336 -3.97 -30.03 5.18
N GLU B 337 -5.23 -30.37 4.93
CA GLU B 337 -5.76 -30.54 3.58
C GLU B 337 -5.69 -29.24 2.78
N TYR B 338 -5.42 -28.14 3.47
CA TYR B 338 -5.38 -26.82 2.87
C TYR B 338 -3.98 -26.21 2.83
N GLY B 339 -2.97 -27.03 3.13
CA GLY B 339 -1.57 -26.59 3.10
C GLY B 339 -1.17 -25.70 4.26
N GLN B 340 -2.04 -25.61 5.26
CA GLN B 340 -1.82 -24.77 6.44
C GLN B 340 -1.24 -25.55 7.59
N GLY B 341 -0.27 -24.96 8.28
CA GLY B 341 0.36 -25.59 9.42
C GLY B 341 1.38 -24.69 10.08
N GLU B 342 1.03 -24.16 11.25
CA GLU B 342 1.96 -23.35 12.02
C GLU B 342 1.80 -23.61 13.51
N ILE B 343 2.87 -23.37 14.27
CA ILE B 343 2.82 -23.45 15.73
C ILE B 343 3.07 -22.10 16.38
N GLN B 344 2.36 -21.81 17.46
CA GLN B 344 2.46 -20.52 18.12
C GLN B 344 2.55 -20.63 19.64
N MET B 345 3.25 -19.67 20.23
CA MET B 345 3.25 -19.49 21.67
C MET B 345 2.80 -18.08 22.02
N TRP B 346 1.90 -17.97 22.99
CA TRP B 346 1.41 -16.69 23.46
C TRP B 346 1.59 -16.59 24.97
N SER B 347 1.97 -15.41 25.44
CA SER B 347 2.11 -15.17 26.86
C SER B 347 1.48 -13.82 27.19
N GLY B 348 0.93 -13.70 28.39
CA GLY B 348 0.26 -12.47 28.80
C GLY B 348 0.18 -12.27 30.29
N PRO B 349 0.38 -11.01 30.75
CA PRO B 349 0.26 -10.69 32.18
C PRO B 349 -1.17 -10.72 32.69
N LEU B 350 -1.35 -11.17 33.93
CA LEU B 350 -2.66 -11.16 34.60
C LEU B 350 -2.64 -10.21 35.79
N ASP B 351 -3.80 -9.64 36.10
CA ASP B 351 -3.90 -8.58 37.10
C ASP B 351 -3.29 -8.91 38.47
N ASN B 352 -3.47 -10.14 38.94
CA ASN B 352 -2.97 -10.56 40.26
C ASN B 352 -1.50 -11.00 40.29
N GLY B 353 -0.79 -10.79 39.16
CA GLY B 353 0.62 -11.13 39.06
C GLY B 353 0.86 -12.45 38.37
N ASP B 354 -0.22 -13.16 38.02
CA ASP B 354 -0.12 -14.41 37.29
C ASP B 354 0.19 -14.20 35.80
N GLN B 355 0.37 -15.29 35.06
CA GLN B 355 0.70 -15.22 33.65
C GLN B 355 -0.06 -16.28 32.85
N VAL B 356 -0.74 -15.86 31.78
CA VAL B 356 -1.37 -16.82 30.86
C VAL B 356 -0.35 -17.29 29.85
N VAL B 357 -0.37 -18.59 29.54
CA VAL B 357 0.50 -19.15 28.52
C VAL B 357 -0.31 -20.07 27.62
N ALA B 358 -0.13 -19.91 26.31
CA ALA B 358 -0.76 -20.77 25.32
C ALA B 358 0.25 -21.39 24.38
N LEU B 359 0.27 -22.71 24.31
CA LEU B 359 1.04 -23.41 23.30
C LEU B 359 0.05 -23.91 22.27
N LEU B 360 0.11 -23.29 21.09
CA LEU B 360 -0.92 -23.50 20.07
C LEU B 360 -0.38 -24.30 18.89
N ASN B 361 -0.90 -25.50 18.74
CA ASN B 361 -0.50 -26.38 17.65
C ASN B 361 -1.49 -26.32 16.49
N GLY B 362 -1.19 -25.48 15.51
CA GLY B 362 -2.00 -25.37 14.30
C GLY B 362 -1.57 -26.36 13.22
N GLY B 363 -0.64 -27.23 13.58
CA GLY B 363 -0.18 -28.30 12.69
C GLY B 363 -1.22 -29.40 12.56
N SER B 364 -1.03 -30.27 11.58
CA SER B 364 -2.02 -31.31 11.27
C SER B 364 -1.86 -32.56 12.13
N VAL B 365 -0.76 -32.60 12.87
CA VAL B 365 -0.41 -33.78 13.66
C VAL B 365 -0.17 -33.37 15.11
N SER B 366 -0.47 -34.29 16.03
CA SER B 366 -0.12 -34.16 17.43
C SER B 366 1.39 -33.98 17.55
N ARG B 367 1.83 -33.07 18.41
CA ARG B 367 3.26 -32.81 18.57
C ARG B 367 3.65 -32.39 19.99
N PRO B 368 4.88 -32.72 20.41
CA PRO B 368 5.44 -32.11 21.62
C PRO B 368 5.74 -30.63 21.40
N MET B 369 5.34 -29.80 22.36
CA MET B 369 5.62 -28.37 22.34
C MET B 369 6.29 -27.97 23.66
N ASN B 370 7.23 -27.03 23.59
CA ASN B 370 8.01 -26.65 24.76
C ASN B 370 8.26 -25.16 24.86
N THR B 371 8.51 -24.69 26.09
CA THR B 371 8.89 -23.30 26.33
C THR B 371 9.65 -23.18 27.66
N THR B 372 10.30 -22.04 27.86
CA THR B 372 11.04 -21.76 29.09
C THR B 372 10.45 -20.56 29.78
N LEU B 373 10.98 -20.22 30.95
CA LEU B 373 10.60 -19.02 31.67
C LEU B 373 11.06 -17.76 30.94
N GLU B 374 12.22 -17.86 30.29
CA GLU B 374 12.76 -16.76 29.48
C GLU B 374 11.82 -16.38 28.36
N GLU B 375 11.24 -17.39 27.71
CA GLU B 375 10.28 -17.19 26.63
C GLU B 375 8.94 -16.71 27.16
N ILE B 376 8.53 -17.23 28.31
CA ILE B 376 7.25 -16.87 28.90
C ILE B 376 7.26 -15.41 29.36
N PHE B 377 8.29 -15.04 30.08
CA PHE B 377 8.42 -13.67 30.55
C PHE B 377 9.34 -12.91 29.60
N PHE B 378 8.79 -12.63 28.42
CA PHE B 378 9.49 -12.13 27.25
C PHE B 378 10.10 -10.74 27.41
N ASP B 379 9.52 -9.93 28.31
CA ASP B 379 10.03 -8.60 28.59
C ASP B 379 10.73 -8.50 29.95
N SER B 380 11.20 -9.64 30.46
CA SER B 380 11.94 -9.69 31.72
C SER B 380 13.43 -9.94 31.48
N ASN B 381 14.26 -9.16 32.15
CA ASN B 381 15.71 -9.27 32.05
C ASN B 381 16.21 -10.50 32.81
N LEU B 382 17.39 -10.98 32.43
CA LEU B 382 18.05 -12.07 33.15
C LEU B 382 18.30 -11.67 34.61
N GLY B 383 18.08 -12.62 35.52
CA GLY B 383 18.27 -12.38 36.96
C GLY B 383 17.18 -11.59 37.66
N SER B 384 16.14 -11.17 36.92
CA SER B 384 14.99 -10.48 37.51
C SER B 384 14.15 -11.49 38.27
N LYS B 385 13.28 -11.00 39.17
CA LYS B 385 12.47 -11.89 40.02
C LYS B 385 11.75 -12.98 39.24
N LYS B 386 10.98 -12.57 38.22
CA LYS B 386 10.15 -13.51 37.44
C LYS B 386 10.95 -14.65 36.79
N LEU B 387 12.18 -14.36 36.36
CA LEU B 387 13.04 -15.38 35.74
C LEU B 387 13.78 -16.23 36.77
N THR B 388 13.89 -15.73 38.00
CA THR B 388 14.65 -16.41 39.05
C THR B 388 13.74 -17.15 40.04
N SER B 389 12.45 -16.83 40.00
CA SER B 389 11.44 -17.50 40.84
C SER B 389 10.99 -18.81 40.24
N THR B 390 10.28 -19.61 41.04
CA THR B 390 9.63 -20.82 40.55
C THR B 390 8.13 -20.57 40.42
N TRP B 391 7.52 -21.15 39.38
CA TRP B 391 6.13 -20.88 39.06
C TRP B 391 5.33 -22.17 39.03
N ASP B 392 4.14 -22.13 39.63
CA ASP B 392 3.22 -23.26 39.58
C ASP B 392 2.42 -23.22 38.27
N ILE B 393 2.26 -24.38 37.66
CA ILE B 393 1.54 -24.50 36.38
C ILE B 393 0.13 -25.05 36.59
N TYR B 394 -0.86 -24.30 36.12
CA TYR B 394 -2.26 -24.69 36.23
C TYR B 394 -2.87 -24.92 34.85
N ASP B 395 -3.36 -26.14 34.62
CA ASP B 395 -4.06 -26.45 33.39
C ASP B 395 -5.47 -25.87 33.45
N LEU B 396 -5.71 -24.84 32.65
CA LEU B 396 -6.98 -24.11 32.68
C LEU B 396 -8.15 -24.93 32.15
N TRP B 397 -7.84 -26.02 31.46
CA TRP B 397 -8.87 -26.86 30.85
C TRP B 397 -9.27 -28.06 31.72
N ALA B 398 -8.63 -28.20 32.87
CA ALA B 398 -8.97 -29.25 33.82
C ALA B 398 -10.31 -28.97 34.49
N ASN B 399 -10.96 -30.04 34.95
CA ASN B 399 -12.24 -29.94 35.65
C ASN B 399 -13.35 -29.33 34.78
N ARG B 400 -13.31 -29.62 33.49
CA ARG B 400 -14.36 -29.16 32.60
C ARG B 400 -15.55 -30.09 32.74
N VAL B 401 -16.75 -29.52 32.64
CA VAL B 401 -17.99 -30.31 32.67
C VAL B 401 -17.85 -31.43 31.64
N ASP B 402 -18.02 -32.68 32.10
CA ASP B 402 -17.90 -33.84 31.21
C ASP B 402 -19.06 -33.94 30.22
N ASN B 403 -18.90 -34.80 29.21
CA ASN B 403 -19.92 -35.00 28.18
C ASN B 403 -21.25 -35.56 28.68
N SER B 404 -21.23 -36.30 29.78
CA SER B 404 -22.46 -36.86 30.38
C SER B 404 -23.27 -35.81 31.12
N THR B 405 -22.57 -35.00 31.93
CA THR B 405 -23.20 -33.98 32.74
C THR B 405 -23.80 -32.90 31.87
N ALA B 406 -23.01 -32.39 30.92
CA ALA B 406 -23.48 -31.39 29.96
C ALA B 406 -24.74 -31.84 29.18
N SER B 407 -24.72 -33.08 28.67
CA SER B 407 -25.87 -33.67 27.96
C SER B 407 -27.10 -33.62 28.84
N ALA B 408 -26.94 -34.03 30.09
CA ALA B 408 -28.01 -34.01 31.07
C ALA B 408 -28.59 -32.61 31.25
N ILE B 409 -27.71 -31.62 31.41
CA ILE B 409 -28.14 -30.23 31.61
C ILE B 409 -28.88 -29.71 30.37
N LEU B 410 -28.30 -29.97 29.19
CA LEU B 410 -28.90 -29.57 27.92
C LEU B 410 -30.22 -30.30 27.66
N GLY B 411 -30.28 -31.56 28.07
CA GLY B 411 -31.50 -32.38 28.00
C GLY B 411 -32.48 -32.15 29.14
N ARG B 412 -32.23 -31.09 29.92
CA ARG B 412 -33.11 -30.63 31.02
C ARG B 412 -33.24 -31.58 32.23
N ASN B 413 -32.56 -32.73 32.19
CA ASN B 413 -32.53 -33.66 33.32
C ASN B 413 -31.88 -33.07 34.57
N LYS B 414 -30.78 -32.34 34.40
CA LYS B 414 -30.09 -31.69 35.52
C LYS B 414 -30.16 -30.17 35.41
N THR B 415 -29.88 -29.50 36.53
CA THR B 415 -29.73 -28.05 36.56
C THR B 415 -28.26 -27.68 36.54
N ALA B 416 -27.96 -26.51 35.96
CA ALA B 416 -26.60 -25.99 35.93
C ALA B 416 -26.18 -25.48 37.31
N THR B 417 -27.16 -25.07 38.10
CA THR B 417 -26.93 -24.57 39.45
C THR B 417 -26.10 -25.56 40.25
N GLY B 418 -25.04 -25.08 40.88
CA GLY B 418 -24.15 -25.95 41.65
C GLY B 418 -23.06 -26.61 40.81
N ILE B 419 -23.25 -26.59 39.49
CA ILE B 419 -22.28 -27.17 38.55
C ILE B 419 -21.45 -26.07 37.87
N LEU B 420 -22.14 -25.09 37.27
CA LEU B 420 -21.47 -23.96 36.64
C LEU B 420 -21.21 -22.81 37.62
N TYR B 421 -20.03 -22.21 37.51
CA TYR B 421 -19.66 -21.06 38.31
C TYR B 421 -20.64 -19.93 38.06
N ASN B 422 -21.07 -19.28 39.15
CA ASN B 422 -22.02 -18.18 39.09
C ASN B 422 -21.29 -16.86 39.33
N ALA B 423 -21.12 -16.10 38.25
CA ALA B 423 -20.44 -14.81 38.31
C ALA B 423 -21.31 -13.70 38.86
N THR B 424 -22.63 -13.87 38.73
CA THR B 424 -23.59 -12.94 39.32
C THR B 424 -23.47 -12.99 40.84
N GLU B 425 -23.33 -14.20 41.37
CA GLU B 425 -23.18 -14.44 42.80
C GLU B 425 -21.83 -13.95 43.32
N GLN B 426 -20.79 -14.11 42.49
CA GLN B 426 -19.42 -13.79 42.86
C GLN B 426 -18.65 -13.43 41.59
N SER B 427 -18.33 -12.15 41.44
CA SER B 427 -17.57 -11.67 40.29
C SER B 427 -16.26 -12.44 40.12
N TYR B 428 -15.77 -12.49 38.89
CA TYR B 428 -14.52 -13.21 38.60
C TYR B 428 -13.34 -12.69 39.42
N LYS B 429 -13.26 -11.37 39.59
CA LYS B 429 -12.23 -10.75 40.43
C LYS B 429 -12.25 -11.29 41.86
N ASP B 430 -13.43 -11.33 42.47
CA ASP B 430 -13.59 -11.87 43.82
C ASP B 430 -13.09 -13.30 43.87
N GLY B 431 -13.56 -14.12 42.94
CA GLY B 431 -13.22 -15.53 42.88
C GLY B 431 -11.72 -15.75 42.82
N LEU B 432 -11.05 -14.85 42.10
CA LEU B 432 -9.59 -14.88 41.96
C LEU B 432 -8.89 -14.50 43.28
N SER B 433 -9.44 -13.50 43.97
CA SER B 433 -8.99 -13.11 45.31
C SER B 433 -9.19 -14.24 46.31
N LYS B 434 -10.36 -14.88 46.26
CA LYS B 434 -10.68 -15.99 47.18
C LYS B 434 -9.95 -17.26 46.78
N ASN B 435 -9.40 -17.30 45.56
CA ASN B 435 -8.64 -18.45 45.08
C ASN B 435 -9.51 -19.70 44.74
N ASP B 436 -10.70 -19.52 44.14
CA ASP B 436 -11.58 -20.68 43.69
C ASP B 436 -10.74 -21.50 42.73
N THR B 437 -10.42 -22.73 43.13
CA THR B 437 -9.84 -23.73 42.21
C THR B 437 -10.69 -23.79 40.94
N ARG B 438 -11.95 -23.38 41.09
CA ARG B 438 -12.87 -23.27 39.96
C ARG B 438 -12.40 -22.27 38.90
N LEU B 439 -11.62 -21.27 39.28
CA LEU B 439 -11.22 -20.27 38.29
C LEU B 439 -9.77 -20.41 37.85
N PHE B 440 -9.03 -21.29 38.52
CA PHE B 440 -7.61 -21.45 38.28
C PHE B 440 -7.26 -22.77 37.59
N GLY B 441 -8.25 -23.63 37.40
CA GLY B 441 -8.00 -24.97 36.88
C GLY B 441 -7.29 -25.82 37.91
N GLN B 442 -6.51 -26.79 37.45
CA GLN B 442 -5.81 -27.72 38.33
C GLN B 442 -4.29 -27.56 38.21
N LYS B 443 -3.61 -27.49 39.35
CA LYS B 443 -2.16 -27.48 39.40
C LYS B 443 -1.61 -28.82 38.90
N ILE B 444 -0.78 -28.79 37.86
CA ILE B 444 -0.24 -30.01 37.27
C ILE B 444 1.27 -30.11 37.46
N GLY B 445 1.84 -29.13 38.14
CA GLY B 445 3.28 -29.10 38.38
C GLY B 445 3.82 -27.69 38.54
N SER B 446 5.13 -27.57 38.40
CA SER B 446 5.79 -26.27 38.53
C SER B 446 6.95 -26.14 37.54
N LEU B 447 7.30 -24.89 37.23
CA LEU B 447 8.41 -24.60 36.33
C LEU B 447 9.47 -23.79 37.07
N SER B 448 10.70 -24.26 36.99
CA SER B 448 11.82 -23.62 37.66
C SER B 448 12.82 -23.05 36.65
N PRO B 449 13.61 -22.03 37.06
CA PRO B 449 14.64 -21.49 36.17
C PRO B 449 15.51 -22.58 35.57
N ASN B 450 15.92 -22.40 34.32
CA ASN B 450 16.74 -23.37 33.58
C ASN B 450 16.04 -24.69 33.25
N ALA B 451 14.80 -24.86 33.72
CA ALA B 451 13.98 -26.02 33.36
C ALA B 451 13.10 -25.69 32.16
N ILE B 452 12.61 -26.73 31.48
CA ILE B 452 11.73 -26.55 30.33
C ILE B 452 10.32 -27.06 30.59
N LEU B 453 9.32 -26.27 30.20
CA LEU B 453 7.92 -26.73 30.22
C LEU B 453 7.60 -27.43 28.91
N ASN B 454 7.25 -28.71 29.00
CA ASN B 454 6.94 -29.52 27.82
C ASN B 454 5.60 -30.24 27.95
N THR B 455 4.86 -30.31 26.85
CA THR B 455 3.61 -31.05 26.81
C THR B 455 3.45 -31.68 25.43
N THR B 456 2.38 -32.47 25.30
CA THR B 456 1.91 -32.94 24.01
C THR B 456 0.65 -32.15 23.68
N VAL B 457 0.63 -31.52 22.52
CA VAL B 457 -0.51 -30.72 22.10
C VAL B 457 -1.12 -31.35 20.86
N PRO B 458 -2.44 -31.60 20.89
CA PRO B 458 -3.13 -32.26 19.78
C PRO B 458 -3.15 -31.38 18.52
N ALA B 459 -3.38 -32.03 17.37
CA ALA B 459 -3.55 -31.34 16.10
C ALA B 459 -4.67 -30.31 16.20
N HIS B 460 -4.39 -29.09 15.79
CA HIS B 460 -5.36 -28.00 15.85
C HIS B 460 -5.83 -27.76 17.29
N GLY B 461 -4.96 -28.10 18.23
CA GLY B 461 -5.29 -27.97 19.64
C GLY B 461 -4.42 -27.00 20.41
N ILE B 462 -4.65 -26.94 21.72
CA ILE B 462 -3.99 -25.95 22.56
C ILE B 462 -3.64 -26.53 23.93
N ALA B 463 -2.52 -26.07 24.49
CA ALA B 463 -2.24 -26.25 25.91
C ALA B 463 -2.32 -24.87 26.51
N PHE B 464 -3.19 -24.70 27.49
CA PHE B 464 -3.58 -23.38 27.97
C PHE B 464 -3.33 -23.31 29.48
N TYR B 465 -2.30 -22.56 29.89
CA TYR B 465 -1.88 -22.53 31.29
C TYR B 465 -2.02 -21.18 31.97
N ARG B 466 -2.21 -21.22 33.28
CA ARG B 466 -2.05 -20.05 34.15
C ARG B 466 -0.90 -20.34 35.11
N LEU B 467 0.10 -19.46 35.11
CA LEU B 467 1.25 -19.64 36.00
C LEU B 467 1.14 -18.73 37.21
N ARG B 468 1.37 -19.29 38.39
CA ARG B 468 1.33 -18.53 39.62
C ARG B 468 2.68 -18.64 40.32
N PRO B 469 3.10 -17.57 41.03
CA PRO B 469 4.38 -17.64 41.75
C PRO B 469 4.26 -18.63 42.92
N SER B 470 5.32 -19.39 43.16
CA SER B 470 5.34 -20.38 44.25
C SER B 470 5.43 -19.72 45.62
N VAL C 19 -27.15 -7.92 -0.47
CA VAL C 19 -28.30 -7.46 -1.28
C VAL C 19 -28.84 -6.08 -0.87
N SER C 20 -29.24 -5.31 -1.87
CA SER C 20 -29.88 -4.02 -1.70
C SER C 20 -30.64 -3.78 -2.99
N PRO C 21 -31.70 -2.95 -2.96
CA PRO C 21 -32.42 -2.72 -4.22
C PRO C 21 -31.54 -2.03 -5.25
N SER C 22 -31.85 -2.23 -6.54
CA SER C 22 -31.23 -1.47 -7.60
C SER C 22 -31.49 0.01 -7.36
N TYR C 23 -30.43 0.82 -7.35
CA TYR C 23 -30.54 2.24 -7.07
C TYR C 23 -31.48 2.98 -8.03
N ASN C 24 -31.65 2.44 -9.23
CA ASN C 24 -32.49 3.08 -10.24
C ASN C 24 -33.50 2.14 -10.92
N GLY C 25 -33.60 0.91 -10.42
CA GLY C 25 -34.55 -0.07 -10.95
C GLY C 25 -34.09 -0.84 -12.17
N LEU C 26 -32.93 -0.47 -12.72
CA LEU C 26 -32.36 -1.17 -13.88
C LEU C 26 -31.27 -2.16 -13.46
N GLY C 27 -30.89 -3.04 -14.40
CA GLY C 27 -29.82 -3.99 -14.17
C GLY C 27 -30.18 -5.06 -13.16
N LEU C 28 -31.43 -5.52 -13.22
CA LEU C 28 -31.91 -6.62 -12.37
C LEU C 28 -31.19 -7.92 -12.72
N THR C 29 -30.68 -7.98 -13.95
CA THR C 29 -29.71 -8.98 -14.37
C THR C 29 -28.56 -8.21 -15.07
N PRO C 30 -27.40 -8.86 -15.28
CA PRO C 30 -26.35 -8.17 -16.03
C PRO C 30 -26.81 -7.81 -17.44
N GLN C 31 -26.36 -6.65 -17.93
CA GLN C 31 -26.68 -6.20 -19.28
C GLN C 31 -26.02 -7.08 -20.33
N MET C 32 -26.65 -7.14 -21.50
CA MET C 32 -26.09 -7.85 -22.64
C MET C 32 -26.17 -6.97 -23.87
N GLY C 33 -25.22 -7.14 -24.79
CA GLY C 33 -25.18 -6.31 -25.99
C GLY C 33 -23.88 -6.37 -26.77
N TRP C 34 -23.52 -5.22 -27.36
CA TRP C 34 -22.39 -5.14 -28.28
C TRP C 34 -21.71 -3.77 -28.26
N ASP C 35 -20.40 -3.78 -28.45
CA ASP C 35 -19.60 -2.56 -28.45
C ASP C 35 -18.60 -2.62 -29.61
N ASN C 36 -18.40 -1.49 -30.26
CA ASN C 36 -17.56 -1.39 -31.47
C ASN C 36 -16.04 -1.30 -31.23
N TRP C 37 -15.65 -1.12 -29.97
CA TRP C 37 -14.25 -0.82 -29.65
C TRP C 37 -13.27 -1.94 -30.02
N ASN C 38 -13.48 -3.14 -29.47
CA ASN C 38 -12.56 -4.29 -29.60
C ASN C 38 -12.06 -4.58 -31.02
N THR C 39 -12.79 -4.11 -32.03
CA THR C 39 -12.40 -4.33 -33.42
C THR C 39 -12.27 -3.05 -34.22
N PHE C 40 -13.27 -2.17 -34.11
CA PHE C 40 -13.34 -0.97 -34.97
C PHE C 40 -12.68 0.26 -34.36
N ALA C 41 -12.39 0.21 -33.07
CA ALA C 41 -11.82 1.36 -32.32
C ALA C 41 -12.49 2.70 -32.70
N CYS C 42 -11.68 3.70 -33.10
CA CYS C 42 -12.19 5.02 -33.48
C CYS C 42 -12.99 5.03 -34.79
N ASP C 43 -12.70 4.08 -35.67
CA ASP C 43 -13.34 4.02 -36.98
C ASP C 43 -14.78 3.57 -36.82
N VAL C 44 -15.69 4.55 -36.87
CA VAL C 44 -17.13 4.36 -36.62
C VAL C 44 -17.99 5.20 -37.57
N SER C 45 -19.29 4.88 -37.63
CA SER C 45 -20.24 5.60 -38.50
C SER C 45 -21.68 5.20 -38.19
N GLU C 46 -22.63 5.99 -38.68
CA GLU C 46 -24.05 5.63 -38.59
C GLU C 46 -24.33 4.30 -39.31
N GLN C 47 -23.69 4.10 -40.46
CA GLN C 47 -23.87 2.89 -41.25
C GLN C 47 -23.33 1.65 -40.55
N LEU C 48 -22.08 1.73 -40.07
CA LEU C 48 -21.48 0.63 -39.32
C LEU C 48 -22.40 0.21 -38.18
N LEU C 49 -22.90 1.19 -37.43
CA LEU C 49 -23.72 0.93 -36.25
C LEU C 49 -25.02 0.24 -36.65
N LEU C 50 -25.72 0.81 -37.64
CA LEU C 50 -27.03 0.31 -38.03
C LEU C 50 -26.97 -1.03 -38.74
N ASP C 51 -26.00 -1.20 -39.65
CA ASP C 51 -25.79 -2.49 -40.30
C ASP C 51 -25.51 -3.59 -39.26
N THR C 52 -24.58 -3.32 -38.35
CA THR C 52 -24.24 -4.24 -37.28
C THR C 52 -25.47 -4.57 -36.44
N ALA C 53 -26.23 -3.54 -36.07
CA ALA C 53 -27.50 -3.73 -35.36
C ALA C 53 -28.40 -4.72 -36.09
N ASP C 54 -28.63 -4.47 -37.38
CA ASP C 54 -29.44 -5.36 -38.22
C ASP C 54 -28.88 -6.79 -38.18
N ARG C 55 -27.57 -6.91 -38.40
CA ARG C 55 -26.89 -8.20 -38.40
C ARG C 55 -27.08 -8.96 -37.08
N ILE C 56 -26.92 -8.27 -35.95
CA ILE C 56 -27.14 -8.86 -34.63
C ILE C 56 -28.57 -9.36 -34.49
N SER C 57 -29.52 -8.55 -34.97
CA SER C 57 -30.92 -8.94 -34.99
C SER C 57 -31.15 -10.14 -35.92
N ASP C 58 -30.56 -10.11 -37.11
CA ASP C 58 -30.75 -11.18 -38.10
C ASP C 58 -30.18 -12.52 -37.65
N LEU C 59 -29.04 -12.46 -36.96
CA LEU C 59 -28.40 -13.66 -36.44
C LEU C 59 -29.12 -14.20 -35.19
N GLY C 60 -30.14 -13.48 -34.73
CA GLY C 60 -30.97 -13.92 -33.61
C GLY C 60 -30.38 -13.67 -32.24
N LEU C 61 -29.22 -13.00 -32.21
CA LEU C 61 -28.56 -12.67 -30.95
C LEU C 61 -29.34 -11.63 -30.15
N LYS C 62 -29.93 -10.66 -30.84
CA LYS C 62 -30.76 -9.64 -30.19
C LYS C 62 -31.82 -10.28 -29.30
N ASP C 63 -32.52 -11.26 -29.86
CA ASP C 63 -33.59 -11.95 -29.16
C ASP C 63 -33.11 -12.95 -28.11
N MET C 64 -31.79 -13.11 -28.00
CA MET C 64 -31.19 -13.89 -26.91
C MET C 64 -30.93 -13.02 -25.68
N GLY C 65 -31.00 -11.70 -25.87
CA GLY C 65 -30.77 -10.75 -24.78
C GLY C 65 -29.80 -9.63 -25.12
N TYR C 66 -29.03 -9.82 -26.19
CA TYR C 66 -28.06 -8.82 -26.62
C TYR C 66 -28.73 -7.55 -27.18
N LYS C 67 -29.37 -6.80 -26.27
CA LYS C 67 -30.22 -5.63 -26.63
C LYS C 67 -29.43 -4.34 -26.79
N TYR C 68 -28.32 -4.20 -26.06
CA TYR C 68 -27.62 -2.92 -26.00
C TYR C 68 -26.61 -2.73 -27.13
N ILE C 69 -26.87 -1.72 -27.97
CA ILE C 69 -25.93 -1.33 -28.99
C ILE C 69 -25.15 -0.15 -28.44
N ILE C 70 -23.89 -0.39 -28.11
CA ILE C 70 -23.09 0.60 -27.42
C ILE C 70 -22.06 1.23 -28.36
N LEU C 71 -22.27 2.52 -28.63
CA LEU C 71 -21.33 3.31 -29.39
C LEU C 71 -20.24 3.82 -28.45
N ASP C 72 -18.99 3.62 -28.84
CA ASP C 72 -17.87 3.92 -27.96
C ASP C 72 -17.27 5.31 -28.22
N ASP C 73 -15.94 5.41 -28.18
CA ASP C 73 -15.25 6.68 -28.31
C ASP C 73 -15.19 7.17 -29.76
N CYS C 74 -14.74 8.41 -29.92
CA CYS C 74 -14.48 9.03 -31.23
C CYS C 74 -15.77 9.25 -32.02
N TRP C 75 -16.79 9.81 -31.38
CA TRP C 75 -18.09 10.04 -32.03
C TRP C 75 -18.44 11.51 -32.14
N SER C 76 -17.88 12.33 -31.27
CA SER C 76 -18.15 13.77 -31.27
C SER C 76 -17.12 14.52 -32.12
N SER C 77 -17.45 15.76 -32.48
CA SER C 77 -16.51 16.60 -33.25
C SER C 77 -16.00 17.74 -32.39
N GLY C 78 -16.75 18.06 -31.34
CA GLY C 78 -16.40 19.15 -30.43
C GLY C 78 -17.62 19.52 -29.61
N ARG C 79 -17.64 20.76 -29.13
CA ARG C 79 -18.78 21.28 -28.39
C ARG C 79 -19.34 22.50 -29.10
N ASP C 80 -20.67 22.63 -29.10
CA ASP C 80 -21.30 23.77 -29.77
C ASP C 80 -21.32 25.00 -28.88
N SER C 81 -21.92 26.06 -29.42
CA SER C 81 -21.98 27.36 -28.78
C SER C 81 -22.58 27.35 -27.36
N ASP C 82 -23.56 26.47 -27.15
CA ASP C 82 -24.25 26.34 -25.85
C ASP C 82 -23.51 25.47 -24.83
N GLY C 83 -22.31 25.00 -25.19
CA GLY C 83 -21.56 24.10 -24.32
C GLY C 83 -21.97 22.64 -24.48
N PHE C 84 -23.13 22.41 -25.11
CA PHE C 84 -23.63 21.07 -25.42
C PHE C 84 -22.71 20.33 -26.39
N LEU C 85 -22.73 19.00 -26.33
CA LEU C 85 -21.93 18.15 -27.22
C LEU C 85 -22.45 18.16 -28.65
N VAL C 86 -21.52 18.00 -29.60
CA VAL C 86 -21.85 17.93 -31.02
C VAL C 86 -21.28 16.64 -31.63
N ALA C 87 -22.16 15.84 -32.24
CA ALA C 87 -21.76 14.61 -32.91
C ALA C 87 -21.07 14.90 -34.25
N ASP C 88 -19.98 14.18 -34.51
CA ASP C 88 -19.22 14.33 -35.76
C ASP C 88 -20.10 13.96 -36.96
N GLU C 89 -20.56 14.99 -37.66
CA GLU C 89 -21.57 14.84 -38.74
C GLU C 89 -21.10 14.03 -39.96
N GLN C 90 -19.79 13.93 -40.15
CA GLN C 90 -19.22 13.02 -41.15
C GLN C 90 -19.56 11.57 -40.83
N LYS C 91 -19.43 11.21 -39.55
CA LYS C 91 -19.75 9.88 -39.08
C LYS C 91 -21.25 9.75 -38.78
N PHE C 92 -21.86 10.83 -38.31
CA PHE C 92 -23.27 10.82 -37.94
C PHE C 92 -23.99 12.03 -38.51
N PRO C 93 -24.43 11.93 -39.79
CA PRO C 93 -25.03 13.05 -40.50
C PRO C 93 -26.50 13.33 -40.16
N ASN C 94 -27.13 12.43 -39.41
CA ASN C 94 -28.53 12.63 -39.01
C ASN C 94 -28.69 12.94 -37.51
N GLY C 95 -27.57 13.01 -36.79
CA GLY C 95 -27.61 13.15 -35.35
C GLY C 95 -27.71 11.79 -34.65
N MET C 96 -27.65 11.81 -33.32
CA MET C 96 -27.64 10.59 -32.54
C MET C 96 -29.05 10.02 -32.31
N GLY C 97 -30.00 10.89 -31.98
CA GLY C 97 -31.40 10.47 -31.77
C GLY C 97 -31.98 9.72 -32.95
N HIS C 98 -31.47 10.02 -34.15
CA HIS C 98 -31.85 9.32 -35.37
C HIS C 98 -31.40 7.85 -35.32
N VAL C 99 -30.21 7.62 -34.77
CA VAL C 99 -29.69 6.27 -34.59
C VAL C 99 -30.50 5.56 -33.50
N ALA C 100 -30.80 6.27 -32.41
CA ALA C 100 -31.63 5.73 -31.34
C ALA C 100 -32.96 5.19 -31.87
N ASP C 101 -33.63 6.02 -32.67
CA ASP C 101 -34.94 5.67 -33.26
C ASP C 101 -34.87 4.40 -34.10
N HIS C 102 -33.91 4.32 -35.02
CA HIS C 102 -33.71 3.10 -35.79
C HIS C 102 -33.55 1.88 -34.87
N LEU C 103 -32.81 2.05 -33.79
CA LEU C 103 -32.57 0.99 -32.84
C LEU C 103 -33.84 0.62 -32.06
N HIS C 104 -34.55 1.63 -31.54
CA HIS C 104 -35.81 1.38 -30.85
C HIS C 104 -36.82 0.67 -31.75
N ASN C 105 -36.92 1.11 -33.01
CA ASN C 105 -37.81 0.49 -34.00
C ASN C 105 -37.53 -1.00 -34.21
N ASN C 106 -36.26 -1.39 -34.09
CA ASN C 106 -35.89 -2.80 -34.20
C ASN C 106 -35.75 -3.47 -32.83
N SER C 107 -36.33 -2.83 -31.81
CA SER C 107 -36.36 -3.35 -30.43
C SER C 107 -34.98 -3.45 -29.74
N PHE C 108 -34.04 -2.61 -30.19
CA PHE C 108 -32.74 -2.49 -29.52
C PHE C 108 -32.78 -1.38 -28.48
N LEU C 109 -31.76 -1.34 -27.65
CA LEU C 109 -31.51 -0.20 -26.76
C LEU C 109 -30.18 0.46 -27.09
N PHE C 110 -30.12 1.78 -26.91
CA PHE C 110 -28.99 2.58 -27.43
C PHE C 110 -28.07 3.07 -26.32
N GLY C 111 -26.77 2.82 -26.51
CA GLY C 111 -25.75 3.19 -25.54
C GLY C 111 -24.68 4.10 -26.09
N MET C 112 -24.31 5.11 -25.32
CA MET C 112 -23.26 6.06 -25.71
C MET C 112 -22.11 6.12 -24.69
N TYR C 113 -21.06 6.84 -25.09
CA TYR C 113 -19.82 6.86 -24.35
C TYR C 113 -19.43 8.27 -23.92
N SER C 114 -18.81 8.35 -22.74
CA SER C 114 -18.17 9.57 -22.27
C SER C 114 -17.12 9.23 -21.22
N SER C 115 -16.42 10.25 -20.73
CA SER C 115 -15.41 10.06 -19.69
C SER C 115 -15.60 11.08 -18.58
N ALA C 116 -15.47 10.62 -17.34
CA ALA C 116 -15.47 11.49 -16.17
C ALA C 116 -14.14 12.23 -16.08
N GLY C 117 -13.84 12.99 -17.14
CA GLY C 117 -12.61 13.76 -17.24
C GLY C 117 -12.72 14.85 -18.29
N GLU C 118 -11.61 15.56 -18.50
CA GLU C 118 -11.53 16.67 -19.44
C GLU C 118 -11.73 16.17 -20.87
N TYR C 119 -11.07 15.08 -21.21
CA TYR C 119 -11.21 14.48 -22.52
C TYR C 119 -11.55 13.01 -22.38
N THR C 120 -11.98 12.40 -23.48
CA THR C 120 -12.16 10.95 -23.51
C THR C 120 -10.80 10.35 -23.80
N CYS C 121 -10.70 9.03 -23.62
CA CYS C 121 -9.44 8.32 -23.80
C CYS C 121 -8.83 8.47 -25.20
N ALA C 122 -9.65 8.83 -26.18
CA ALA C 122 -9.17 9.14 -27.54
C ALA C 122 -8.98 10.63 -27.82
N GLY C 123 -9.27 11.48 -26.83
CA GLY C 123 -8.99 12.92 -26.92
C GLY C 123 -10.15 13.83 -27.30
N TYR C 124 -11.37 13.30 -27.21
CA TYR C 124 -12.58 14.05 -27.55
C TYR C 124 -13.19 14.68 -26.28
N PRO C 125 -14.12 15.64 -26.43
CA PRO C 125 -14.69 16.31 -25.25
C PRO C 125 -15.13 15.35 -24.16
N GLY C 126 -14.78 15.66 -22.91
CA GLY C 126 -15.16 14.87 -21.74
C GLY C 126 -16.16 15.59 -20.87
N SER C 127 -16.74 14.88 -19.91
CA SER C 127 -17.92 15.37 -19.19
C SER C 127 -17.69 15.97 -17.79
N LEU C 128 -16.43 15.99 -17.35
CA LEU C 128 -16.11 16.44 -16.00
C LEU C 128 -16.43 17.91 -15.80
N GLY C 129 -17.28 18.20 -14.82
CA GLY C 129 -17.77 19.56 -14.57
C GLY C 129 -18.87 20.00 -15.52
N ARG C 130 -19.16 19.15 -16.51
CA ARG C 130 -20.18 19.44 -17.50
C ARG C 130 -21.21 18.31 -17.55
N GLU C 131 -21.57 17.80 -16.37
CA GLU C 131 -22.36 16.58 -16.28
C GLU C 131 -23.81 16.75 -16.73
N GLU C 132 -24.47 17.80 -16.22
CA GLU C 132 -25.88 18.09 -16.55
C GLU C 132 -26.11 18.31 -18.04
N GLU C 133 -25.30 19.17 -18.67
CA GLU C 133 -25.39 19.43 -20.10
C GLU C 133 -25.28 18.12 -20.89
N ASP C 134 -24.25 17.34 -20.56
CA ASP C 134 -23.97 16.10 -21.27
C ASP C 134 -25.07 15.06 -21.03
N ALA C 135 -25.47 14.90 -19.76
CA ALA C 135 -26.56 13.99 -19.41
C ALA C 135 -27.83 14.35 -20.19
N GLN C 136 -28.15 15.64 -20.24
CA GLN C 136 -29.33 16.13 -20.95
C GLN C 136 -29.19 15.85 -22.45
N PHE C 137 -28.00 16.08 -23.01
CA PHE C 137 -27.73 15.75 -24.40
C PHE C 137 -28.03 14.28 -24.71
N PHE C 138 -27.63 13.39 -23.80
CA PHE C 138 -27.90 11.97 -23.99
C PHE C 138 -29.38 11.66 -23.89
N ALA C 139 -30.08 12.31 -22.96
CA ALA C 139 -31.51 12.13 -22.82
C ALA C 139 -32.26 12.67 -24.04
N ASN C 140 -31.86 13.88 -24.46
CA ASN C 140 -32.43 14.51 -25.66
C ASN C 140 -32.30 13.62 -26.89
N ASN C 141 -31.16 12.93 -27.02
CA ASN C 141 -30.99 11.98 -28.12
C ASN C 141 -31.44 10.56 -27.77
N ARG C 142 -32.33 10.46 -26.79
CA ARG C 142 -33.02 9.21 -26.43
C ARG C 142 -32.09 8.00 -26.18
N VAL C 143 -31.12 8.21 -25.32
CA VAL C 143 -30.10 7.21 -24.97
C VAL C 143 -30.54 6.38 -23.75
N ASP C 144 -30.23 5.09 -23.77
CA ASP C 144 -30.69 4.16 -22.72
C ASP C 144 -29.58 3.70 -21.79
N TYR C 145 -28.34 4.00 -22.16
CA TYR C 145 -27.17 3.36 -21.57
C TYR C 145 -25.96 4.28 -21.72
N LEU C 146 -25.25 4.51 -20.62
CA LEU C 146 -24.01 5.30 -20.67
C LEU C 146 -22.80 4.54 -20.11
N LYS C 147 -21.80 4.33 -20.97
CA LYS C 147 -20.49 3.86 -20.54
C LYS C 147 -19.66 5.10 -20.18
N TYR C 148 -19.20 5.16 -18.93
CA TYR C 148 -18.60 6.38 -18.41
C TYR C 148 -17.16 6.16 -17.92
N ALA C 149 -16.20 6.58 -18.75
CA ALA C 149 -14.77 6.24 -18.57
C ALA C 149 -14.02 7.08 -17.52
N ASN C 150 -12.71 6.87 -17.44
CA ASN C 150 -11.89 7.43 -16.37
C ASN C 150 -10.64 8.18 -16.84
N CYS C 151 -10.59 8.51 -18.13
CA CYS C 151 -9.44 9.22 -18.69
C CYS C 151 -9.45 10.72 -18.40
N TYR C 152 -8.26 11.26 -18.15
CA TYR C 152 -8.04 12.70 -17.95
C TYR C 152 -8.93 13.31 -16.85
N ASN C 153 -8.88 12.68 -15.68
CA ASN C 153 -9.78 13.03 -14.58
C ASN C 153 -9.31 14.18 -13.68
N LYS C 154 -8.27 14.89 -14.13
CA LYS C 154 -7.77 16.09 -13.44
C LYS C 154 -7.43 15.84 -11.96
N GLY C 155 -6.84 14.68 -11.69
CA GLY C 155 -6.39 14.31 -10.34
C GLY C 155 -7.49 13.99 -9.35
N GLN C 156 -8.70 13.79 -9.86
CA GLN C 156 -9.85 13.52 -9.01
C GLN C 156 -10.04 12.03 -8.74
N PHE C 157 -8.98 11.42 -8.19
CA PHE C 157 -8.96 10.02 -7.81
C PHE C 157 -7.91 9.87 -6.70
N GLY C 158 -7.78 8.67 -6.16
CA GLY C 158 -6.74 8.39 -5.18
C GLY C 158 -7.29 7.93 -3.85
N THR C 159 -8.53 8.30 -3.59
CA THR C 159 -9.28 7.80 -2.44
C THR C 159 -10.67 7.38 -2.94
N PRO C 160 -11.34 6.46 -2.23
CA PRO C 160 -12.70 6.08 -2.59
C PRO C 160 -13.66 7.26 -2.67
N GLU C 161 -13.58 8.17 -1.70
CA GLU C 161 -14.51 9.29 -1.60
C GLU C 161 -14.50 10.17 -2.85
N ILE C 162 -13.32 10.62 -3.25
CA ILE C 162 -13.18 11.54 -4.38
C ILE C 162 -13.63 10.93 -5.71
N SER C 163 -13.33 9.65 -5.92
CA SER C 163 -13.81 8.93 -7.10
C SER C 163 -15.33 8.74 -7.07
N TYR C 164 -15.85 8.45 -5.87
CA TYR C 164 -17.28 8.25 -5.69
C TYR C 164 -18.07 9.49 -6.11
N HIS C 165 -17.63 10.66 -5.64
CA HIS C 165 -18.30 11.92 -5.95
C HIS C 165 -18.24 12.29 -7.44
N ARG C 166 -17.09 12.06 -8.07
CA ARG C 166 -16.94 12.31 -9.50
C ARG C 166 -17.91 11.48 -10.32
N TYR C 167 -18.13 10.24 -9.91
CA TYR C 167 -19.05 9.38 -10.63
C TYR C 167 -20.50 9.55 -10.20
N LYS C 168 -20.70 10.04 -8.98
CA LYS C 168 -22.05 10.39 -8.50
C LYS C 168 -22.58 11.61 -9.26
N ALA C 169 -21.68 12.53 -9.60
CA ALA C 169 -22.03 13.72 -10.36
C ALA C 169 -22.88 13.38 -11.59
N MET C 170 -22.36 12.50 -12.43
CA MET C 170 -23.07 12.06 -13.64
C MET C 170 -24.28 11.17 -13.31
N SER C 171 -24.17 10.40 -12.24
CA SER C 171 -25.27 9.57 -11.78
C SER C 171 -26.48 10.44 -11.49
N ASP C 172 -26.23 11.52 -10.75
CA ASP C 172 -27.24 12.50 -10.39
C ASP C 172 -27.74 13.21 -11.64
N ALA C 173 -26.80 13.57 -12.53
CA ALA C 173 -27.12 14.33 -13.72
C ALA C 173 -28.08 13.57 -14.64
N LEU C 174 -27.88 12.27 -14.75
CA LEU C 174 -28.77 11.40 -15.52
C LEU C 174 -30.15 11.32 -14.87
N ASN C 175 -30.19 11.20 -13.54
CA ASN C 175 -31.44 11.12 -12.80
C ASN C 175 -32.29 12.37 -12.99
N LYS C 176 -31.63 13.51 -13.02
CA LYS C 176 -32.29 14.81 -13.21
C LYS C 176 -33.06 14.87 -14.54
N THR C 177 -32.53 14.22 -15.58
CA THR C 177 -33.16 14.25 -16.91
C THR C 177 -34.48 13.47 -16.94
N GLY C 178 -34.75 12.72 -15.89
CA GLY C 178 -35.99 11.94 -15.79
C GLY C 178 -36.05 10.73 -16.69
N ARG C 179 -35.03 10.56 -17.54
CA ARG C 179 -34.96 9.41 -18.45
C ARG C 179 -34.22 8.24 -17.82
N PRO C 180 -34.83 7.04 -17.87
CA PRO C 180 -34.13 5.84 -17.40
C PRO C 180 -32.87 5.57 -18.23
N VAL C 181 -31.71 5.55 -17.56
CA VAL C 181 -30.43 5.29 -18.22
C VAL C 181 -29.63 4.25 -17.43
N PHE C 182 -29.24 3.18 -18.11
CA PHE C 182 -28.36 2.18 -17.54
C PHE C 182 -26.97 2.78 -17.43
N TYR C 183 -26.49 2.95 -16.20
CA TYR C 183 -25.25 3.65 -15.92
C TYR C 183 -24.09 2.69 -15.69
N SER C 184 -23.16 2.68 -16.64
CA SER C 184 -22.04 1.76 -16.64
C SER C 184 -20.72 2.48 -16.35
N LEU C 185 -20.18 2.23 -15.16
CA LEU C 185 -18.90 2.81 -14.73
C LEU C 185 -17.72 2.14 -15.40
N CYS C 186 -16.74 2.94 -15.80
CA CYS C 186 -15.55 2.44 -16.47
C CYS C 186 -14.31 3.10 -15.84
N ASN C 187 -14.13 2.88 -14.54
CA ASN C 187 -12.96 3.41 -13.83
C ASN C 187 -11.91 2.35 -13.49
N TRP C 188 -12.10 1.17 -14.05
CA TRP C 188 -11.14 0.06 -13.96
C TRP C 188 -10.89 -0.44 -12.55
N GLY C 189 -11.89 -0.26 -11.68
CA GLY C 189 -11.79 -0.70 -10.29
C GLY C 189 -11.00 0.24 -9.40
N GLN C 190 -10.63 1.40 -9.93
CA GLN C 190 -9.83 2.37 -9.19
C GLN C 190 -10.53 2.85 -7.91
N ASP C 191 -9.77 2.88 -6.82
CA ASP C 191 -10.24 3.29 -5.50
C ASP C 191 -11.38 2.41 -4.96
N LEU C 192 -11.25 1.11 -5.23
CA LEU C 192 -12.12 0.05 -4.69
C LEU C 192 -13.58 0.24 -5.06
N THR C 193 -13.85 0.25 -6.37
CA THR C 193 -15.19 0.54 -6.91
C THR C 193 -16.26 -0.42 -6.43
N PHE C 194 -15.90 -1.71 -6.27
CA PHE C 194 -16.85 -2.73 -5.83
C PHE C 194 -17.59 -2.36 -4.53
N TYR C 195 -16.96 -1.51 -3.71
CA TYR C 195 -17.54 -1.05 -2.46
C TYR C 195 -18.64 0.00 -2.66
N TRP C 196 -18.44 0.93 -3.59
CA TRP C 196 -19.29 2.11 -3.67
C TRP C 196 -20.12 2.25 -4.95
N GLY C 197 -19.95 1.30 -5.86
CA GLY C 197 -20.64 1.34 -7.14
C GLY C 197 -22.14 1.21 -7.09
N SER C 198 -22.63 0.25 -6.29
CA SER C 198 -24.03 -0.15 -6.28
C SER C 198 -25.02 0.99 -6.10
N GLY C 199 -24.71 1.90 -5.17
CA GLY C 199 -25.61 2.99 -4.81
C GLY C 199 -25.75 4.10 -5.84
N ILE C 200 -24.90 4.10 -6.88
CA ILE C 200 -24.93 5.15 -7.87
C ILE C 200 -24.88 4.66 -9.32
N ALA C 201 -24.73 3.34 -9.49
CA ALA C 201 -24.51 2.76 -10.82
C ALA C 201 -25.03 1.34 -10.92
N ASN C 202 -25.13 0.85 -12.16
CA ASN C 202 -25.64 -0.49 -12.43
C ASN C 202 -24.55 -1.51 -12.70
N SER C 203 -23.38 -1.05 -13.15
CA SER C 203 -22.22 -1.91 -13.39
C SER C 203 -20.94 -1.09 -13.37
N TRP C 204 -19.85 -1.71 -12.90
CA TRP C 204 -18.56 -1.04 -12.83
C TRP C 204 -17.43 -1.92 -13.31
N ARG C 205 -16.61 -1.37 -14.20
CA ARG C 205 -15.39 -2.04 -14.61
C ARG C 205 -14.49 -2.19 -13.38
N MET C 206 -13.93 -3.38 -13.19
CA MET C 206 -13.14 -3.67 -12.01
C MET C 206 -11.66 -3.90 -12.32
N SER C 207 -11.29 -3.75 -13.59
CA SER C 207 -9.91 -3.93 -14.02
C SER C 207 -9.62 -3.08 -15.24
N GLY C 208 -8.36 -3.10 -15.66
CA GLY C 208 -7.96 -2.52 -16.95
C GLY C 208 -8.48 -3.37 -18.08
N ASP C 209 -8.42 -2.83 -19.30
CA ASP C 209 -8.97 -3.48 -20.49
C ASP C 209 -8.47 -4.91 -20.74
N VAL C 210 -9.39 -5.77 -21.15
CA VAL C 210 -9.08 -7.14 -21.55
C VAL C 210 -8.43 -7.15 -22.94
N THR C 211 -7.74 -8.24 -23.25
CA THR C 211 -7.15 -8.45 -24.55
C THR C 211 -7.36 -9.89 -24.93
N ALA C 212 -7.17 -10.21 -26.21
CA ALA C 212 -7.34 -11.58 -26.70
C ALA C 212 -6.17 -12.49 -26.32
N GLU C 213 -5.85 -12.52 -25.03
CA GLU C 213 -4.84 -13.41 -24.46
C GLU C 213 -5.46 -14.09 -23.25
N PHE C 214 -5.26 -15.39 -23.13
CA PHE C 214 -5.84 -16.13 -22.01
C PHE C 214 -5.05 -15.95 -20.71
N THR C 215 -3.72 -16.01 -20.78
CA THR C 215 -2.88 -15.97 -19.58
C THR C 215 -1.78 -14.90 -19.59
N ARG C 216 -1.35 -14.50 -20.78
CA ARG C 216 -0.17 -13.64 -20.98
C ARG C 216 -0.08 -12.42 -20.07
N PRO C 217 0.94 -12.38 -19.20
CA PRO C 217 1.23 -11.13 -18.47
C PRO C 217 1.73 -10.07 -19.44
N ASP C 218 1.47 -8.80 -19.12
CA ASP C 218 1.81 -7.69 -20.00
C ASP C 218 2.31 -6.52 -19.18
N SER C 219 3.37 -5.88 -19.66
CA SER C 219 3.96 -4.74 -18.97
C SER C 219 2.99 -3.55 -18.89
N ARG C 220 2.00 -3.54 -19.77
CA ARG C 220 0.97 -2.49 -19.77
C ARG C 220 -0.13 -2.78 -18.74
N CYS C 221 -0.11 -3.99 -18.18
CA CYS C 221 -1.02 -4.39 -17.12
C CYS C 221 -0.18 -4.87 -15.92
N PRO C 222 0.43 -3.93 -15.17
CA PRO C 222 1.41 -4.29 -14.14
C PRO C 222 0.88 -5.08 -12.94
N CYS C 223 -0.40 -4.92 -12.60
CA CYS C 223 -0.98 -5.64 -11.47
C CYS C 223 -1.34 -7.08 -11.84
N ASP C 224 -0.83 -8.03 -11.08
CA ASP C 224 -1.13 -9.44 -11.32
C ASP C 224 -2.51 -9.84 -10.77
N GLY C 225 -2.84 -11.12 -10.87
CA GLY C 225 -4.17 -11.62 -10.51
C GLY C 225 -4.57 -11.41 -9.05
N ASP C 226 -3.60 -11.34 -8.17
CA ASP C 226 -3.86 -11.18 -6.74
C ASP C 226 -4.05 -9.72 -6.35
N GLU C 227 -3.66 -8.80 -7.24
CA GLU C 227 -3.73 -7.38 -6.92
C GLU C 227 -5.06 -6.74 -7.35
N TYR C 228 -6.12 -7.04 -6.61
CA TYR C 228 -7.46 -6.49 -6.82
C TYR C 228 -7.50 -5.00 -6.49
N ASP C 229 -6.62 -4.56 -5.60
CA ASP C 229 -6.49 -3.14 -5.25
C ASP C 229 -5.31 -2.56 -6.02
N CYS C 230 -5.55 -2.30 -7.30
CA CYS C 230 -4.50 -1.91 -8.24
C CYS C 230 -4.39 -0.39 -8.36
N LYS C 231 -3.17 0.12 -8.36
CA LYS C 231 -2.94 1.57 -8.44
C LYS C 231 -2.67 2.04 -9.88
N TYR C 232 -2.33 1.09 -10.75
CA TYR C 232 -2.16 1.35 -12.18
C TYR C 232 -2.87 0.25 -12.95
N ALA C 233 -4.18 0.41 -13.11
CA ALA C 233 -5.03 -0.58 -13.76
C ALA C 233 -4.51 -1.02 -15.13
N GLY C 234 -4.06 -0.05 -15.92
CA GLY C 234 -3.51 -0.31 -17.24
C GLY C 234 -4.49 -0.95 -18.22
N PHE C 235 -3.94 -1.70 -19.17
CA PHE C 235 -4.74 -2.41 -20.17
C PHE C 235 -3.93 -3.54 -20.77
N HIS C 236 -4.52 -4.26 -21.73
CA HIS C 236 -3.95 -5.50 -22.28
C HIS C 236 -3.75 -6.57 -21.20
N CYS C 237 -4.66 -6.57 -20.24
CA CYS C 237 -4.70 -7.58 -19.20
C CYS C 237 -5.31 -8.85 -19.80
N SER C 238 -4.77 -10.00 -19.38
CA SER C 238 -5.24 -11.28 -19.88
C SER C 238 -6.58 -11.65 -19.26
N ILE C 239 -7.28 -12.58 -19.91
CA ILE C 239 -8.53 -13.14 -19.41
C ILE C 239 -8.39 -13.69 -17.97
N MET C 240 -7.33 -14.45 -17.71
CA MET C 240 -7.11 -14.99 -16.38
C MET C 240 -6.71 -13.95 -15.35
N ASN C 241 -6.00 -12.91 -15.78
CA ASN C 241 -5.64 -11.78 -14.93
C ASN C 241 -6.87 -11.07 -14.37
N ILE C 242 -7.87 -10.87 -15.22
CA ILE C 242 -9.09 -10.15 -14.84
C ILE C 242 -10.01 -11.03 -13.99
N LEU C 243 -10.19 -12.29 -14.40
CA LEU C 243 -11.00 -13.23 -13.62
C LEU C 243 -10.42 -13.37 -12.22
N ASN C 244 -9.09 -13.49 -12.13
CA ASN C 244 -8.38 -13.60 -10.85
C ASN C 244 -8.57 -12.38 -9.95
N LYS C 245 -8.60 -11.20 -10.57
CA LYS C 245 -8.87 -9.97 -9.85
C LYS C 245 -10.31 -9.91 -9.37
N ALA C 246 -11.22 -10.48 -10.16
CA ALA C 246 -12.65 -10.42 -9.84
C ALA C 246 -13.09 -11.41 -8.77
N ALA C 247 -12.33 -12.49 -8.60
CA ALA C 247 -12.67 -13.56 -7.65
C ALA C 247 -13.19 -13.09 -6.28
N PRO C 248 -12.48 -12.18 -5.59
CA PRO C 248 -12.98 -11.77 -4.27
C PRO C 248 -14.15 -10.78 -4.33
N MET C 249 -14.39 -10.20 -5.49
CA MET C 249 -15.35 -9.11 -5.65
C MET C 249 -16.80 -9.57 -5.77
N GLY C 250 -17.01 -10.87 -6.02
CA GLY C 250 -18.36 -11.42 -6.18
C GLY C 250 -19.31 -11.00 -5.07
N GLN C 251 -18.80 -11.00 -3.84
CA GLN C 251 -19.58 -10.69 -2.65
C GLN C 251 -20.15 -9.27 -2.64
N ASN C 252 -19.62 -8.40 -3.51
CA ASN C 252 -20.09 -7.03 -3.59
C ASN C 252 -20.89 -6.74 -4.87
N ALA C 253 -21.34 -7.80 -5.53
CA ALA C 253 -22.21 -7.69 -6.69
C ALA C 253 -23.56 -8.32 -6.39
N GLY C 254 -24.57 -7.93 -7.16
CA GLY C 254 -25.91 -8.43 -6.97
C GLY C 254 -26.92 -7.73 -7.87
N VAL C 255 -28.19 -7.97 -7.62
CA VAL C 255 -29.28 -7.38 -8.39
C VAL C 255 -29.18 -5.85 -8.40
N GLY C 256 -28.98 -5.28 -9.58
CA GLY C 256 -28.91 -3.83 -9.74
C GLY C 256 -27.51 -3.25 -9.80
N GLY C 257 -26.49 -4.07 -9.48
CA GLY C 257 -25.11 -3.60 -9.47
C GLY C 257 -24.10 -4.71 -9.63
N TRP C 258 -23.44 -4.75 -10.79
CA TRP C 258 -22.59 -5.87 -11.18
C TRP C 258 -21.11 -5.52 -11.37
N ASN C 259 -20.24 -6.50 -11.12
CA ASN C 259 -18.84 -6.40 -11.49
C ASN C 259 -18.70 -6.62 -12.99
N ASP C 260 -18.00 -5.70 -13.65
CA ASP C 260 -17.83 -5.72 -15.10
C ASP C 260 -16.41 -6.11 -15.42
N LEU C 261 -16.24 -7.27 -16.06
CA LEU C 261 -14.92 -7.79 -16.42
C LEU C 261 -14.52 -7.45 -17.85
N ASP C 262 -15.18 -6.43 -18.40
CA ASP C 262 -14.90 -5.91 -19.75
C ASP C 262 -15.52 -6.77 -20.86
N ASN C 263 -15.65 -6.17 -22.04
CA ASN C 263 -16.28 -6.81 -23.20
C ASN C 263 -15.68 -8.17 -23.54
N LEU C 264 -16.51 -9.05 -24.07
CA LEU C 264 -16.07 -10.39 -24.42
C LEU C 264 -15.12 -10.37 -25.61
N GLU C 265 -14.07 -11.19 -25.54
CA GLU C 265 -13.06 -11.28 -26.57
C GLU C 265 -13.30 -12.48 -27.49
N VAL C 266 -14.44 -13.14 -27.30
CA VAL C 266 -14.87 -14.25 -28.16
C VAL C 266 -15.07 -13.72 -29.58
N GLY C 267 -14.36 -14.31 -30.54
CA GLY C 267 -14.43 -13.85 -31.92
C GLY C 267 -13.40 -12.81 -32.30
N VAL C 268 -12.67 -12.32 -31.29
CA VAL C 268 -11.60 -11.34 -31.50
C VAL C 268 -10.25 -12.02 -31.31
N GLY C 269 -9.29 -11.66 -32.15
CA GLY C 269 -7.93 -12.17 -32.04
C GLY C 269 -7.83 -13.65 -32.34
N ASN C 270 -6.93 -14.34 -31.64
CA ASN C 270 -6.63 -15.73 -31.93
C ASN C 270 -6.65 -16.67 -30.73
N LEU C 271 -7.75 -16.64 -29.99
CA LEU C 271 -7.98 -17.59 -28.91
C LEU C 271 -8.46 -18.90 -29.49
N THR C 272 -8.14 -20.00 -28.81
CA THR C 272 -8.65 -21.32 -29.19
C THR C 272 -10.11 -21.44 -28.80
N ASP C 273 -10.79 -22.45 -29.37
CA ASP C 273 -12.18 -22.71 -29.03
C ASP C 273 -12.33 -22.95 -27.53
N ASP C 274 -11.39 -23.70 -26.94
CA ASP C 274 -11.39 -23.99 -25.52
C ASP C 274 -11.27 -22.73 -24.67
N GLU C 275 -10.37 -21.84 -25.08
CA GLU C 275 -10.16 -20.56 -24.40
C GLU C 275 -11.40 -19.68 -24.46
N GLU C 276 -12.08 -19.69 -25.61
CA GLU C 276 -13.29 -18.90 -25.81
C GLU C 276 -14.46 -19.40 -24.97
N LYS C 277 -14.61 -20.73 -24.88
CA LYS C 277 -15.60 -21.34 -24.00
C LYS C 277 -15.36 -21.00 -22.53
N ALA C 278 -14.11 -21.17 -22.09
CA ALA C 278 -13.71 -20.88 -20.71
C ALA C 278 -13.97 -19.43 -20.37
N HIS C 279 -13.52 -18.54 -21.25
CA HIS C 279 -13.70 -17.10 -21.12
C HIS C 279 -15.18 -16.72 -21.03
N PHE C 280 -16.00 -17.29 -21.92
CA PHE C 280 -17.43 -16.97 -21.97
C PHE C 280 -18.20 -17.52 -20.77
N SER C 281 -17.89 -18.75 -20.39
CA SER C 281 -18.53 -19.41 -19.25
C SER C 281 -18.27 -18.65 -17.96
N MET C 282 -17.01 -18.37 -17.68
CA MET C 282 -16.61 -17.70 -16.45
C MET C 282 -17.24 -16.30 -16.36
N TRP C 283 -17.19 -15.54 -17.45
CA TRP C 283 -17.82 -14.23 -17.51
C TRP C 283 -19.30 -14.31 -17.15
N ALA C 284 -19.95 -15.39 -17.59
CA ALA C 284 -21.36 -15.61 -17.28
C ALA C 284 -21.55 -16.04 -15.82
N MET C 285 -20.67 -16.92 -15.34
CA MET C 285 -20.77 -17.46 -13.99
C MET C 285 -20.54 -16.44 -12.88
N VAL C 286 -19.76 -15.40 -13.15
CA VAL C 286 -19.48 -14.35 -12.16
C VAL C 286 -20.43 -13.18 -12.30
N LYS C 287 -21.45 -13.36 -13.14
CA LYS C 287 -22.46 -12.34 -13.43
C LYS C 287 -21.88 -11.03 -13.98
N SER C 288 -20.93 -11.16 -14.90
CA SER C 288 -20.40 -10.03 -15.63
C SER C 288 -21.32 -9.68 -16.80
N PRO C 289 -21.40 -8.39 -17.15
CA PRO C 289 -22.03 -8.01 -18.40
C PRO C 289 -21.50 -8.87 -19.54
N LEU C 290 -22.41 -9.35 -20.38
CA LEU C 290 -22.01 -10.09 -21.58
C LEU C 290 -22.13 -9.17 -22.78
N ILE C 291 -21.01 -8.54 -23.16
CA ILE C 291 -20.99 -7.57 -24.25
C ILE C 291 -20.09 -8.07 -25.39
N ILE C 292 -20.67 -8.26 -26.57
CA ILE C 292 -19.94 -8.76 -27.73
C ILE C 292 -18.90 -7.73 -28.13
N GLY C 293 -17.65 -8.17 -28.22
CA GLY C 293 -16.56 -7.32 -28.70
C GLY C 293 -16.20 -7.63 -30.14
N ALA C 294 -16.72 -8.75 -30.63
CA ALA C 294 -16.40 -9.24 -31.97
C ALA C 294 -17.07 -8.42 -33.06
N ASN C 295 -16.44 -8.42 -34.24
CA ASN C 295 -17.06 -7.92 -35.45
C ASN C 295 -18.06 -8.97 -35.91
N VAL C 296 -19.35 -8.66 -35.75
CA VAL C 296 -20.41 -9.61 -36.08
C VAL C 296 -20.55 -9.86 -37.59
N ASN C 297 -20.00 -8.95 -38.40
CA ASN C 297 -19.97 -9.08 -39.84
C ASN C 297 -18.79 -9.91 -40.33
N ASN C 298 -17.92 -10.28 -39.39
CA ASN C 298 -16.75 -11.09 -39.69
C ASN C 298 -16.52 -12.12 -38.59
N LEU C 299 -17.62 -12.59 -38.04
CA LEU C 299 -17.62 -13.56 -36.94
C LEU C 299 -17.49 -14.98 -37.46
N LYS C 300 -16.59 -15.76 -36.87
CA LYS C 300 -16.44 -17.16 -37.27
C LYS C 300 -17.45 -18.05 -36.57
N ALA C 301 -17.69 -19.23 -37.14
CA ALA C 301 -18.72 -20.15 -36.66
C ALA C 301 -18.59 -20.50 -35.18
N SER C 302 -17.43 -21.04 -34.79
CA SER C 302 -17.19 -21.50 -33.42
C SER C 302 -17.46 -20.42 -32.39
N SER C 303 -17.04 -19.19 -32.69
CA SER C 303 -17.28 -18.05 -31.83
C SER C 303 -18.77 -17.71 -31.77
N TYR C 304 -19.43 -17.73 -32.91
CA TYR C 304 -20.87 -17.50 -32.99
C TYR C 304 -21.70 -18.47 -32.14
N SER C 305 -21.38 -19.76 -32.21
CA SER C 305 -22.11 -20.75 -31.41
C SER C 305 -21.87 -20.57 -29.91
N ILE C 306 -20.69 -20.08 -29.53
CA ILE C 306 -20.40 -19.77 -28.12
C ILE C 306 -21.30 -18.63 -27.62
N TYR C 307 -21.34 -17.52 -28.34
CA TYR C 307 -22.23 -16.39 -28.00
C TYR C 307 -23.69 -16.80 -27.88
N SER C 308 -24.06 -17.86 -28.57
CA SER C 308 -25.46 -18.25 -28.70
C SER C 308 -25.86 -19.43 -27.81
N GLN C 309 -24.97 -19.80 -26.88
CA GLN C 309 -25.25 -20.91 -25.98
C GLN C 309 -26.24 -20.50 -24.87
N ALA C 310 -27.51 -20.75 -25.14
CA ALA C 310 -28.61 -20.35 -24.24
C ALA C 310 -28.41 -20.88 -22.83
N SER C 311 -27.87 -22.09 -22.76
CA SER C 311 -27.55 -22.78 -21.52
C SER C 311 -26.71 -21.90 -20.59
N VAL C 312 -25.67 -21.30 -21.16
CA VAL C 312 -24.70 -20.53 -20.41
C VAL C 312 -25.25 -19.14 -20.12
N ILE C 313 -25.91 -18.54 -21.10
CA ILE C 313 -26.56 -17.25 -20.90
C ILE C 313 -27.57 -17.30 -19.74
N ALA C 314 -28.29 -18.41 -19.64
CA ALA C 314 -29.24 -18.64 -18.56
C ALA C 314 -28.60 -18.52 -17.18
N ILE C 315 -27.36 -18.99 -17.06
CA ILE C 315 -26.57 -18.84 -15.83
C ILE C 315 -26.34 -17.37 -15.52
N ASN C 316 -25.87 -16.61 -16.50
CA ASN C 316 -25.61 -15.18 -16.35
C ASN C 316 -26.89 -14.40 -16.05
N GLN C 317 -27.99 -14.80 -16.68
CA GLN C 317 -29.26 -14.10 -16.57
C GLN C 317 -30.16 -14.66 -15.47
N ASP C 318 -29.57 -15.48 -14.60
CA ASP C 318 -30.29 -16.03 -13.45
C ASP C 318 -30.97 -14.90 -12.67
N SER C 319 -32.23 -15.10 -12.33
CA SER C 319 -32.97 -14.13 -11.54
C SER C 319 -32.45 -14.13 -10.10
N ASN C 320 -32.45 -12.96 -9.47
CA ASN C 320 -31.81 -12.78 -8.16
C ASN C 320 -30.38 -13.31 -8.19
N GLY C 321 -29.64 -12.86 -9.20
CA GLY C 321 -28.30 -13.37 -9.50
C GLY C 321 -27.28 -13.23 -8.39
N ILE C 322 -26.53 -14.31 -8.18
CA ILE C 322 -25.41 -14.33 -7.25
C ILE C 322 -24.17 -14.82 -7.99
N PRO C 323 -23.10 -14.01 -8.01
CA PRO C 323 -21.86 -14.43 -8.62
C PRO C 323 -21.31 -15.70 -7.96
N ALA C 324 -20.69 -16.56 -8.75
CA ALA C 324 -20.09 -17.77 -8.21
C ALA C 324 -18.85 -17.45 -7.36
N THR C 325 -18.46 -18.43 -6.54
CA THR C 325 -17.33 -18.33 -5.63
C THR C 325 -16.24 -19.27 -6.12
N ARG C 326 -15.01 -18.80 -6.12
CA ARG C 326 -13.87 -19.67 -6.41
C ARG C 326 -13.57 -20.50 -5.17
N VAL C 327 -13.73 -21.82 -5.29
CA VAL C 327 -13.58 -22.71 -4.15
C VAL C 327 -12.10 -23.02 -3.90
N TRP C 328 -11.37 -23.34 -4.94
CA TRP C 328 -9.94 -23.54 -4.82
C TRP C 328 -9.14 -23.13 -6.06
N ARG C 329 -7.84 -22.96 -5.87
CA ARG C 329 -6.92 -22.59 -6.94
C ARG C 329 -5.54 -23.14 -6.62
N TYR C 330 -4.98 -23.92 -7.54
CA TYR C 330 -3.63 -24.43 -7.38
C TYR C 330 -2.82 -24.14 -8.62
N TYR C 331 -1.53 -23.88 -8.43
CA TYR C 331 -0.60 -23.72 -9.53
C TYR C 331 -0.08 -25.07 -9.94
N VAL C 332 0.10 -25.27 -11.24
CA VAL C 332 0.54 -26.56 -11.77
C VAL C 332 1.85 -26.40 -12.52
N SER C 333 2.59 -27.49 -12.67
CA SER C 333 3.85 -27.47 -13.41
C SER C 333 3.68 -27.40 -14.93
N ASP C 334 2.49 -27.74 -15.41
CA ASP C 334 2.14 -27.62 -16.82
C ASP C 334 1.89 -26.14 -17.16
N THR C 335 2.96 -25.43 -17.48
CA THR C 335 2.90 -24.00 -17.77
C THR C 335 3.01 -23.75 -19.28
N ASP C 336 2.41 -22.65 -19.74
CA ASP C 336 2.46 -22.30 -21.16
C ASP C 336 3.73 -21.51 -21.51
N GLU C 337 3.77 -20.99 -22.73
CA GLU C 337 4.89 -20.20 -23.24
C GLU C 337 5.20 -18.96 -22.39
N TYR C 338 4.27 -18.61 -21.49
CA TYR C 338 4.43 -17.42 -20.66
C TYR C 338 4.63 -17.75 -19.18
N GLY C 339 4.87 -19.02 -18.87
CA GLY C 339 5.11 -19.47 -17.50
C GLY C 339 3.86 -19.54 -16.64
N GLN C 340 2.70 -19.39 -17.27
CA GLN C 340 1.42 -19.39 -16.56
C GLN C 340 0.78 -20.77 -16.57
N GLY C 341 0.19 -21.15 -15.44
CA GLY C 341 -0.49 -22.42 -15.33
C GLY C 341 -1.11 -22.62 -13.96
N GLU C 342 -2.43 -22.54 -13.91
CA GLU C 342 -3.16 -22.78 -12.68
C GLU C 342 -4.48 -23.50 -12.95
N ILE C 343 -4.97 -24.23 -11.95
CA ILE C 343 -6.28 -24.86 -12.04
C ILE C 343 -7.23 -24.30 -11.00
N GLN C 344 -8.49 -24.17 -11.38
CA GLN C 344 -9.49 -23.55 -10.52
C GLN C 344 -10.82 -24.29 -10.49
N MET C 345 -11.49 -24.23 -9.34
CA MET C 345 -12.85 -24.71 -9.22
C MET C 345 -13.73 -23.58 -8.72
N TRP C 346 -14.88 -23.42 -9.37
CA TRP C 346 -15.85 -22.42 -8.94
C TRP C 346 -17.21 -23.06 -8.74
N SER C 347 -17.91 -22.63 -7.71
CA SER C 347 -19.25 -23.11 -7.42
C SER C 347 -20.14 -21.92 -7.10
N GLY C 348 -21.42 -22.04 -7.39
CA GLY C 348 -22.36 -20.94 -7.18
C GLY C 348 -23.81 -21.36 -7.12
N PRO C 349 -24.59 -20.75 -6.21
CA PRO C 349 -26.01 -21.07 -6.08
C PRO C 349 -26.84 -20.48 -7.23
N LEU C 350 -27.88 -21.22 -7.63
CA LEU C 350 -28.82 -20.75 -8.65
C LEU C 350 -30.21 -20.56 -8.05
N ASP C 351 -30.96 -19.63 -8.60
CA ASP C 351 -32.26 -19.23 -8.04
C ASP C 351 -33.23 -20.37 -7.75
N ASN C 352 -33.31 -21.34 -8.65
CA ASN C 352 -34.26 -22.46 -8.52
C ASN C 352 -33.76 -23.60 -7.62
N GLY C 353 -32.63 -23.39 -6.95
CA GLY C 353 -32.07 -24.41 -6.06
C GLY C 353 -30.96 -25.22 -6.69
N ASP C 354 -30.68 -24.96 -7.97
CA ASP C 354 -29.59 -25.62 -8.67
C ASP C 354 -28.22 -25.04 -8.28
N GLN C 355 -27.14 -25.61 -8.82
CA GLN C 355 -25.80 -25.15 -8.53
C GLN C 355 -24.94 -25.16 -9.79
N VAL C 356 -24.25 -24.05 -10.06
CA VAL C 356 -23.26 -24.01 -11.15
C VAL C 356 -21.91 -24.48 -10.65
N VAL C 357 -21.23 -25.28 -11.45
CA VAL C 357 -19.90 -25.76 -11.12
C VAL C 357 -19.00 -25.61 -12.32
N ALA C 358 -17.81 -25.05 -12.10
CA ALA C 358 -16.80 -24.90 -13.14
C ALA C 358 -15.49 -25.52 -12.71
N LEU C 359 -14.99 -26.43 -13.53
CA LEU C 359 -13.65 -26.96 -13.37
C LEU C 359 -12.80 -26.34 -14.46
N LEU C 360 -11.91 -25.43 -14.04
CA LEU C 360 -11.18 -24.58 -14.98
C LEU C 360 -9.70 -24.98 -15.06
N ASN C 361 -9.30 -25.48 -16.24
CA ASN C 361 -7.93 -25.91 -16.46
C ASN C 361 -7.15 -24.82 -17.20
N GLY C 362 -6.42 -24.01 -16.44
CA GLY C 362 -5.57 -22.99 -17.00
C GLY C 362 -4.17 -23.48 -17.28
N GLY C 363 -3.95 -24.78 -17.09
CA GLY C 363 -2.67 -25.42 -17.39
C GLY C 363 -2.50 -25.60 -18.89
N SER C 364 -1.28 -25.91 -19.31
CA SER C 364 -0.93 -25.97 -20.72
C SER C 364 -1.27 -27.32 -21.37
N VAL C 365 -1.69 -28.27 -20.53
CA VAL C 365 -1.91 -29.64 -20.97
C VAL C 365 -3.30 -30.08 -20.52
N SER C 366 -3.90 -30.97 -21.30
CA SER C 366 -5.15 -31.64 -20.93
C SER C 366 -4.91 -32.40 -19.64
N ARG C 367 -5.86 -32.34 -18.72
CA ARG C 367 -5.73 -33.04 -17.43
C ARG C 367 -7.05 -33.53 -16.87
N PRO C 368 -7.00 -34.62 -16.06
CA PRO C 368 -8.16 -34.98 -15.26
C PRO C 368 -8.36 -33.98 -14.14
N MET C 369 -9.62 -33.59 -13.93
CA MET C 369 -9.99 -32.72 -12.82
C MET C 369 -11.13 -33.36 -12.04
N ASN C 370 -11.13 -33.17 -10.72
CA ASN C 370 -12.12 -33.80 -9.86
C ASN C 370 -12.65 -32.89 -8.74
N THR C 371 -13.84 -33.20 -8.26
CA THR C 371 -14.43 -32.52 -7.09
C THR C 371 -15.46 -33.42 -6.41
N THR C 372 -15.85 -33.05 -5.19
CA THR C 372 -16.86 -33.79 -4.43
C THR C 372 -18.04 -32.86 -4.14
N LEU C 373 -19.07 -33.42 -3.51
CA LEU C 373 -20.21 -32.61 -3.07
C LEU C 373 -19.81 -31.67 -1.95
N GLU C 374 -18.91 -32.13 -1.08
CA GLU C 374 -18.37 -31.32 0.00
C GLU C 374 -17.72 -30.04 -0.52
N GLU C 375 -16.93 -30.17 -1.60
CA GLU C 375 -16.27 -29.03 -2.25
C GLU C 375 -17.24 -28.15 -3.01
N ILE C 376 -18.24 -28.75 -3.66
CA ILE C 376 -19.24 -28.01 -4.43
C ILE C 376 -20.13 -27.18 -3.51
N PHE C 377 -20.65 -27.80 -2.46
CA PHE C 377 -21.47 -27.08 -1.50
C PHE C 377 -20.62 -26.67 -0.31
N PHE C 378 -19.79 -25.66 -0.59
CA PHE C 378 -18.69 -25.21 0.26
C PHE C 378 -19.12 -24.63 1.60
N ASP C 379 -20.34 -24.11 1.64
CA ASP C 379 -20.90 -23.53 2.86
C ASP C 379 -21.98 -24.41 3.48
N SER C 380 -21.95 -25.69 3.15
CA SER C 380 -22.90 -26.65 3.72
C SER C 380 -22.22 -27.56 4.73
N ASN C 381 -22.87 -27.73 5.89
CA ASN C 381 -22.36 -28.58 6.95
C ASN C 381 -22.54 -30.05 6.62
N LEU C 382 -21.73 -30.91 7.25
CA LEU C 382 -21.87 -32.35 7.10
C LEU C 382 -23.27 -32.80 7.55
N GLY C 383 -23.85 -33.73 6.80
CA GLY C 383 -25.17 -34.27 7.10
C GLY C 383 -26.36 -33.39 6.74
N SER C 384 -26.09 -32.21 6.18
CA SER C 384 -27.13 -31.33 5.66
C SER C 384 -27.71 -31.91 4.38
N LYS C 385 -28.90 -31.45 3.99
CA LYS C 385 -29.62 -31.97 2.83
C LYS C 385 -28.74 -32.02 1.57
N LYS C 386 -28.16 -30.87 1.22
CA LYS C 386 -27.36 -30.75 0.01
C LYS C 386 -26.20 -31.76 -0.07
N LEU C 387 -25.60 -32.06 1.08
CA LEU C 387 -24.48 -33.02 1.12
C LEU C 387 -24.93 -34.47 1.20
N THR C 388 -26.19 -34.68 1.58
CA THR C 388 -26.73 -36.03 1.77
C THR C 388 -27.61 -36.47 0.59
N SER C 389 -28.04 -35.50 -0.22
CA SER C 389 -28.84 -35.77 -1.40
C SER C 389 -27.97 -36.21 -2.58
N THR C 390 -28.61 -36.71 -3.63
CA THR C 390 -27.94 -37.02 -4.89
C THR C 390 -28.31 -35.94 -5.91
N TRP C 391 -27.33 -35.56 -6.74
CA TRP C 391 -27.51 -34.47 -7.69
C TRP C 391 -27.24 -34.92 -9.11
N ASP C 392 -28.10 -34.48 -10.03
CA ASP C 392 -27.95 -34.77 -11.44
C ASP C 392 -27.00 -33.77 -12.06
N ILE C 393 -26.09 -34.25 -12.91
CA ILE C 393 -25.09 -33.41 -13.54
C ILE C 393 -25.47 -33.11 -14.99
N TYR C 394 -25.55 -31.83 -15.32
CA TYR C 394 -25.86 -31.38 -16.66
C TYR C 394 -24.68 -30.65 -17.29
N ASP C 395 -24.22 -31.14 -18.44
CA ASP C 395 -23.17 -30.46 -19.19
C ASP C 395 -23.78 -29.28 -19.93
N LEU C 396 -23.45 -28.07 -19.49
CA LEU C 396 -24.03 -26.85 -20.05
C LEU C 396 -23.58 -26.56 -21.49
N TRP C 397 -22.52 -27.23 -21.92
CA TRP C 397 -21.98 -27.03 -23.27
C TRP C 397 -22.48 -28.04 -24.29
N ALA C 398 -23.32 -28.97 -23.85
CA ALA C 398 -23.92 -29.93 -24.78
C ALA C 398 -24.97 -29.24 -25.65
N ASN C 399 -25.21 -29.83 -26.82
CA ASN C 399 -26.21 -29.34 -27.77
C ASN C 399 -25.92 -27.93 -28.28
N ARG C 400 -24.64 -27.60 -28.41
CA ARG C 400 -24.25 -26.32 -28.97
C ARG C 400 -24.41 -26.39 -30.49
N VAL C 401 -24.80 -25.27 -31.09
CA VAL C 401 -24.88 -25.18 -32.55
C VAL C 401 -23.56 -25.64 -33.14
N ASP C 402 -23.60 -26.63 -34.03
CA ASP C 402 -22.38 -27.16 -34.65
C ASP C 402 -21.76 -26.19 -35.65
N ASN C 403 -20.52 -26.47 -36.04
CA ASN C 403 -19.78 -25.60 -36.98
C ASN C 403 -20.41 -25.42 -38.35
N SER C 404 -21.16 -26.44 -38.80
CA SER C 404 -21.82 -26.42 -40.12
C SER C 404 -23.07 -25.53 -40.12
N THR C 405 -23.90 -25.71 -39.10
CA THR C 405 -25.12 -24.94 -38.95
C THR C 405 -24.79 -23.46 -38.75
N ALA C 406 -23.87 -23.16 -37.83
CA ALA C 406 -23.43 -21.78 -37.57
C ALA C 406 -22.89 -21.08 -38.82
N SER C 407 -22.05 -21.78 -39.58
CA SER C 407 -21.52 -21.27 -40.85
C SER C 407 -22.66 -20.89 -41.80
N ALA C 408 -23.66 -21.77 -41.90
CA ALA C 408 -24.83 -21.56 -42.75
C ALA C 408 -25.60 -20.32 -42.35
N ILE C 409 -25.84 -20.15 -41.05
CA ILE C 409 -26.56 -18.99 -40.52
C ILE C 409 -25.77 -17.69 -40.76
N LEU C 410 -24.47 -17.72 -40.48
CA LEU C 410 -23.59 -16.58 -40.72
C LEU C 410 -23.49 -16.25 -42.21
N GLY C 411 -23.47 -17.30 -43.04
CA GLY C 411 -23.44 -17.16 -44.50
C GLY C 411 -24.83 -16.93 -45.11
N ARG C 412 -25.81 -16.62 -44.26
CA ARG C 412 -27.18 -16.26 -44.66
C ARG C 412 -28.01 -17.38 -45.34
N ASN C 413 -27.42 -18.56 -45.52
CA ASN C 413 -28.14 -19.71 -46.07
C ASN C 413 -29.32 -20.18 -45.19
N LYS C 414 -29.09 -20.21 -43.87
CA LYS C 414 -30.14 -20.57 -42.92
C LYS C 414 -30.55 -19.39 -42.03
N THR C 415 -31.73 -19.51 -41.41
CA THR C 415 -32.15 -18.56 -40.39
C THR C 415 -31.86 -19.11 -39.00
N ALA C 416 -31.63 -18.20 -38.07
CA ALA C 416 -31.43 -18.55 -36.66
C ALA C 416 -32.74 -19.00 -36.00
N THR C 417 -33.86 -18.47 -36.51
CA THR C 417 -35.21 -18.81 -36.04
C THR C 417 -35.39 -20.34 -35.99
N GLY C 418 -35.85 -20.84 -34.85
CA GLY C 418 -36.02 -22.27 -34.66
C GLY C 418 -34.76 -23.00 -34.24
N ILE C 419 -33.61 -22.35 -34.40
CA ILE C 419 -32.33 -22.92 -33.97
C ILE C 419 -31.86 -22.31 -32.65
N LEU C 420 -31.82 -20.98 -32.57
CA LEU C 420 -31.42 -20.29 -31.35
C LEU C 420 -32.60 -20.02 -30.45
N TYR C 421 -32.40 -20.20 -29.13
CA TYR C 421 -33.41 -19.89 -28.13
C TYR C 421 -33.82 -18.42 -28.20
N ASN C 422 -35.13 -18.18 -28.14
CA ASN C 422 -35.68 -16.82 -28.22
C ASN C 422 -36.12 -16.38 -26.83
N ALA C 423 -35.35 -15.47 -26.24
CA ALA C 423 -35.62 -14.96 -24.89
C ALA C 423 -36.70 -13.90 -24.89
N THR C 424 -36.86 -13.20 -26.03
CA THR C 424 -37.96 -12.25 -26.22
C THR C 424 -39.30 -12.99 -26.17
N GLU C 425 -39.34 -14.17 -26.78
CA GLU C 425 -40.53 -15.02 -26.81
C GLU C 425 -40.80 -15.68 -25.45
N GLN C 426 -39.73 -16.00 -24.74
CA GLN C 426 -39.81 -16.69 -23.47
C GLN C 426 -38.59 -16.36 -22.63
N SER C 427 -38.78 -15.53 -21.60
CA SER C 427 -37.71 -15.15 -20.68
C SER C 427 -36.96 -16.37 -20.14
N TYR C 428 -35.69 -16.18 -19.81
CA TYR C 428 -34.86 -17.27 -19.26
C TYR C 428 -35.47 -17.88 -18.00
N LYS C 429 -36.02 -17.03 -17.12
CA LYS C 429 -36.74 -17.49 -15.94
C LYS C 429 -37.87 -18.48 -16.28
N ASP C 430 -38.72 -18.09 -17.23
CA ASP C 430 -39.82 -18.94 -17.69
C ASP C 430 -39.29 -20.28 -18.18
N GLY C 431 -38.31 -20.23 -19.08
CA GLY C 431 -37.71 -21.42 -19.66
C GLY C 431 -37.18 -22.37 -18.59
N LEU C 432 -36.62 -21.81 -17.52
CA LEU C 432 -36.12 -22.61 -16.41
C LEU C 432 -37.28 -23.27 -15.64
N SER C 433 -38.36 -22.51 -15.45
CA SER C 433 -39.58 -23.02 -14.80
C SER C 433 -40.19 -24.13 -15.65
N LYS C 434 -40.25 -23.92 -16.96
CA LYS C 434 -40.81 -24.91 -17.89
C LYS C 434 -39.86 -26.09 -18.10
N ASN C 435 -38.61 -25.93 -17.65
CA ASN C 435 -37.62 -26.99 -17.73
C ASN C 435 -37.12 -27.28 -19.15
N ASP C 436 -36.92 -26.23 -19.94
CA ASP C 436 -36.42 -26.40 -21.29
C ASP C 436 -35.02 -27.02 -21.30
N THR C 437 -34.90 -28.21 -21.90
CA THR C 437 -33.61 -28.88 -22.11
C THR C 437 -32.65 -27.93 -22.81
N ARG C 438 -33.23 -26.99 -23.55
CA ARG C 438 -32.55 -25.86 -24.18
C ARG C 438 -31.69 -25.03 -23.22
N LEU C 439 -32.13 -24.92 -21.97
CA LEU C 439 -31.47 -24.04 -21.02
C LEU C 439 -30.67 -24.80 -19.96
N PHE C 440 -30.80 -26.11 -19.92
CA PHE C 440 -30.17 -26.93 -18.89
C PHE C 440 -29.03 -27.78 -19.42
N GLY C 441 -28.84 -27.79 -20.73
CA GLY C 441 -27.85 -28.65 -21.35
C GLY C 441 -28.33 -30.09 -21.33
N GLN C 442 -27.40 -31.02 -21.31
CA GLN C 442 -27.72 -32.44 -21.33
C GLN C 442 -27.27 -33.13 -20.05
N LYS C 443 -28.16 -33.93 -19.46
CA LYS C 443 -27.82 -34.75 -18.30
C LYS C 443 -26.80 -35.82 -18.71
N ILE C 444 -25.65 -35.83 -18.03
CA ILE C 444 -24.56 -36.77 -18.36
C ILE C 444 -24.31 -37.75 -17.22
N GLY C 445 -25.11 -37.65 -16.18
CA GLY C 445 -24.96 -38.51 -15.01
C GLY C 445 -25.42 -37.86 -13.72
N SER C 446 -25.01 -38.46 -12.61
CA SER C 446 -25.37 -37.95 -11.29
C SER C 446 -24.21 -38.08 -10.30
N LEU C 447 -24.24 -37.24 -9.25
CA LEU C 447 -23.23 -37.29 -8.21
C LEU C 447 -23.88 -37.59 -6.88
N SER C 448 -23.33 -38.59 -6.19
CA SER C 448 -23.87 -39.02 -4.91
C SER C 448 -22.87 -38.77 -3.77
N PRO C 449 -23.36 -38.65 -2.53
CA PRO C 449 -22.45 -38.45 -1.38
C PRO C 449 -21.34 -39.49 -1.35
N ASN C 450 -20.14 -39.08 -0.92
CA ASN C 450 -18.95 -39.94 -0.89
C ASN C 450 -18.40 -40.34 -2.26
N ALA C 451 -19.12 -40.00 -3.32
CA ALA C 451 -18.63 -40.21 -4.69
C ALA C 451 -17.85 -38.98 -5.19
N ILE C 452 -17.03 -39.20 -6.22
CA ILE C 452 -16.25 -38.10 -6.82
C ILE C 452 -16.70 -37.79 -8.26
N LEU C 453 -16.87 -36.51 -8.56
CA LEU C 453 -17.10 -36.06 -9.94
C LEU C 453 -15.77 -35.85 -10.61
N ASN C 454 -15.53 -36.62 -11.69
CA ASN C 454 -14.28 -36.53 -12.43
C ASN C 454 -14.52 -36.36 -13.94
N THR C 455 -13.67 -35.56 -14.58
CA THR C 455 -13.70 -35.37 -16.03
C THR C 455 -12.30 -35.16 -16.55
N THR C 456 -12.22 -35.05 -17.86
CA THR C 456 -11.02 -34.61 -18.54
C THR C 456 -11.31 -33.20 -19.05
N VAL C 457 -10.46 -32.25 -18.67
CA VAL C 457 -10.61 -30.87 -19.08
C VAL C 457 -9.44 -30.45 -19.96
N PRO C 458 -9.72 -29.94 -21.17
CA PRO C 458 -8.65 -29.55 -22.11
C PRO C 458 -7.79 -28.39 -21.60
N ALA C 459 -6.61 -28.26 -22.19
CA ALA C 459 -5.71 -27.15 -21.90
C ALA C 459 -6.41 -25.83 -22.17
N HIS C 460 -6.35 -24.93 -21.19
CA HIS C 460 -7.02 -23.62 -21.27
C HIS C 460 -8.53 -23.78 -21.50
N GLY C 461 -9.08 -24.89 -21.00
CA GLY C 461 -10.48 -25.21 -21.19
C GLY C 461 -11.27 -25.32 -19.91
N ILE C 462 -12.55 -25.67 -20.05
CA ILE C 462 -13.46 -25.69 -18.92
C ILE C 462 -14.43 -26.88 -18.98
N ALA C 463 -14.79 -27.39 -17.81
CA ALA C 463 -15.95 -28.25 -17.66
C ALA C 463 -16.97 -27.44 -16.86
N PHE C 464 -18.12 -27.22 -17.46
CA PHE C 464 -19.10 -26.29 -16.94
C PHE C 464 -20.43 -27.00 -16.72
N TYR C 465 -20.78 -27.20 -15.46
CA TYR C 465 -21.95 -28.00 -15.08
C TYR C 465 -23.03 -27.24 -14.33
N ARG C 466 -24.27 -27.68 -14.51
CA ARG C 466 -25.40 -27.31 -13.67
C ARG C 466 -25.87 -28.56 -12.95
N LEU C 467 -25.89 -28.50 -11.62
CA LEU C 467 -26.35 -29.62 -10.81
C LEU C 467 -27.77 -29.38 -10.33
N ARG C 468 -28.61 -30.40 -10.49
CA ARG C 468 -30.00 -30.35 -10.03
C ARG C 468 -30.24 -31.46 -9.01
N PRO C 469 -31.13 -31.22 -8.03
CA PRO C 469 -31.43 -32.30 -7.07
C PRO C 469 -32.20 -33.42 -7.77
N SER C 470 -31.89 -34.67 -7.41
CA SER C 470 -32.57 -35.82 -8.00
C SER C 470 -34.01 -35.94 -7.54
N VAL D 19 -4.38 9.75 -26.11
CA VAL D 19 -4.12 11.08 -26.75
C VAL D 19 -5.10 12.16 -26.29
N SER D 20 -4.55 13.37 -26.14
CA SER D 20 -5.29 14.58 -25.83
C SER D 20 -4.41 15.72 -26.32
N PRO D 21 -5.00 16.89 -26.62
CA PRO D 21 -4.14 18.00 -27.05
C PRO D 21 -3.19 18.43 -25.95
N SER D 22 -2.04 18.98 -26.33
CA SER D 22 -1.13 19.62 -25.39
C SER D 22 -1.91 20.72 -24.66
N TYR D 23 -1.86 20.70 -23.33
CA TYR D 23 -2.61 21.65 -22.50
C TYR D 23 -2.24 23.11 -22.80
N ASN D 24 -1.02 23.32 -23.27
CA ASN D 24 -0.53 24.68 -23.55
C ASN D 24 0.11 24.85 -24.94
N GLY D 25 0.01 23.82 -25.78
CA GLY D 25 0.55 23.87 -27.14
C GLY D 25 2.03 23.56 -27.28
N LEU D 26 2.73 23.42 -26.15
CA LEU D 26 4.16 23.10 -26.16
C LEU D 26 4.40 21.61 -25.93
N GLY D 27 5.64 21.18 -26.20
CA GLY D 27 6.03 19.79 -25.97
C GLY D 27 5.37 18.81 -26.92
N LEU D 28 5.19 19.23 -28.17
CA LEU D 28 4.65 18.35 -29.22
C LEU D 28 5.57 17.16 -29.48
N THR D 29 6.85 17.34 -29.14
CA THR D 29 7.81 16.25 -29.03
C THR D 29 8.51 16.46 -27.68
N PRO D 30 9.24 15.44 -27.18
CA PRO D 30 9.98 15.64 -25.93
C PRO D 30 11.03 16.75 -26.07
N GLN D 31 11.21 17.53 -25.01
CA GLN D 31 12.21 18.61 -24.99
C GLN D 31 13.63 18.06 -25.05
N MET D 32 14.54 18.86 -25.59
CA MET D 32 15.95 18.50 -25.63
C MET D 32 16.77 19.68 -25.15
N GLY D 33 17.94 19.42 -24.58
CA GLY D 33 18.77 20.49 -24.03
C GLY D 33 19.85 20.04 -23.07
N TRP D 34 20.12 20.90 -22.07
CA TRP D 34 21.23 20.69 -21.15
C TRP D 34 20.95 21.26 -19.76
N ASP D 35 21.51 20.61 -18.75
CA ASP D 35 21.36 21.01 -17.35
C ASP D 35 22.69 20.91 -16.61
N ASN D 36 22.99 21.90 -15.78
CA ASN D 36 24.28 21.99 -15.08
C ASN D 36 24.44 21.09 -13.85
N TRP D 37 23.35 20.48 -13.39
CA TRP D 37 23.35 19.76 -12.12
C TRP D 37 24.32 18.58 -12.07
N ASN D 38 24.12 17.61 -12.98
CA ASN D 38 24.86 16.32 -12.98
C ASN D 38 26.37 16.43 -12.79
N THR D 39 26.94 17.60 -13.06
CA THR D 39 28.39 17.80 -12.93
C THR D 39 28.76 18.98 -12.04
N PHE D 40 28.13 20.13 -12.28
CA PHE D 40 28.49 21.38 -11.59
C PHE D 40 27.72 21.63 -10.29
N ALA D 41 26.62 20.90 -10.08
CA ALA D 41 25.77 21.07 -8.89
C ALA D 41 25.48 22.56 -8.58
N CYS D 42 25.73 22.99 -7.34
CA CYS D 42 25.52 24.38 -6.92
C CYS D 42 26.47 25.37 -7.56
N ASP D 43 27.67 24.90 -7.93
CA ASP D 43 28.71 25.76 -8.49
C ASP D 43 28.32 26.21 -9.90
N VAL D 44 27.82 27.44 -9.99
CA VAL D 44 27.24 28.00 -11.22
C VAL D 44 27.60 29.48 -11.37
N SER D 45 27.39 30.02 -12.57
CA SER D 45 27.68 31.43 -12.88
C SER D 45 27.14 31.81 -14.26
N GLU D 46 27.08 33.11 -14.53
CA GLU D 46 26.71 33.62 -15.86
C GLU D 46 27.70 33.13 -16.91
N GLN D 47 28.99 33.13 -16.55
CA GLN D 47 30.04 32.72 -17.47
C GLN D 47 29.93 31.23 -17.80
N LEU D 48 29.80 30.39 -16.77
CA LEU D 48 29.67 28.94 -16.98
C LEU D 48 28.51 28.68 -17.96
N LEU D 49 27.38 29.34 -17.71
CA LEU D 49 26.17 29.11 -18.49
C LEU D 49 26.37 29.53 -19.95
N LEU D 50 26.88 30.74 -20.14
CA LEU D 50 27.07 31.30 -21.48
C LEU D 50 28.17 30.60 -22.28
N ASP D 51 29.30 30.31 -21.63
CA ASP D 51 30.37 29.54 -22.29
C ASP D 51 29.86 28.18 -22.78
N THR D 52 29.21 27.44 -21.88
CA THR D 52 28.61 26.15 -22.18
C THR D 52 27.61 26.26 -23.32
N ALA D 53 26.74 27.27 -23.25
CA ALA D 53 25.80 27.55 -24.34
C ALA D 53 26.53 27.66 -25.68
N ASP D 54 27.54 28.53 -25.73
CA ASP D 54 28.37 28.69 -26.92
C ASP D 54 28.94 27.36 -27.38
N ARG D 55 29.53 26.62 -26.44
CA ARG D 55 30.15 25.31 -26.72
C ARG D 55 29.12 24.35 -27.33
N ILE D 56 27.92 24.31 -26.75
CA ILE D 56 26.86 23.43 -27.26
C ILE D 56 26.51 23.81 -28.70
N SER D 57 26.43 25.12 -28.94
CA SER D 57 26.19 25.64 -30.29
C SER D 57 27.33 25.29 -31.23
N ASP D 58 28.57 25.49 -30.77
CA ASP D 58 29.75 25.25 -31.59
C ASP D 58 29.94 23.79 -31.97
N LEU D 59 29.61 22.90 -31.04
CA LEU D 59 29.70 21.46 -31.29
C LEU D 59 28.55 20.95 -32.15
N GLY D 60 27.63 21.83 -32.51
CA GLY D 60 26.53 21.51 -33.42
C GLY D 60 25.33 20.82 -32.77
N LEU D 61 25.42 20.63 -31.46
CA LEU D 61 24.35 19.95 -30.71
C LEU D 61 23.09 20.80 -30.66
N LYS D 62 23.25 22.12 -30.53
CA LYS D 62 22.11 23.04 -30.51
C LYS D 62 21.21 22.82 -31.72
N ASP D 63 21.83 22.71 -32.89
CA ASP D 63 21.10 22.54 -34.15
C ASP D 63 20.57 21.12 -34.36
N MET D 64 20.91 20.22 -33.44
CA MET D 64 20.34 18.87 -33.43
C MET D 64 19.03 18.82 -32.66
N GLY D 65 18.76 19.86 -31.89
CA GLY D 65 17.52 19.97 -31.12
C GLY D 65 17.74 20.36 -29.67
N TYR D 66 18.99 20.26 -29.21
CA TYR D 66 19.35 20.60 -27.83
C TYR D 66 19.23 22.11 -27.57
N LYS D 67 18.01 22.62 -27.58
CA LYS D 67 17.75 24.05 -27.51
C LYS D 67 17.70 24.60 -26.10
N TYR D 68 17.28 23.77 -25.15
CA TYR D 68 17.02 24.27 -23.79
C TYR D 68 18.26 24.33 -22.91
N ILE D 69 18.61 25.54 -22.48
CA ILE D 69 19.68 25.72 -21.52
C ILE D 69 19.03 25.89 -20.15
N ILE D 70 19.14 24.85 -19.33
CA ILE D 70 18.44 24.82 -18.06
C ILE D 70 19.37 25.09 -16.90
N LEU D 71 19.14 26.22 -16.24
CA LEU D 71 19.84 26.59 -15.03
C LEU D 71 19.12 25.95 -13.86
N ASP D 72 19.88 25.25 -13.02
CA ASP D 72 19.30 24.45 -11.94
C ASP D 72 19.29 25.22 -10.62
N ASP D 73 19.56 24.54 -9.51
CA ASP D 73 19.45 25.11 -8.17
C ASP D 73 20.62 26.04 -7.85
N CYS D 74 20.51 26.71 -6.70
CA CYS D 74 21.57 27.56 -6.13
C CYS D 74 21.88 28.78 -7.01
N TRP D 75 20.83 29.46 -7.46
CA TRP D 75 20.98 30.63 -8.34
C TRP D 75 20.52 31.95 -7.70
N SER D 76 19.63 31.85 -6.72
CA SER D 76 19.11 33.02 -6.03
C SER D 76 19.92 33.32 -4.78
N SER D 77 19.75 34.53 -4.24
CA SER D 77 20.45 34.92 -3.01
C SER D 77 19.46 35.09 -1.87
N GLY D 78 18.20 35.28 -2.23
CA GLY D 78 17.12 35.52 -1.26
C GLY D 78 15.92 36.12 -1.96
N ARG D 79 15.08 36.81 -1.20
CA ARG D 79 13.92 37.52 -1.75
C ARG D 79 14.03 39.01 -1.45
N ASP D 80 13.62 39.85 -2.40
CA ASP D 80 13.68 41.29 -2.19
C ASP D 80 12.46 41.80 -1.42
N SER D 81 12.45 43.11 -1.19
CA SER D 81 11.43 43.79 -0.42
C SER D 81 10.00 43.54 -0.89
N ASP D 82 9.82 43.37 -2.20
CA ASP D 82 8.50 43.14 -2.79
C ASP D 82 8.04 41.67 -2.75
N GLY D 83 8.86 40.81 -2.14
CA GLY D 83 8.55 39.37 -2.11
C GLY D 83 9.07 38.63 -3.33
N PHE D 84 9.39 39.38 -4.39
CA PHE D 84 9.97 38.84 -5.62
C PHE D 84 11.33 38.22 -5.39
N LEU D 85 11.69 37.26 -6.24
CA LEU D 85 12.99 36.57 -6.15
C LEU D 85 14.15 37.46 -6.58
N VAL D 86 15.31 37.24 -5.96
CA VAL D 86 16.53 37.96 -6.30
C VAL D 86 17.65 36.98 -6.66
N ALA D 87 18.23 37.17 -7.85
CA ALA D 87 19.34 36.35 -8.33
C ALA D 87 20.65 36.73 -7.65
N ASP D 88 21.41 35.71 -7.25
CA ASP D 88 22.71 35.90 -6.59
C ASP D 88 23.68 36.64 -7.51
N GLU D 89 23.86 37.93 -7.22
CA GLU D 89 24.61 38.84 -8.12
C GLU D 89 26.09 38.52 -8.29
N GLN D 90 26.67 37.80 -7.33
CA GLN D 90 28.03 37.25 -7.48
C GLN D 90 28.08 36.27 -8.66
N LYS D 91 27.06 35.42 -8.76
CA LYS D 91 26.97 34.44 -9.83
C LYS D 91 26.36 35.06 -11.10
N PHE D 92 25.38 35.95 -10.89
CA PHE D 92 24.67 36.59 -11.99
C PHE D 92 24.61 38.11 -11.80
N PRO D 93 25.70 38.82 -12.19
CA PRO D 93 25.81 40.26 -11.96
C PRO D 93 25.02 41.13 -12.94
N ASN D 94 24.46 40.52 -14.00
CA ASN D 94 23.65 41.28 -14.95
C ASN D 94 22.15 40.98 -14.85
N GLY D 95 21.80 40.07 -13.95
CA GLY D 95 20.42 39.61 -13.83
C GLY D 95 20.19 38.41 -14.73
N MET D 96 18.97 37.86 -14.68
CA MET D 96 18.66 36.65 -15.42
C MET D 96 18.26 36.95 -16.87
N GLY D 97 17.41 37.96 -17.07
CA GLY D 97 16.96 38.37 -18.41
C GLY D 97 18.11 38.65 -19.36
N HIS D 98 19.25 39.07 -18.82
CA HIS D 98 20.47 39.31 -19.57
C HIS D 98 21.03 37.99 -20.13
N VAL D 99 20.91 36.93 -19.34
CA VAL D 99 21.32 35.61 -19.77
C VAL D 99 20.34 35.09 -20.83
N ALA D 100 19.04 35.32 -20.59
CA ALA D 100 18.01 34.94 -21.55
C ALA D 100 18.30 35.52 -22.93
N ASP D 101 18.58 36.82 -22.96
CA ASP D 101 18.85 37.54 -24.20
C ASP D 101 20.03 36.96 -24.96
N HIS D 102 21.15 36.76 -24.28
CA HIS D 102 22.30 36.11 -24.92
C HIS D 102 21.88 34.79 -25.57
N LEU D 103 21.08 34.02 -24.85
CA LEU D 103 20.62 32.71 -25.32
C LEU D 103 19.68 32.84 -26.51
N HIS D 104 18.68 33.73 -26.40
CA HIS D 104 17.80 34.01 -27.53
C HIS D 104 18.58 34.44 -28.79
N ASN D 105 19.56 35.33 -28.59
CA ASN D 105 20.41 35.81 -29.70
C ASN D 105 21.15 34.69 -30.43
N ASN D 106 21.49 33.62 -29.69
CA ASN D 106 22.15 32.46 -30.28
C ASN D 106 21.15 31.33 -30.58
N SER D 107 19.86 31.68 -30.59
CA SER D 107 18.77 30.76 -30.92
C SER D 107 18.54 29.64 -29.90
N PHE D 108 18.95 29.88 -28.66
CA PHE D 108 18.67 28.96 -27.56
C PHE D 108 17.36 29.34 -26.87
N LEU D 109 16.87 28.43 -26.01
CA LEU D 109 15.76 28.73 -25.13
C LEU D 109 16.23 28.59 -23.68
N PHE D 110 15.67 29.42 -22.80
CA PHE D 110 16.18 29.56 -21.44
C PHE D 110 15.27 28.92 -20.39
N GLY D 111 15.88 28.10 -19.52
CA GLY D 111 15.15 27.39 -18.48
C GLY D 111 15.68 27.65 -17.09
N MET D 112 14.75 27.84 -16.16
CA MET D 112 15.10 28.08 -14.76
C MET D 112 14.47 27.07 -13.81
N TYR D 113 14.89 27.13 -12.55
CA TYR D 113 14.55 26.14 -11.55
C TYR D 113 13.83 26.75 -10.35
N SER D 114 12.90 25.97 -9.79
CA SER D 114 12.26 26.28 -8.52
C SER D 114 11.69 25.00 -7.90
N SER D 115 11.12 25.13 -6.71
CA SER D 115 10.53 23.98 -6.02
C SER D 115 9.14 24.32 -5.52
N ALA D 116 8.21 23.38 -5.67
CA ALA D 116 6.87 23.53 -5.12
C ALA D 116 6.91 23.29 -3.61
N GLY D 117 7.71 24.10 -2.93
CA GLY D 117 7.92 23.98 -1.50
C GLY D 117 8.49 25.25 -0.91
N GLU D 118 8.73 25.23 0.40
CA GLU D 118 9.25 26.38 1.13
C GLU D 118 10.65 26.75 0.67
N TYR D 119 11.49 25.74 0.47
CA TYR D 119 12.84 25.95 -0.04
C TYR D 119 13.09 25.05 -1.24
N THR D 120 14.17 25.32 -1.96
CA THR D 120 14.62 24.41 -3.00
C THR D 120 15.43 23.30 -2.32
N CYS D 121 15.74 22.25 -3.08
CA CYS D 121 16.46 21.10 -2.55
C CYS D 121 17.82 21.45 -1.98
N ALA D 122 18.36 22.59 -2.39
CA ALA D 122 19.64 23.09 -1.87
C ALA D 122 19.49 24.16 -0.78
N GLY D 123 18.24 24.53 -0.48
CA GLY D 123 17.95 25.43 0.64
C GLY D 123 17.67 26.88 0.30
N TYR D 124 17.42 27.16 -0.98
CA TYR D 124 17.17 28.52 -1.44
C TYR D 124 15.66 28.78 -1.49
N PRO D 125 15.22 30.04 -1.63
CA PRO D 125 13.79 30.36 -1.65
C PRO D 125 12.96 29.48 -2.59
N GLY D 126 11.83 29.00 -2.10
CA GLY D 126 10.94 28.15 -2.89
C GLY D 126 9.60 28.82 -3.15
N SER D 127 8.81 28.25 -4.05
CA SER D 127 7.69 28.96 -4.65
C SER D 127 6.32 28.66 -4.05
N LEU D 128 6.25 27.78 -3.06
CA LEU D 128 4.96 27.36 -2.51
C LEU D 128 4.22 28.52 -1.83
N GLY D 129 3.00 28.78 -2.31
CA GLY D 129 2.18 29.90 -1.84
C GLY D 129 2.63 31.24 -2.41
N ARG D 130 3.70 31.22 -3.19
CA ARG D 130 4.24 32.42 -3.82
C ARG D 130 4.37 32.21 -5.33
N GLU D 131 3.38 31.55 -5.91
CA GLU D 131 3.47 31.09 -7.29
C GLU D 131 3.39 32.21 -8.32
N GLU D 132 2.43 33.12 -8.15
CA GLU D 132 2.25 34.27 -9.06
C GLU D 132 3.48 35.18 -9.15
N GLU D 133 4.00 35.60 -7.99
CA GLU D 133 5.19 36.44 -7.93
C GLU D 133 6.35 35.78 -8.66
N ASP D 134 6.58 34.51 -8.36
CA ASP D 134 7.68 33.76 -8.93
C ASP D 134 7.49 33.52 -10.42
N ALA D 135 6.28 33.13 -10.81
CA ALA D 135 5.93 32.95 -12.23
C ALA D 135 6.20 34.24 -13.00
N GLN D 136 5.73 35.35 -12.44
CA GLN D 136 5.92 36.66 -13.06
C GLN D 136 7.40 37.02 -13.17
N PHE D 137 8.15 36.73 -12.11
CA PHE D 137 9.60 36.94 -12.11
C PHE D 137 10.26 36.21 -13.27
N PHE D 138 9.83 34.98 -13.53
CA PHE D 138 10.41 34.19 -14.61
C PHE D 138 10.00 34.77 -15.97
N ALA D 139 8.75 35.23 -16.08
CA ALA D 139 8.28 35.83 -17.32
C ALA D 139 9.01 37.14 -17.58
N ASN D 140 9.12 37.96 -16.53
CA ASN D 140 9.84 39.23 -16.59
C ASN D 140 11.29 39.06 -17.07
N ASN D 141 11.93 37.98 -16.63
CA ASN D 141 13.28 37.67 -17.09
C ASN D 141 13.30 36.77 -18.33
N ARG D 142 12.18 36.75 -19.04
CA ARG D 142 12.05 36.12 -20.37
C ARG D 142 12.46 34.64 -20.41
N VAL D 143 11.89 33.88 -19.48
CA VAL D 143 12.15 32.44 -19.32
C VAL D 143 11.19 31.59 -20.17
N ASP D 144 11.70 30.50 -20.73
CA ASP D 144 10.95 29.67 -21.67
C ASP D 144 10.56 28.32 -21.08
N TYR D 145 11.18 27.99 -19.95
CA TYR D 145 11.15 26.63 -19.41
C TYR D 145 11.32 26.66 -17.88
N LEU D 146 10.44 25.95 -17.18
CA LEU D 146 10.55 25.84 -15.73
C LEU D 146 10.63 24.39 -15.24
N LYS D 147 11.74 24.04 -14.62
CA LYS D 147 11.87 22.78 -13.89
C LYS D 147 11.40 23.04 -12.44
N TYR D 148 10.33 22.34 -12.05
CA TYR D 148 9.64 22.64 -10.80
C TYR D 148 9.66 21.46 -9.81
N ALA D 149 10.53 21.57 -8.80
CA ALA D 149 10.88 20.45 -7.91
C ALA D 149 9.88 20.19 -6.78
N ASN D 150 10.24 19.24 -5.91
CA ASN D 150 9.32 18.72 -4.88
C ASN D 150 9.88 18.75 -3.44
N CYS D 151 10.93 19.52 -3.22
CA CYS D 151 11.53 19.61 -1.89
C CYS D 151 10.80 20.55 -0.95
N TYR D 152 10.74 20.15 0.32
CA TYR D 152 10.14 20.95 1.40
C TYR D 152 8.71 21.43 1.11
N ASN D 153 7.86 20.47 0.74
CA ASN D 153 6.49 20.76 0.29
C ASN D 153 5.45 20.92 1.41
N LYS D 154 5.92 21.04 2.65
CA LYS D 154 5.06 21.32 3.81
C LYS D 154 3.90 20.32 3.96
N GLY D 155 4.16 19.05 3.69
CA GLY D 155 3.18 17.98 3.82
C GLY D 155 2.07 18.01 2.77
N GLN D 156 2.28 18.73 1.68
CA GLN D 156 1.26 18.82 0.64
C GLN D 156 1.42 17.75 -0.43
N PHE D 157 1.37 16.49 0.01
CA PHE D 157 1.51 15.31 -0.84
C PHE D 157 0.87 14.15 -0.09
N GLY D 158 0.80 12.98 -0.74
CA GLY D 158 0.28 11.78 -0.09
C GLY D 158 -0.95 11.22 -0.77
N THR D 159 -1.63 12.08 -1.52
CA THR D 159 -2.71 11.65 -2.40
C THR D 159 -2.52 12.34 -3.75
N PRO D 160 -3.05 11.76 -4.84
CA PRO D 160 -2.98 12.43 -6.15
C PRO D 160 -3.54 13.84 -6.14
N GLU D 161 -4.70 14.03 -5.53
CA GLU D 161 -5.39 15.32 -5.53
C GLU D 161 -4.54 16.47 -5.00
N ILE D 162 -3.98 16.28 -3.80
CA ILE D 162 -3.22 17.34 -3.12
C ILE D 162 -1.94 17.72 -3.89
N SER D 163 -1.27 16.74 -4.47
CA SER D 163 -0.09 16.99 -5.30
C SER D 163 -0.48 17.68 -6.60
N TYR D 164 -1.61 17.27 -7.17
CA TYR D 164 -2.11 17.87 -8.40
C TYR D 164 -2.36 19.37 -8.24
N HIS D 165 -3.02 19.77 -7.16
CA HIS D 165 -3.34 21.18 -6.91
C HIS D 165 -2.10 22.02 -6.63
N ARG D 166 -1.13 21.46 -5.90
CA ARG D 166 0.13 22.13 -5.63
C ARG D 166 0.86 22.46 -6.94
N TYR D 167 0.86 21.52 -7.88
CA TYR D 167 1.54 21.75 -9.15
C TYR D 167 0.70 22.51 -10.17
N LYS D 168 -0.63 22.46 -10.00
CA LYS D 168 -1.54 23.25 -10.81
C LYS D 168 -1.39 24.74 -10.48
N ALA D 169 -1.10 25.03 -9.22
CA ALA D 169 -0.92 26.40 -8.76
C ALA D 169 0.07 27.16 -9.63
N MET D 170 1.26 26.57 -9.82
CA MET D 170 2.30 27.17 -10.64
C MET D 170 1.94 27.07 -12.13
N SER D 171 1.22 26.03 -12.51
CA SER D 171 0.79 25.87 -13.89
C SER D 171 -0.10 27.03 -14.28
N ASP D 172 -1.04 27.35 -13.39
CA ASP D 172 -1.94 28.47 -13.57
C ASP D 172 -1.18 29.79 -13.52
N ALA D 173 -0.22 29.87 -12.61
CA ALA D 173 0.53 31.10 -12.37
C ALA D 173 1.34 31.51 -13.61
N LEU D 174 1.91 30.50 -14.27
CA LEU D 174 2.63 30.71 -15.52
C LEU D 174 1.69 31.14 -16.64
N ASN D 175 0.51 30.53 -16.69
CA ASN D 175 -0.48 30.88 -17.71
C ASN D 175 -0.94 32.33 -17.63
N LYS D 176 -1.07 32.80 -16.39
CA LYS D 176 -1.49 34.17 -16.09
C LYS D 176 -0.53 35.21 -16.65
N THR D 177 0.77 34.88 -16.69
CA THR D 177 1.79 35.81 -17.19
C THR D 177 1.72 36.01 -18.70
N GLY D 178 0.89 35.19 -19.36
CA GLY D 178 0.71 35.26 -20.81
C GLY D 178 1.91 34.81 -21.63
N ARG D 179 3.03 34.50 -20.95
CA ARG D 179 4.23 34.03 -21.64
C ARG D 179 4.22 32.50 -21.79
N PRO D 180 4.48 32.01 -23.02
CA PRO D 180 4.64 30.57 -23.21
C PRO D 180 5.82 30.02 -22.40
N VAL D 181 5.54 29.07 -21.51
CA VAL D 181 6.58 28.44 -20.69
C VAL D 181 6.42 26.93 -20.68
N PHE D 182 7.49 26.22 -21.08
CA PHE D 182 7.54 24.77 -21.00
C PHE D 182 7.65 24.36 -19.53
N TYR D 183 6.59 23.72 -19.04
CA TYR D 183 6.46 23.40 -17.62
C TYR D 183 6.85 21.96 -17.35
N SER D 184 7.98 21.81 -16.64
CA SER D 184 8.59 20.53 -16.35
C SER D 184 8.45 20.18 -14.87
N LEU D 185 7.60 19.20 -14.59
CA LEU D 185 7.38 18.73 -13.22
C LEU D 185 8.55 17.86 -12.74
N CYS D 186 8.90 18.02 -11.47
CA CYS D 186 9.99 17.27 -10.87
C CYS D 186 9.56 16.78 -9.49
N ASN D 187 8.50 15.97 -9.45
CA ASN D 187 8.00 15.40 -8.19
C ASN D 187 8.34 13.90 -8.03
N TRP D 188 9.14 13.40 -8.95
CA TRP D 188 9.69 12.03 -8.89
C TRP D 188 8.62 10.95 -8.99
N GLY D 189 7.49 11.29 -9.60
CA GLY D 189 6.40 10.34 -9.79
C GLY D 189 5.48 10.19 -8.60
N GLN D 190 5.69 11.03 -7.58
CA GLN D 190 4.94 10.95 -6.34
C GLN D 190 3.45 11.14 -6.56
N ASP D 191 2.66 10.27 -5.95
CA ASP D 191 1.21 10.30 -6.03
C ASP D 191 0.71 10.09 -7.46
N LEU D 192 1.39 9.19 -8.16
CA LEU D 192 0.98 8.71 -9.49
C LEU D 192 0.86 9.83 -10.53
N THR D 193 1.95 10.56 -10.74
CA THR D 193 1.98 11.72 -11.61
C THR D 193 1.58 11.42 -13.07
N PHE D 194 1.92 10.24 -13.56
CA PHE D 194 1.60 9.87 -14.94
C PHE D 194 0.11 10.00 -15.27
N TYR D 195 -0.73 9.92 -14.24
CA TYR D 195 -2.17 10.06 -14.39
C TYR D 195 -2.65 11.49 -14.58
N TRP D 196 -2.04 12.43 -13.86
CA TRP D 196 -2.57 13.80 -13.78
C TRP D 196 -1.66 14.89 -14.36
N GLY D 197 -0.49 14.50 -14.86
CA GLY D 197 0.48 15.46 -15.38
C GLY D 197 0.08 16.19 -16.65
N SER D 198 -0.50 15.45 -17.60
CA SER D 198 -0.77 15.96 -18.97
C SER D 198 -1.60 17.24 -19.03
N GLY D 199 -2.63 17.32 -18.20
CA GLY D 199 -3.54 18.46 -18.20
C GLY D 199 -3.02 19.76 -17.61
N ILE D 200 -1.84 19.72 -16.98
CA ILE D 200 -1.26 20.91 -16.33
C ILE D 200 0.23 21.12 -16.63
N ALA D 201 0.85 20.16 -17.31
CA ALA D 201 2.30 20.21 -17.54
C ALA D 201 2.70 19.56 -18.86
N ASN D 202 3.96 19.74 -19.25
CA ASN D 202 4.49 19.19 -20.50
C ASN D 202 5.35 17.95 -20.29
N SER D 203 5.93 17.82 -19.10
CA SER D 203 6.72 16.66 -18.73
C SER D 203 6.81 16.50 -17.21
N TRP D 204 6.88 15.27 -16.76
CA TRP D 204 6.95 14.98 -15.34
C TRP D 204 7.99 13.91 -15.02
N ARG D 205 8.86 14.21 -14.07
CA ARG D 205 9.77 13.22 -13.52
C ARG D 205 8.96 12.09 -12.89
N MET D 206 9.32 10.85 -13.21
CA MET D 206 8.55 9.71 -12.76
C MET D 206 9.31 8.83 -11.78
N SER D 207 10.50 9.27 -11.41
CA SER D 207 11.33 8.55 -10.45
C SER D 207 12.26 9.50 -9.70
N GLY D 208 12.99 8.96 -8.72
CA GLY D 208 14.08 9.68 -8.09
C GLY D 208 15.27 9.82 -9.04
N ASP D 209 16.21 10.66 -8.66
CA ASP D 209 17.33 11.03 -9.53
C ASP D 209 18.14 9.85 -10.02
N VAL D 210 18.53 9.92 -11.29
CA VAL D 210 19.41 8.94 -11.90
C VAL D 210 20.84 9.15 -11.42
N THR D 211 21.65 8.11 -11.56
CA THR D 211 23.08 8.16 -11.27
C THR D 211 23.84 7.40 -12.36
N ALA D 212 25.15 7.63 -12.44
CA ALA D 212 25.98 6.96 -13.45
C ALA D 212 26.24 5.50 -13.10
N GLU D 213 25.16 4.77 -12.82
CA GLU D 213 25.19 3.33 -12.60
C GLU D 213 24.13 2.69 -13.48
N PHE D 214 24.48 1.60 -14.13
CA PHE D 214 23.57 0.94 -15.04
C PHE D 214 22.57 0.07 -14.30
N THR D 215 23.01 -0.70 -13.30
CA THR D 215 22.13 -1.65 -12.59
C THR D 215 22.11 -1.50 -11.06
N ARG D 216 23.19 -0.97 -10.50
CA ARG D 216 23.42 -0.94 -9.05
C ARG D 216 22.23 -0.50 -8.19
N PRO D 217 21.72 -1.41 -7.33
CA PRO D 217 20.74 -1.00 -6.34
C PRO D 217 21.40 -0.10 -5.29
N ASP D 218 20.64 0.83 -4.73
CA ASP D 218 21.17 1.79 -3.79
C ASP D 218 20.20 1.97 -2.64
N SER D 219 20.73 2.00 -1.42
CA SER D 219 19.91 2.22 -0.23
C SER D 219 19.18 3.57 -0.24
N ARG D 220 19.69 4.51 -1.03
CA ARG D 220 19.07 5.83 -1.18
C ARG D 220 17.94 5.83 -2.20
N CYS D 221 17.81 4.73 -2.92
CA CYS D 221 16.73 4.50 -3.87
C CYS D 221 16.02 3.19 -3.50
N PRO D 222 15.22 3.21 -2.42
CA PRO D 222 14.68 1.96 -1.85
C PRO D 222 13.70 1.19 -2.73
N CYS D 223 12.97 1.88 -3.61
CA CYS D 223 12.01 1.23 -4.50
C CYS D 223 12.70 0.55 -5.70
N ASP D 224 12.45 -0.75 -5.87
CA ASP D 224 13.02 -1.48 -7.01
C ASP D 224 12.28 -1.22 -8.32
N GLY D 225 12.70 -1.90 -9.39
CA GLY D 225 12.19 -1.66 -10.73
C GLY D 225 10.71 -1.90 -10.89
N ASP D 226 10.14 -2.76 -10.06
CA ASP D 226 8.71 -3.08 -10.13
C ASP D 226 7.83 -2.11 -9.38
N GLU D 227 8.43 -1.29 -8.52
CA GLU D 227 7.67 -0.37 -7.67
C GLU D 227 7.49 1.02 -8.29
N TYR D 228 6.65 1.08 -9.32
CA TYR D 228 6.29 2.33 -10.02
C TYR D 228 5.48 3.25 -9.12
N ASP D 229 4.80 2.68 -8.12
CA ASP D 229 4.07 3.45 -7.12
C ASP D 229 4.92 3.54 -5.85
N CYS D 230 5.93 4.40 -5.90
CA CYS D 230 6.93 4.51 -4.86
C CYS D 230 6.56 5.57 -3.82
N LYS D 231 6.75 5.24 -2.55
CA LYS D 231 6.43 6.18 -1.47
C LYS D 231 7.65 6.96 -0.97
N TYR D 232 8.84 6.47 -1.33
CA TYR D 232 10.10 7.15 -1.05
C TYR D 232 10.95 7.09 -2.31
N ALA D 233 10.69 8.01 -3.24
CA ALA D 233 11.39 8.06 -4.54
C ALA D 233 12.91 8.02 -4.44
N GLY D 234 13.45 8.80 -3.50
CA GLY D 234 14.88 8.85 -3.23
C GLY D 234 15.70 9.37 -4.38
N PHE D 235 16.95 8.97 -4.43
CA PHE D 235 17.85 9.30 -5.54
C PHE D 235 18.98 8.26 -5.66
N HIS D 236 19.90 8.47 -6.59
CA HIS D 236 20.96 7.52 -6.92
C HIS D 236 20.38 6.20 -7.42
N CYS D 237 19.27 6.32 -8.14
CA CYS D 237 18.62 5.20 -8.78
C CYS D 237 19.38 4.85 -10.05
N SER D 238 19.52 3.57 -10.32
CA SER D 238 20.27 3.12 -11.51
C SER D 238 19.44 3.34 -12.77
N ILE D 239 20.13 3.37 -13.91
CA ILE D 239 19.50 3.49 -15.21
C ILE D 239 18.42 2.42 -15.42
N MET D 240 18.73 1.17 -15.08
CA MET D 240 17.75 0.09 -15.23
C MET D 240 16.60 0.15 -14.23
N ASN D 241 16.85 0.71 -13.06
CA ASN D 241 15.82 0.93 -12.05
C ASN D 241 14.74 1.90 -12.54
N ILE D 242 15.18 2.96 -13.19
CA ILE D 242 14.27 3.99 -13.70
C ILE D 242 13.53 3.52 -14.97
N LEU D 243 14.25 2.89 -15.89
CA LEU D 243 13.64 2.34 -17.09
C LEU D 243 12.58 1.32 -16.73
N ASN D 244 12.88 0.48 -15.74
CA ASN D 244 11.95 -0.53 -15.27
C ASN D 244 10.70 0.07 -14.63
N LYS D 245 10.88 1.16 -13.90
CA LYS D 245 9.75 1.90 -13.34
C LYS D 245 8.90 2.54 -14.42
N ALA D 246 9.54 2.97 -15.50
CA ALA D 246 8.86 3.69 -16.58
C ALA D 246 8.06 2.78 -17.51
N ALA D 247 8.48 1.53 -17.60
CA ALA D 247 7.88 0.58 -18.53
C ALA D 247 6.33 0.63 -18.62
N PRO D 248 5.61 0.58 -17.47
CA PRO D 248 4.15 0.60 -17.59
C PRO D 248 3.57 1.98 -17.87
N MET D 249 4.38 3.02 -17.71
CA MET D 249 3.91 4.40 -17.79
C MET D 249 3.74 4.94 -19.21
N GLY D 250 4.28 4.23 -20.20
CA GLY D 250 4.25 4.66 -21.60
C GLY D 250 2.86 5.03 -22.07
N GLN D 251 1.89 4.23 -21.65
CA GLN D 251 0.49 4.41 -22.02
C GLN D 251 -0.13 5.74 -21.55
N ASN D 252 0.54 6.44 -20.64
CA ASN D 252 0.04 7.72 -20.14
C ASN D 252 0.87 8.92 -20.59
N ALA D 253 1.72 8.69 -21.59
CA ALA D 253 2.48 9.75 -22.23
C ALA D 253 2.03 9.93 -23.68
N GLY D 254 2.32 11.10 -24.23
CA GLY D 254 1.95 11.43 -25.60
C GLY D 254 2.27 12.86 -25.94
N VAL D 255 1.80 13.31 -27.10
CA VAL D 255 2.03 14.67 -27.58
C VAL D 255 1.57 15.69 -26.54
N GLY D 256 2.52 16.49 -26.06
CA GLY D 256 2.20 17.53 -25.09
C GLY D 256 2.43 17.18 -23.63
N GLY D 257 2.70 15.90 -23.36
CA GLY D 257 2.91 15.44 -21.97
C GLY D 257 3.70 14.16 -21.88
N TRP D 258 4.95 14.26 -21.42
CA TRP D 258 5.88 13.13 -21.46
C TRP D 258 6.36 12.63 -20.08
N ASN D 259 6.67 11.34 -20.02
CA ASN D 259 7.37 10.77 -18.88
C ASN D 259 8.84 11.18 -18.93
N ASP D 260 9.33 11.72 -17.82
CA ASP D 260 10.70 12.19 -17.74
C ASP D 260 11.52 11.23 -16.87
N LEU D 261 12.49 10.57 -17.49
CA LEU D 261 13.35 9.62 -16.79
C LEU D 261 14.66 10.26 -16.31
N ASP D 262 14.64 11.58 -16.16
CA ASP D 262 15.78 12.36 -15.64
C ASP D 262 16.88 12.57 -16.69
N ASN D 263 17.75 13.55 -16.43
CA ASN D 263 18.81 13.94 -17.36
C ASN D 263 19.71 12.77 -17.74
N LEU D 264 20.26 12.83 -18.95
CA LEU D 264 21.14 11.76 -19.43
C LEU D 264 22.46 11.75 -18.68
N GLU D 265 22.96 10.55 -18.42
CA GLU D 265 24.21 10.36 -17.69
C GLU D 265 25.35 10.01 -18.65
N VAL D 266 25.08 10.11 -19.94
CA VAL D 266 26.10 9.92 -20.98
C VAL D 266 27.17 11.01 -20.83
N GLY D 267 28.41 10.60 -20.68
CA GLY D 267 29.52 11.53 -20.47
C GLY D 267 29.79 11.88 -19.01
N VAL D 268 28.91 11.42 -18.12
CA VAL D 268 29.07 11.57 -16.68
C VAL D 268 29.50 10.24 -16.06
N GLY D 269 30.40 10.30 -15.08
CA GLY D 269 30.81 9.11 -14.35
C GLY D 269 31.60 8.14 -15.20
N ASN D 270 31.44 6.85 -14.92
CA ASN D 270 32.24 5.81 -15.56
C ASN D 270 31.44 4.65 -16.15
N LEU D 271 30.45 4.99 -16.97
CA LEU D 271 29.70 4.00 -17.74
C LEU D 271 30.51 3.57 -18.96
N THR D 272 30.32 2.32 -19.40
CA THR D 272 30.97 1.83 -20.60
C THR D 272 30.26 2.41 -21.81
N ASP D 273 30.90 2.31 -22.97
CA ASP D 273 30.30 2.76 -24.21
C ASP D 273 28.96 2.06 -24.44
N ASP D 274 28.92 0.74 -24.19
CA ASP D 274 27.71 -0.07 -24.35
C ASP D 274 26.57 0.37 -23.44
N GLU D 275 26.92 0.67 -22.19
CA GLU D 275 25.95 1.20 -21.21
C GLU D 275 25.41 2.54 -21.64
N GLU D 276 26.28 3.38 -22.21
CA GLU D 276 25.88 4.71 -22.63
C GLU D 276 24.94 4.66 -23.84
N LYS D 277 25.22 3.76 -24.77
CA LYS D 277 24.35 3.54 -25.94
C LYS D 277 22.99 3.04 -25.52
N ALA D 278 22.98 2.02 -24.65
CA ALA D 278 21.74 1.43 -24.14
C ALA D 278 20.91 2.49 -23.43
N HIS D 279 21.56 3.23 -22.55
CA HIS D 279 20.93 4.30 -21.76
C HIS D 279 20.32 5.37 -22.66
N PHE D 280 21.07 5.81 -23.65
CA PHE D 280 20.63 6.85 -24.58
C PHE D 280 19.49 6.38 -25.50
N SER D 281 19.64 5.17 -26.04
CA SER D 281 18.63 4.60 -26.93
C SER D 281 17.28 4.45 -26.23
N MET D 282 17.31 3.86 -25.04
CA MET D 282 16.08 3.58 -24.28
C MET D 282 15.37 4.87 -23.90
N TRP D 283 16.15 5.84 -23.43
CA TRP D 283 15.60 7.15 -23.11
C TRP D 283 14.89 7.76 -24.31
N ALA D 284 15.44 7.53 -25.50
CA ALA D 284 14.84 8.04 -26.73
C ALA D 284 13.62 7.24 -27.13
N MET D 285 13.68 5.92 -26.97
CA MET D 285 12.61 5.05 -27.40
C MET D 285 11.34 5.17 -26.55
N VAL D 286 11.49 5.56 -25.28
CA VAL D 286 10.33 5.74 -24.39
C VAL D 286 9.83 7.18 -24.39
N LYS D 287 10.39 7.99 -25.30
CA LYS D 287 10.02 9.40 -25.47
C LYS D 287 10.27 10.24 -24.21
N SER D 288 11.41 9.98 -23.56
CA SER D 288 11.85 10.80 -22.45
C SER D 288 12.54 12.05 -22.98
N PRO D 289 12.46 13.15 -22.22
CA PRO D 289 13.28 14.30 -22.47
C PRO D 289 14.74 13.89 -22.63
N LEU D 290 15.42 14.42 -23.64
CA LEU D 290 16.85 14.16 -23.82
C LEU D 290 17.62 15.40 -23.37
N ILE D 291 18.05 15.39 -22.13
CA ILE D 291 18.75 16.53 -21.55
C ILE D 291 20.16 16.11 -21.17
N ILE D 292 21.14 16.79 -21.76
CA ILE D 292 22.55 16.51 -21.48
C ILE D 292 22.87 16.84 -20.02
N GLY D 293 23.43 15.87 -19.32
CA GLY D 293 23.90 16.08 -17.96
C GLY D 293 25.42 16.23 -17.90
N ALA D 294 26.08 15.89 -19.01
CA ALA D 294 27.53 15.95 -19.09
C ALA D 294 28.07 17.37 -19.10
N ASN D 295 29.30 17.52 -18.62
CA ASN D 295 30.09 18.72 -18.83
C ASN D 295 30.58 18.74 -20.28
N VAL D 296 29.98 19.61 -21.09
CA VAL D 296 30.27 19.68 -22.53
C VAL D 296 31.68 20.22 -22.80
N ASN D 297 32.27 20.90 -21.83
CA ASN D 297 33.64 21.40 -21.92
C ASN D 297 34.67 20.35 -21.52
N ASN D 298 34.18 19.20 -21.07
CA ASN D 298 35.03 18.09 -20.66
C ASN D 298 34.43 16.77 -21.11
N LEU D 299 33.74 16.81 -22.26
CA LEU D 299 33.06 15.68 -22.84
C LEU D 299 34.01 14.79 -23.66
N LYS D 300 33.99 13.48 -23.41
CA LYS D 300 34.85 12.58 -24.18
C LYS D 300 34.21 12.21 -25.52
N ALA D 301 35.05 11.74 -26.44
CA ALA D 301 34.64 11.46 -27.82
C ALA D 301 33.42 10.53 -27.93
N SER D 302 33.56 9.32 -27.38
CA SER D 302 32.53 8.29 -27.44
C SER D 302 31.17 8.79 -26.96
N SER D 303 31.19 9.56 -25.87
CA SER D 303 29.97 10.15 -25.33
C SER D 303 29.39 11.19 -26.27
N TYR D 304 30.27 12.00 -26.86
CA TYR D 304 29.86 13.03 -27.80
C TYR D 304 29.17 12.43 -29.03
N SER D 305 29.71 11.35 -29.56
CA SER D 305 29.12 10.72 -30.74
C SER D 305 27.76 10.11 -30.45
N ILE D 306 27.58 9.61 -29.23
CA ILE D 306 26.28 9.10 -28.78
C ILE D 306 25.23 10.21 -28.75
N TYR D 307 25.53 11.32 -28.10
CA TYR D 307 24.60 12.47 -28.05
C TYR D 307 24.21 12.97 -29.44
N SER D 308 25.07 12.71 -30.41
CA SER D 308 24.93 13.29 -31.75
C SER D 308 24.40 12.30 -32.80
N GLN D 309 23.93 11.14 -32.33
CA GLN D 309 23.38 10.13 -33.22
C GLN D 309 21.99 10.53 -33.71
N ALA D 310 21.96 11.17 -34.88
CA ALA D 310 20.72 11.70 -35.46
C ALA D 310 19.65 10.61 -35.63
N SER D 311 20.11 9.42 -35.97
CA SER D 311 19.28 8.23 -36.12
C SER D 311 18.39 7.99 -34.90
N VAL D 312 19.01 8.07 -33.71
CA VAL D 312 18.35 7.76 -32.45
C VAL D 312 17.49 8.94 -31.98
N ILE D 313 18.01 10.15 -32.15
CA ILE D 313 17.23 11.34 -31.84
C ILE D 313 15.93 11.37 -32.65
N ALA D 314 16.00 10.95 -33.92
CA ALA D 314 14.81 10.87 -34.79
C ALA D 314 13.67 10.02 -34.19
N ILE D 315 14.04 8.92 -33.54
CA ILE D 315 13.12 8.07 -32.79
C ILE D 315 12.42 8.87 -31.67
N ASN D 316 13.22 9.55 -30.84
CA ASN D 316 12.70 10.37 -29.76
C ASN D 316 11.84 11.51 -30.26
N GLN D 317 12.25 12.11 -31.37
CA GLN D 317 11.56 13.29 -31.92
C GLN D 317 10.48 12.93 -32.94
N ASP D 318 10.11 11.65 -32.99
CA ASP D 318 9.05 11.19 -33.87
C ASP D 318 7.80 12.03 -33.67
N SER D 319 7.22 12.48 -34.78
CA SER D 319 5.99 13.27 -34.73
C SER D 319 4.82 12.37 -34.30
N ASN D 320 3.87 12.94 -33.57
CA ASN D 320 2.80 12.15 -32.93
C ASN D 320 3.40 10.99 -32.15
N GLY D 321 4.38 11.31 -31.30
CA GLY D 321 5.18 10.33 -30.58
C GLY D 321 4.40 9.36 -29.69
N ILE D 322 4.75 8.09 -29.80
CA ILE D 322 4.23 7.03 -28.93
C ILE D 322 5.40 6.30 -28.27
N PRO D 323 5.46 6.30 -26.93
CA PRO D 323 6.51 5.55 -26.24
C PRO D 323 6.45 4.08 -26.59
N ALA D 324 7.61 3.43 -26.64
CA ALA D 324 7.66 1.99 -26.93
C ALA D 324 7.12 1.16 -25.78
N THR D 325 6.77 -0.08 -26.09
CA THR D 325 6.24 -1.04 -25.13
C THR D 325 7.29 -2.10 -24.87
N ARG D 326 7.47 -2.48 -23.60
CA ARG D 326 8.32 -3.61 -23.26
C ARG D 326 7.54 -4.89 -23.54
N VAL D 327 8.04 -5.69 -24.47
CA VAL D 327 7.34 -6.89 -24.91
C VAL D 327 7.61 -8.05 -23.96
N TRP D 328 8.87 -8.25 -23.59
CA TRP D 328 9.22 -9.26 -22.59
C TRP D 328 10.43 -8.90 -21.75
N ARG D 329 10.54 -9.58 -20.62
CA ARG D 329 11.64 -9.42 -19.69
C ARG D 329 11.91 -10.72 -18.96
N TYR D 330 13.15 -11.19 -19.03
CA TYR D 330 13.56 -12.38 -18.31
C TYR D 330 14.83 -12.11 -17.50
N TYR D 331 14.91 -12.72 -16.31
CA TYR D 331 16.13 -12.65 -15.51
C TYR D 331 17.06 -13.76 -15.94
N VAL D 332 18.35 -13.44 -15.98
CA VAL D 332 19.36 -14.38 -16.46
C VAL D 332 20.36 -14.69 -15.35
N SER D 333 21.07 -15.80 -15.48
CA SER D 333 22.05 -16.21 -14.47
C SER D 333 23.37 -15.43 -14.60
N ASP D 334 23.58 -14.79 -15.75
CA ASP D 334 24.72 -13.91 -15.96
C ASP D 334 24.51 -12.59 -15.25
N THR D 335 24.86 -12.55 -13.96
CA THR D 335 24.63 -11.38 -13.11
C THR D 335 25.94 -10.64 -12.87
N ASP D 336 25.85 -9.33 -12.67
CA ASP D 336 27.04 -8.52 -12.44
C ASP D 336 27.46 -8.53 -10.97
N GLU D 337 28.39 -7.64 -10.63
CA GLU D 337 28.94 -7.50 -9.27
C GLU D 337 27.86 -7.16 -8.24
N TYR D 338 26.69 -6.74 -8.72
CA TYR D 338 25.58 -6.35 -7.85
C TYR D 338 24.40 -7.33 -7.89
N GLY D 339 24.61 -8.51 -8.49
CA GLY D 339 23.58 -9.53 -8.57
C GLY D 339 22.48 -9.26 -9.58
N GLN D 340 22.67 -8.22 -10.39
CA GLN D 340 21.68 -7.80 -11.36
C GLN D 340 21.94 -8.39 -12.74
N GLY D 341 20.87 -8.86 -13.38
CA GLY D 341 20.98 -9.41 -14.72
C GLY D 341 19.65 -9.77 -15.31
N GLU D 342 19.20 -8.98 -16.28
CA GLU D 342 17.95 -9.25 -16.98
C GLU D 342 18.08 -8.92 -18.46
N ILE D 343 17.28 -9.58 -19.29
CA ILE D 343 17.20 -9.25 -20.72
C ILE D 343 15.81 -8.74 -21.10
N GLN D 344 15.76 -7.73 -21.96
CA GLN D 344 14.50 -7.12 -22.35
C GLN D 344 14.35 -6.90 -23.85
N MET D 345 13.11 -6.99 -24.32
CA MET D 345 12.77 -6.59 -25.68
C MET D 345 11.70 -5.51 -25.67
N TRP D 346 11.93 -4.46 -26.44
CA TRP D 346 10.96 -3.40 -26.56
C TRP D 346 10.61 -3.18 -28.02
N SER D 347 9.34 -2.91 -28.29
CA SER D 347 8.89 -2.61 -29.63
C SER D 347 7.96 -1.40 -29.56
N GLY D 348 7.94 -0.62 -30.64
CA GLY D 348 7.14 0.60 -30.67
C GLY D 348 6.81 1.09 -32.07
N PRO D 349 5.57 1.58 -32.28
CA PRO D 349 5.17 2.09 -33.58
C PRO D 349 5.79 3.46 -33.88
N LEU D 350 6.13 3.68 -35.15
CA LEU D 350 6.63 4.99 -35.62
C LEU D 350 5.63 5.64 -36.57
N ASP D 351 5.63 6.97 -36.58
CA ASP D 351 4.64 7.76 -37.33
C ASP D 351 4.48 7.38 -38.81
N ASN D 352 5.60 7.11 -39.49
CA ASN D 352 5.56 6.78 -40.91
C ASN D 352 5.25 5.30 -41.24
N GLY D 353 4.84 4.55 -40.22
CA GLY D 353 4.52 3.13 -40.41
C GLY D 353 5.66 2.19 -40.04
N ASP D 354 6.81 2.76 -39.71
CA ASP D 354 7.97 1.97 -39.26
C ASP D 354 7.80 1.48 -37.82
N GLN D 355 8.76 0.68 -37.35
CA GLN D 355 8.72 0.11 -36.02
C GLN D 355 10.10 0.11 -35.37
N VAL D 356 10.20 0.66 -34.16
CA VAL D 356 11.44 0.60 -33.39
C VAL D 356 11.51 -0.72 -32.64
N VAL D 357 12.69 -1.34 -32.63
CA VAL D 357 12.90 -2.58 -31.87
C VAL D 357 14.20 -2.48 -31.09
N ALA D 358 14.15 -2.87 -29.81
CA ALA D 358 15.32 -2.87 -28.95
C ALA D 358 15.49 -4.23 -28.31
N LEU D 359 16.67 -4.81 -28.50
CA LEU D 359 17.03 -6.02 -27.77
C LEU D 359 18.05 -5.62 -26.73
N LEU D 360 17.64 -5.62 -25.47
CA LEU D 360 18.44 -5.05 -24.40
C LEU D 360 19.05 -6.12 -23.51
N ASN D 361 20.38 -6.23 -23.54
CA ASN D 361 21.08 -7.21 -22.73
C ASN D 361 21.63 -6.59 -21.45
N GLY D 362 20.88 -6.74 -20.37
CA GLY D 362 21.30 -6.23 -19.07
C GLY D 362 22.10 -7.25 -18.29
N GLY D 363 22.36 -8.39 -18.92
CA GLY D 363 23.22 -9.43 -18.35
C GLY D 363 24.68 -9.02 -18.36
N SER D 364 25.50 -9.77 -17.62
CA SER D 364 26.90 -9.41 -17.40
C SER D 364 27.81 -9.90 -18.51
N VAL D 365 27.25 -10.70 -19.41
CA VAL D 365 28.02 -11.36 -20.45
C VAL D 365 27.38 -11.09 -21.81
N SER D 366 28.21 -11.04 -22.84
CA SER D 366 27.74 -10.97 -24.23
C SER D 366 26.87 -12.20 -24.52
N ARG D 367 25.76 -11.99 -25.21
CA ARG D 367 24.84 -13.10 -25.51
C ARG D 367 24.11 -12.94 -26.83
N PRO D 368 23.74 -14.07 -27.46
CA PRO D 368 22.80 -14.01 -28.58
C PRO D 368 21.39 -13.65 -28.09
N MET D 369 20.73 -12.76 -28.81
CA MET D 369 19.35 -12.39 -28.52
C MET D 369 18.53 -12.53 -29.79
N ASN D 370 17.27 -12.95 -29.65
CA ASN D 370 16.43 -13.21 -30.81
C ASN D 370 14.98 -12.75 -30.63
N THR D 371 14.31 -12.49 -31.75
CA THR D 371 12.89 -12.16 -31.75
C THR D 371 12.26 -12.50 -33.10
N THR D 372 10.94 -12.52 -33.17
CA THR D 372 10.21 -12.79 -34.40
C THR D 372 9.34 -11.61 -34.74
N LEU D 373 8.64 -11.67 -35.87
CA LEU D 373 7.70 -10.64 -36.25
C LEU D 373 6.47 -10.65 -35.34
N GLU D 374 6.07 -11.85 -34.91
CA GLU D 374 4.96 -12.04 -33.96
C GLU D 374 5.23 -11.30 -32.65
N GLU D 375 6.47 -11.36 -32.17
CA GLU D 375 6.86 -10.67 -30.94
C GLU D 375 7.00 -9.16 -31.17
N ILE D 376 7.52 -8.78 -32.33
CA ILE D 376 7.71 -7.37 -32.66
C ILE D 376 6.37 -6.64 -32.81
N PHE D 377 5.46 -7.26 -33.55
CA PHE D 377 4.15 -6.67 -33.74
C PHE D 377 3.16 -7.35 -32.80
N PHE D 378 3.32 -6.97 -31.53
CA PHE D 378 2.71 -7.65 -30.38
C PHE D 378 1.20 -7.54 -30.31
N ASP D 379 0.66 -6.49 -30.92
CA ASP D 379 -0.79 -6.30 -30.98
C ASP D 379 -1.38 -6.57 -32.36
N SER D 380 -0.66 -7.36 -33.17
CA SER D 380 -1.12 -7.74 -34.50
C SER D 380 -1.56 -9.21 -34.54
N ASN D 381 -2.73 -9.44 -35.12
CA ASN D 381 -3.28 -10.78 -35.25
C ASN D 381 -2.55 -11.59 -36.33
N LEU D 382 -2.63 -12.91 -36.22
CA LEU D 382 -2.06 -13.78 -37.25
C LEU D 382 -2.71 -13.49 -38.61
N GLY D 383 -1.90 -13.50 -39.66
CA GLY D 383 -2.39 -13.30 -41.02
C GLY D 383 -2.65 -11.85 -41.41
N SER D 384 -2.47 -10.94 -40.45
CA SER D 384 -2.58 -9.50 -40.72
C SER D 384 -1.38 -9.04 -41.56
N LYS D 385 -1.51 -7.88 -42.21
CA LYS D 385 -0.47 -7.36 -43.09
C LYS D 385 0.92 -7.38 -42.45
N LYS D 386 1.04 -6.75 -41.29
CA LYS D 386 2.33 -6.60 -40.61
C LYS D 386 3.05 -7.92 -40.32
N LEU D 387 2.29 -8.96 -40.02
CA LEU D 387 2.85 -10.28 -39.77
C LEU D 387 3.10 -11.10 -41.04
N THR D 388 2.47 -10.71 -42.15
CA THR D 388 2.59 -11.44 -43.40
C THR D 388 3.54 -10.76 -44.38
N SER D 389 3.86 -9.49 -44.13
CA SER D 389 4.80 -8.73 -44.94
C SER D 389 6.25 -9.05 -44.56
N THR D 390 7.18 -8.57 -45.39
CA THR D 390 8.61 -8.63 -45.09
C THR D 390 9.10 -7.23 -44.69
N TRP D 391 10.00 -7.17 -43.72
CA TRP D 391 10.46 -5.90 -43.18
C TRP D 391 11.97 -5.79 -43.31
N ASP D 392 12.42 -4.61 -43.70
CA ASP D 392 13.85 -4.31 -43.78
C ASP D 392 14.35 -3.86 -42.43
N ILE D 393 15.53 -4.34 -42.05
CA ILE D 393 16.09 -4.06 -40.74
C ILE D 393 17.21 -3.03 -40.85
N TYR D 394 17.08 -1.95 -40.10
CA TYR D 394 18.07 -0.88 -40.11
C TYR D 394 18.73 -0.76 -38.75
N ASP D 395 20.06 -0.87 -38.72
CA ASP D 395 20.81 -0.67 -37.49
C ASP D 395 20.95 0.81 -37.24
N LEU D 396 20.25 1.30 -36.22
CA LEU D 396 20.21 2.74 -35.93
C LEU D 396 21.55 3.27 -35.41
N TRP D 397 22.44 2.37 -35.01
CA TRP D 397 23.74 2.78 -34.46
C TRP D 397 24.87 2.79 -35.49
N ALA D 398 24.54 2.42 -36.72
CA ALA D 398 25.51 2.46 -37.81
C ALA D 398 25.79 3.92 -38.21
N ASN D 399 26.98 4.12 -38.80
CA ASN D 399 27.41 5.43 -39.29
C ASN D 399 27.51 6.47 -38.19
N ARG D 400 27.88 6.03 -36.99
CA ARG D 400 28.08 6.97 -35.88
C ARG D 400 29.44 7.66 -36.06
N VAL D 401 29.52 8.93 -35.68
CA VAL D 401 30.78 9.66 -35.71
C VAL D 401 31.84 8.83 -34.98
N ASP D 402 32.94 8.54 -35.66
CA ASP D 402 34.01 7.73 -35.05
C ASP D 402 34.78 8.50 -33.97
N ASN D 403 35.58 7.77 -33.19
CA ASN D 403 36.34 8.34 -32.08
C ASN D 403 37.37 9.40 -32.49
N SER D 404 37.91 9.28 -33.70
CA SER D 404 38.91 10.22 -34.21
C SER D 404 38.26 11.55 -34.62
N THR D 405 37.16 11.46 -35.37
CA THR D 405 36.44 12.63 -35.84
C THR D 405 35.89 13.43 -34.66
N ALA D 406 35.23 12.74 -33.74
CA ALA D 406 34.66 13.38 -32.55
C ALA D 406 35.73 14.09 -31.71
N SER D 407 36.87 13.43 -31.49
CA SER D 407 38.00 14.03 -30.78
C SER D 407 38.41 15.34 -31.44
N ALA D 408 38.54 15.32 -32.77
CA ALA D 408 38.91 16.48 -33.55
C ALA D 408 37.91 17.63 -33.37
N ILE D 409 36.63 17.32 -33.42
CA ILE D 409 35.57 18.33 -33.25
C ILE D 409 35.59 18.93 -31.85
N LEU D 410 35.74 18.06 -30.85
CA LEU D 410 35.81 18.48 -29.45
C LEU D 410 37.09 19.27 -29.18
N GLY D 411 38.18 18.85 -29.81
CA GLY D 411 39.46 19.55 -29.75
C GLY D 411 39.58 20.75 -30.69
N ARG D 412 38.43 21.19 -31.21
CA ARG D 412 38.30 22.38 -32.09
C ARG D 412 39.02 22.33 -33.45
N ASN D 413 39.75 21.25 -33.74
CA ASN D 413 40.41 21.06 -35.04
C ASN D 413 39.44 21.03 -36.23
N LYS D 414 38.31 20.35 -36.05
CA LYS D 414 37.27 20.27 -37.10
C LYS D 414 35.98 20.95 -36.67
N THR D 415 35.14 21.26 -37.64
CA THR D 415 33.80 21.76 -37.36
C THR D 415 32.80 20.62 -37.46
N ALA D 416 31.71 20.74 -36.70
CA ALA D 416 30.62 19.79 -36.74
C ALA D 416 29.82 19.93 -38.03
N THR D 417 29.79 21.15 -38.59
CA THR D 417 29.08 21.46 -39.83
C THR D 417 29.48 20.48 -40.92
N GLY D 418 28.48 19.90 -41.58
CA GLY D 418 28.72 18.89 -42.62
C GLY D 418 28.91 17.49 -42.08
N ILE D 419 29.17 17.38 -40.78
CA ILE D 419 29.31 16.08 -40.12
C ILE D 419 28.05 15.68 -39.34
N LEU D 420 27.56 16.57 -38.47
CA LEU D 420 26.34 16.32 -37.71
C LEU D 420 25.10 16.82 -38.45
N TYR D 421 24.04 16.02 -38.39
CA TYR D 421 22.75 16.37 -38.97
C TYR D 421 22.23 17.67 -38.36
N ASN D 422 21.73 18.55 -39.23
CA ASN D 422 21.22 19.85 -38.81
C ASN D 422 19.70 19.87 -38.86
N ALA D 423 19.09 19.80 -37.67
CA ALA D 423 17.65 19.75 -37.55
C ALA D 423 17.02 21.12 -37.74
N THR D 424 17.78 22.17 -37.46
CA THR D 424 17.34 23.54 -37.70
C THR D 424 17.16 23.75 -39.20
N GLU D 425 18.09 23.19 -39.98
CA GLU D 425 18.05 23.28 -41.44
C GLU D 425 16.95 22.41 -42.04
N GLN D 426 16.68 21.29 -41.40
CA GLN D 426 15.72 20.30 -41.88
C GLN D 426 15.20 19.49 -40.69
N SER D 427 13.96 19.74 -40.31
CA SER D 427 13.32 19.04 -39.20
C SER D 427 13.43 17.52 -39.39
N TYR D 428 13.39 16.79 -38.28
CA TYR D 428 13.47 15.33 -38.32
C TYR D 428 12.36 14.69 -39.16
N LYS D 429 11.15 15.23 -39.05
CA LYS D 429 10.01 14.78 -39.87
C LYS D 429 10.34 14.87 -41.37
N ASP D 430 10.82 16.04 -41.80
CA ASP D 430 11.21 16.24 -43.21
C ASP D 430 12.23 15.20 -43.64
N GLY D 431 13.31 15.09 -42.86
CA GLY D 431 14.38 14.14 -43.15
C GLY D 431 13.88 12.71 -43.31
N LEU D 432 12.87 12.35 -42.51
CA LEU D 432 12.24 11.04 -42.60
C LEU D 432 11.43 10.90 -43.89
N SER D 433 10.72 11.97 -44.26
CA SER D 433 9.97 12.03 -45.53
C SER D 433 10.90 11.94 -46.72
N LYS D 434 12.03 12.66 -46.65
CA LYS D 434 13.04 12.66 -47.71
C LYS D 434 13.85 11.37 -47.71
N ASN D 435 13.73 10.60 -46.63
CA ASN D 435 14.39 9.30 -46.53
C ASN D 435 15.92 9.41 -46.33
N ASP D 436 16.36 10.37 -45.53
CA ASP D 436 17.79 10.55 -45.28
C ASP D 436 18.39 9.33 -44.58
N THR D 437 19.35 8.70 -45.25
CA THR D 437 20.10 7.57 -44.68
C THR D 437 20.69 8.00 -43.33
N ARG D 438 20.89 9.31 -43.21
CA ARG D 438 21.28 9.98 -41.99
C ARG D 438 20.40 9.66 -40.79
N LEU D 439 19.11 9.48 -41.03
CA LEU D 439 18.15 9.33 -39.94
C LEU D 439 17.64 7.90 -39.76
N PHE D 440 18.00 7.02 -40.71
CA PHE D 440 17.50 5.65 -40.71
C PHE D 440 18.56 4.62 -40.37
N GLY D 441 19.81 5.07 -40.24
CA GLY D 441 20.92 4.15 -40.02
C GLY D 441 21.21 3.40 -41.30
N GLN D 442 21.72 2.17 -41.16
CA GLN D 442 22.13 1.37 -42.31
C GLN D 442 21.33 0.08 -42.36
N LYS D 443 20.79 -0.21 -43.54
CA LYS D 443 20.09 -1.47 -43.77
C LYS D 443 21.08 -2.63 -43.65
N ILE D 444 20.80 -3.58 -42.76
CA ILE D 444 21.69 -4.71 -42.52
C ILE D 444 21.04 -6.04 -42.92
N GLY D 445 19.82 -5.96 -43.46
CA GLY D 445 19.09 -7.15 -43.85
C GLY D 445 17.58 -6.97 -43.79
N SER D 446 16.88 -8.09 -43.82
CA SER D 446 15.42 -8.07 -43.76
C SER D 446 14.89 -9.23 -42.93
N LEU D 447 13.67 -9.08 -42.43
CA LEU D 447 13.00 -10.12 -41.64
C LEU D 447 11.71 -10.54 -42.33
N SER D 448 11.54 -11.84 -42.53
CA SER D 448 10.38 -12.40 -43.19
C SER D 448 9.54 -13.24 -42.23
N PRO D 449 8.23 -13.40 -42.50
CA PRO D 449 7.39 -14.26 -41.67
C PRO D 449 8.02 -15.63 -41.46
N ASN D 450 7.84 -16.18 -40.26
CA ASN D 450 8.39 -17.50 -39.88
C ASN D 450 9.92 -17.53 -39.72
N ALA D 451 10.58 -16.43 -40.07
CA ALA D 451 12.01 -16.27 -39.83
C ALA D 451 12.29 -15.62 -38.47
N ILE D 452 13.51 -15.80 -37.96
CA ILE D 452 13.91 -15.19 -36.69
C ILE D 452 14.99 -14.12 -36.87
N LEU D 453 14.82 -12.99 -36.19
CA LEU D 453 15.86 -11.97 -36.12
C LEU D 453 16.78 -12.28 -34.96
N ASN D 454 18.05 -12.51 -35.27
CA ASN D 454 19.06 -12.85 -34.26
C ASN D 454 20.31 -11.96 -34.35
N THR D 455 20.85 -11.58 -33.20
CA THR D 455 22.10 -10.82 -33.13
C THR D 455 22.88 -11.26 -31.92
N THR D 456 24.07 -10.70 -31.79
CA THR D 456 24.86 -10.79 -30.58
C THR D 456 24.81 -9.42 -29.94
N VAL D 457 24.43 -9.38 -28.68
CA VAL D 457 24.31 -8.13 -27.96
C VAL D 457 25.31 -8.13 -26.81
N PRO D 458 26.14 -7.08 -26.72
CA PRO D 458 27.16 -7.01 -25.66
C PRO D 458 26.56 -6.88 -24.26
N ALA D 459 27.39 -7.19 -23.26
CA ALA D 459 27.03 -7.03 -21.85
C ALA D 459 26.63 -5.59 -21.60
N HIS D 460 25.48 -5.40 -20.95
CA HIS D 460 24.97 -4.06 -20.66
C HIS D 460 24.82 -3.24 -21.93
N GLY D 461 24.55 -3.92 -23.03
CA GLY D 461 24.44 -3.27 -24.33
C GLY D 461 23.09 -3.46 -25.00
N ILE D 462 22.97 -2.92 -26.22
CA ILE D 462 21.70 -2.90 -26.93
C ILE D 462 21.88 -3.18 -28.42
N ALA D 463 20.88 -3.82 -29.02
CA ALA D 463 20.72 -3.83 -30.46
C ALA D 463 19.47 -2.99 -30.73
N PHE D 464 19.62 -1.95 -31.54
CA PHE D 464 18.58 -0.94 -31.67
C PHE D 464 18.22 -0.76 -33.14
N TYR D 465 17.05 -1.27 -33.52
CA TYR D 465 16.63 -1.33 -34.93
C TYR D 465 15.40 -0.49 -35.28
N ARG D 466 15.38 -0.03 -36.53
CA ARG D 466 14.18 0.52 -37.15
C ARG D 466 13.78 -0.40 -38.30
N LEU D 467 12.55 -0.88 -38.27
CA LEU D 467 12.06 -1.78 -39.31
C LEU D 467 11.15 -1.04 -40.27
N ARG D 468 11.40 -1.21 -41.56
CA ARG D 468 10.59 -0.58 -42.59
C ARG D 468 9.96 -1.67 -43.46
N PRO D 469 8.74 -1.41 -43.97
CA PRO D 469 8.13 -2.39 -44.88
C PRO D 469 8.90 -2.48 -46.19
N SER D 470 9.05 -3.69 -46.72
CA SER D 470 9.75 -3.90 -48.00
C SER D 470 8.95 -3.39 -49.18
C1 NAG E . 20.81 -8.48 32.52
C2 NAG E . 20.69 -7.48 33.70
C3 NAG E . 21.77 -7.58 34.79
C4 NAG E . 22.41 -8.96 34.93
C5 NAG E . 22.54 -9.64 33.58
C6 NAG E . 23.11 -11.05 33.68
C7 NAG E . 19.73 -5.26 33.36
C8 NAG E . 19.97 -3.85 32.93
N2 NAG E . 20.77 -6.09 33.30
O3 NAG E . 21.20 -7.18 36.01
O4 NAG E . 23.68 -8.80 35.51
O5 NAG E . 21.25 -9.71 33.04
O6 NAG E . 23.54 -11.45 32.40
O7 NAG E . 18.61 -5.62 33.72
C1 NAG E . 21.94 -6.13 36.67
C2 NAG E . 21.06 -5.49 37.74
C3 NAG E . 21.84 -4.58 38.70
C4 NAG E . 23.16 -5.19 39.16
C5 NAG E . 23.93 -5.67 37.93
C6 NAG E . 25.27 -6.28 38.33
C7 NAG E . 18.70 -4.97 37.43
C8 NAG E . 17.66 -4.11 36.77
N2 NAG E . 19.97 -4.72 37.15
O3 NAG E . 21.04 -4.26 39.82
O4 NAG E . 23.90 -4.22 39.86
O5 NAG E . 23.14 -6.62 37.24
O6 NAG E . 25.92 -6.78 37.18
O7 NAG E . 18.34 -5.86 38.21
C1 NAG F . 33.99 20.78 32.45
C2 NAG F . 34.07 20.34 33.91
C3 NAG F . 33.38 21.37 34.82
C4 NAG F . 33.69 22.83 34.50
C5 NAG F . 33.81 23.11 32.99
C6 NAG F . 34.53 24.44 32.77
C7 NAG F . 34.05 17.99 34.54
C8 NAG F . 33.23 16.74 34.70
N2 NAG F . 33.41 19.07 34.10
O3 NAG F . 33.74 21.12 36.17
O4 NAG F . 32.65 23.60 35.05
O5 NAG F . 34.54 22.08 32.33
O6 NAG F . 34.62 24.72 31.39
O7 NAG F . 35.25 17.97 34.81
C1 NAG F . 33.18 24.48 36.05
C2 NAG F . 32.42 25.80 36.08
C3 NAG F . 33.09 26.76 37.07
C4 NAG F . 33.48 26.08 38.40
C5 NAG F . 34.06 24.67 38.19
C6 NAG F . 34.30 23.92 39.50
C7 NAG F . 31.43 26.07 33.83
C8 NAG F . 31.49 26.77 32.51
N2 NAG F . 32.35 26.40 34.75
O3 NAG F . 32.21 27.85 37.33
O4 NAG F . 34.42 26.88 39.08
O5 NAG F . 33.21 23.92 37.35
O6 NAG F . 33.18 24.07 40.37
O7 NAG F . 30.55 25.23 34.03
C1 NAG G . -21.84 -30.97 11.60
C2 NAG G . -23.30 -30.64 11.94
C3 NAG G . -24.07 -31.77 12.66
C4 NAG G . -23.61 -33.17 12.21
C5 NAG G . -22.09 -33.17 12.12
C6 NAG G . -21.37 -34.48 11.87
C7 NAG G . -24.23 -28.50 12.67
C8 NAG G . -24.08 -27.36 13.64
N2 NAG G . -23.32 -29.47 12.78
O3 NAG G . -25.47 -31.57 12.50
O4 NAG G . -24.07 -34.16 13.10
O5 NAG G . -21.81 -32.27 11.08
O6 NAG G . -19.98 -34.28 12.06
O7 NAG G . -25.14 -28.51 11.85
C1 NAG G . -26.20 -31.87 13.73
C2 NAG G . -27.53 -31.10 13.80
C3 NAG G . -28.38 -31.56 14.99
C4 NAG G . -28.49 -33.08 15.04
C5 NAG G . -27.09 -33.69 15.04
C6 NAG G . -27.11 -35.23 15.12
C7 NAG G . -28.07 -28.77 13.22
C8 NAG G . -27.76 -27.32 13.45
N2 NAG G . -27.34 -29.65 13.91
O3 NAG G . -29.66 -30.95 14.94
O4 NAG G . -29.24 -33.49 16.18
O5 NAG G . -26.43 -33.27 13.85
O6 NAG G . -26.59 -35.82 13.95
O7 NAG G . -28.95 -29.08 12.42
C1 NAG H . -26.68 -16.93 40.35
C2 NAG H . -27.91 -17.83 40.25
C3 NAG H . -29.22 -17.05 40.27
C4 NAG H . -29.25 -15.82 41.21
C5 NAG H . -27.88 -15.17 41.42
C6 NAG H . -27.95 -14.32 42.69
C7 NAG H . -27.64 -19.99 39.18
C8 NAG H . -27.60 -20.77 37.90
N2 NAG H . -27.86 -18.68 39.07
O3 NAG H . -30.27 -17.92 40.67
O4 NAG H . -30.10 -14.84 40.66
O5 NAG H . -26.82 -16.12 41.50
O6 NAG H . -26.65 -13.92 43.09
O7 NAG H . -27.45 -20.56 40.25
C1 NAG H . -31.41 -14.87 41.23
C2 NAG H . -31.89 -13.42 41.35
C3 NAG H . -33.40 -13.17 41.21
C4 NAG H . -34.19 -14.27 40.50
C5 NAG H . -33.64 -15.65 40.84
C6 NAG H . -34.41 -16.79 40.18
C7 NAG H . -30.99 -11.68 42.84
C8 NAG H . -30.54 -11.33 44.23
N2 NAG H . -31.41 -12.93 42.64
O3 NAG H . -33.61 -11.95 40.53
O4 NAG H . -35.56 -14.17 40.85
O5 NAG H . -32.27 -15.69 40.45
O6 NAG H . -34.03 -16.94 38.83
O7 NAG H . -30.95 -10.83 41.95
C1 NAG I . -6.56 -15.06 -36.16
C2 NAG I . -7.48 -14.22 -37.06
C3 NAG I . -7.90 -14.88 -38.37
C4 NAG I . -6.86 -15.85 -38.94
C5 NAG I . -6.10 -16.61 -37.86
C6 NAG I . -4.95 -17.44 -38.40
C7 NAG I . -9.04 -12.69 -36.02
C8 NAG I . -10.34 -12.52 -35.29
N2 NAG I . -8.70 -13.93 -36.33
O3 NAG I . -8.18 -13.84 -39.30
O4 NAG I . -7.51 -16.79 -39.76
O5 NAG I . -5.57 -15.67 -36.96
O6 NAG I . -4.77 -18.59 -37.61
O7 NAG I . -8.35 -11.71 -36.32
C1 NAG I . -9.37 -14.09 -40.09
C2 NAG I . -9.98 -12.78 -40.58
C3 NAG I . -11.20 -13.06 -41.47
C4 NAG I . -10.83 -13.99 -42.61
C5 NAG I . -10.20 -15.26 -42.02
C6 NAG I . -9.73 -16.23 -43.10
C7 NAG I . -9.89 -10.70 -39.33
C8 NAG I . -10.41 -9.90 -38.17
N2 NAG I . -10.39 -11.91 -39.49
O3 NAG I . -11.74 -11.87 -41.99
O4 NAG I . -11.96 -14.26 -43.41
O5 NAG I . -9.09 -14.91 -41.22
O6 NAG I . -10.43 -17.45 -42.99
O7 NAG I . -9.03 -10.20 -40.07
C1 NAG J . 22.20 24.74 -39.20
C2 NAG J . 23.45 25.54 -38.90
C3 NAG J . 23.10 26.98 -38.49
C4 NAG J . 22.00 27.65 -39.33
C5 NAG J . 20.97 26.67 -39.89
C6 NAG J . 20.28 27.25 -41.13
C7 NAG J . 25.15 23.98 -38.08
C8 NAG J . 25.87 23.45 -36.88
N2 NAG J . 24.24 24.92 -37.86
O3 NAG J . 24.29 27.74 -38.53
O4 NAG J . 21.30 28.58 -38.51
O5 NAG J . 21.52 25.41 -40.25
O6 NAG J . 18.96 26.76 -41.23
O7 NAG J . 25.40 23.53 -39.20
C1 NAG J . 21.65 29.96 -38.75
C2 NAG J . 20.39 30.81 -38.45
C3 NAG J . 20.67 32.28 -38.17
C4 NAG J . 21.91 32.49 -37.30
C5 NAG J . 23.10 31.74 -37.91
C6 NAG J . 24.34 31.93 -37.03
C7 NAG J . 18.39 29.89 -39.58
C8 NAG J . 17.55 29.95 -40.82
N2 NAG J . 19.45 30.71 -39.56
O3 NAG J . 19.54 32.87 -37.52
O4 NAG J . 22.19 33.87 -37.16
O5 NAG J . 22.79 30.36 -38.00
O6 NAG J . 25.44 31.20 -37.52
O7 NAG J . 18.09 29.14 -38.65
C1 GLC K . 2.08 2.25 24.73
C2 GLC K . 1.16 1.46 23.77
C3 GLC K . 1.86 1.12 22.46
C4 GLC K . 2.45 2.39 21.85
C5 GLC K . 3.39 3.06 22.85
C6 GLC K . 3.97 4.35 22.27
O2 GLC K . 0.65 0.28 24.37
O3 GLC K . 0.95 0.54 21.56
O4 GLC K . 3.14 2.07 20.67
O5 GLC K . 2.68 3.34 24.06
O6 GLC K . 4.84 5.00 23.18
C1 FRU K . 4.18 0.31 27.15
C2 FRU K . 3.00 1.22 26.76
C3 FRU K . 3.00 2.48 27.65
C4 FRU K . 1.77 2.40 28.52
C5 FRU K . 1.17 1.02 28.23
C6 FRU K . -0.34 1.11 28.07
O1 FRU K . 5.42 0.98 27.18
O2 FRU K . 3.09 1.45 25.35
O3 FRU K . 3.02 3.69 26.94
O4 FRU K . 2.14 2.50 29.87
O5 FRU K . 1.81 0.52 27.07
O6 FRU K . -0.78 0.61 26.82
C1 GLA K . 5.19 6.26 23.46
C2 GLA K . 6.63 6.60 23.08
C3 GLA K . 7.59 6.07 24.16
C4 GLA K . 7.18 6.56 25.56
C5 GLA K . 5.69 6.25 25.81
C6 GLA K . 5.19 6.75 27.16
O2 GLA K . 6.93 6.05 21.80
O3 GLA K . 8.94 6.46 23.88
O4 GLA K . 7.43 7.96 25.67
O5 GLA K . 4.90 6.83 24.75
O6 GLA K . 4.09 5.94 27.61
C1 GLC L . -22.40 -9.24 3.45
C2 GLC L . -21.31 -9.01 2.40
C3 GLC L . -19.94 -9.49 2.87
C4 GLC L . -19.62 -8.92 4.24
C5 GLC L . -20.73 -9.23 5.24
C6 GLC L . -20.46 -8.53 6.57
O2 GLC L . -21.61 -9.66 1.18
O3 GLC L . -18.97 -9.05 1.94
O4 GLC L . -18.40 -9.47 4.69
O5 GLC L . -21.99 -8.79 4.74
O6 GLC L . -21.49 -8.81 7.48
C1 FRU L . -24.63 -10.56 5.09
C2 FRU L . -24.20 -10.94 3.68
C3 FRU L . -25.21 -10.38 2.66
C4 FRU L . -25.71 -11.56 1.86
C5 FRU L . -25.00 -12.78 2.42
C6 FRU L . -24.04 -13.43 1.41
O1 FRU L . -23.79 -11.22 6.01
O2 FRU L . -22.82 -10.61 3.46
O3 FRU L . -24.72 -9.39 1.79
O4 FRU L . -27.11 -11.70 2.02
O5 FRU L . -24.28 -12.35 3.58
O6 FRU L . -23.20 -12.49 0.77
C1 GLA L . -22.03 -8.22 8.55
C2 GLA L . -21.60 -8.74 9.91
C3 GLA L . -22.31 -10.07 10.21
C4 GLA L . -23.83 -9.90 10.07
C5 GLA L . -24.24 -9.19 8.77
C6 GLA L . -25.72 -8.80 8.77
O2 GLA L . -20.17 -8.86 9.96
O3 GLA L . -22.00 -10.57 11.51
O4 GLA L . -24.31 -9.18 11.22
O5 GLA L . -23.45 -8.01 8.53
O6 GLA L . -26.33 -9.02 7.50
C1 GLC M . -6.56 4.31 -23.48
C2 GLC M . -5.34 4.65 -22.62
C3 GLC M . -5.10 3.61 -21.52
C4 GLC M . -6.39 3.21 -20.81
C5 GLC M . -7.53 2.96 -21.78
C6 GLC M . -8.84 2.69 -21.05
O2 GLC M . -4.18 4.76 -23.42
O3 GLC M . -4.19 4.11 -20.58
O4 GLC M . -6.11 2.05 -20.07
O5 GLC M . -7.69 4.06 -22.65
O6 GLC M . -9.96 3.02 -21.85
C1 FRU M . -5.88 2.13 -26.48
C2 FRU M . -6.20 3.47 -25.79
C3 FRU M . -7.41 4.11 -26.49
C4 FRU M . -6.89 5.37 -27.15
C5 FRU M . -5.42 5.47 -26.77
C6 FRU M . -5.14 6.73 -25.97
O1 FRU M . -7.03 1.35 -26.69
O2 FRU M . -6.38 3.21 -24.39
O3 FRU M . -8.46 4.42 -25.61
O4 FRU M . -7.01 5.26 -28.55
O5 FRU M . -5.10 4.33 -25.99
O6 FRU M . -3.74 6.94 -25.86
C1 GLA M . -11.27 3.11 -22.06
C2 GLA M . -12.13 1.85 -22.04
C3 GLA M . -12.07 1.13 -23.39
C4 GLA M . -12.39 2.10 -24.54
C5 GLA M . -11.54 3.37 -24.43
C6 GLA M . -11.91 4.39 -25.51
O2 GLA M . -11.69 0.98 -20.98
O3 GLA M . -13.00 0.05 -23.45
O4 GLA M . -13.79 2.41 -24.49
O5 GLA M . -11.69 3.96 -23.13
O6 GLA M . -10.76 5.09 -25.98
C1 GLC N . 18.34 16.55 -2.78
C2 GLC N . 17.68 15.78 -1.63
C3 GLC N . 17.25 14.38 -2.08
C4 GLC N . 16.44 14.42 -3.37
C5 GLC N . 17.00 15.39 -4.43
C6 GLC N . 15.95 15.63 -5.51
O2 GLC N . 18.57 15.66 -0.54
O3 GLC N . 16.46 13.81 -1.06
O4 GLC N . 16.43 13.12 -3.93
O5 GLC N . 17.40 16.62 -3.85
O6 GLC N . 16.11 16.90 -6.13
C1 FRU N . 20.31 18.26 -3.57
C2 FRU N . 20.71 16.78 -3.42
C3 FRU N . 21.76 16.59 -2.31
C4 FRU N . 22.98 15.97 -2.97
C5 FRU N . 22.69 16.02 -4.47
C6 FRU N . 23.01 14.68 -5.13
O1 FRU N . 21.43 19.11 -3.64
O2 FRU N . 19.56 15.95 -3.20
O3 FRU N . 21.31 15.76 -1.26
O4 FRU N . 24.14 16.70 -2.66
O5 FRU N . 21.33 16.36 -4.63
O6 FRU N . 23.86 14.88 -6.24
C1 GLA N . 15.97 17.74 -7.15
C2 GLA N . 15.96 17.29 -8.60
C3 GLA N . 17.39 17.16 -9.10
C4 GLA N . 18.17 18.47 -8.89
C5 GLA N . 18.05 18.92 -7.44
C6 GLA N . 18.73 20.26 -7.19
O2 GLA N . 15.25 16.06 -8.72
O3 GLA N . 17.43 16.77 -10.49
O4 GLA N . 17.66 19.48 -9.77
O5 GLA N . 16.67 18.99 -7.04
O6 GLA N . 19.02 20.45 -5.81
C1 NAG O . 9.05 31.83 16.11
C2 NAG O . 10.46 31.53 16.61
C3 NAG O . 11.45 32.47 15.93
C4 NAG O . 11.30 32.41 14.41
C5 NAG O . 9.85 32.69 14.04
C6 NAG O . 9.60 32.64 12.53
C7 NAG O . 10.74 30.67 18.89
C8 NAG O . 10.80 31.04 20.34
N2 NAG O . 10.53 31.69 18.06
O3 NAG O . 12.76 32.16 16.35
O4 NAG O . 12.16 33.35 13.80
O5 NAG O . 9.00 31.75 14.69
O6 NAG O . 8.21 32.46 12.32
O7 NAG O . 10.89 29.49 18.54
C1 NAG P . 34.34 -5.41 30.13
C2 NAG P . 35.11 -6.29 29.17
C3 NAG P . 34.19 -6.83 28.08
C4 NAG P . 32.88 -7.40 28.63
C5 NAG P . 32.26 -6.52 29.71
C6 NAG P . 31.19 -7.28 30.50
C7 NAG P . 37.46 -6.04 28.42
C8 NAG P . 38.45 -5.11 27.79
N2 NAG P . 36.22 -5.55 28.59
O3 NAG P . 34.82 -7.85 27.35
O4 NAG P . 31.99 -7.55 27.54
O5 NAG P . 33.24 -6.15 30.65
O6 NAG P . 29.92 -6.94 30.04
O7 NAG P . 37.82 -7.17 28.75
C1 NAG Q . -21.80 11.36 27.20
C2 NAG Q . -21.73 10.18 28.17
C3 NAG Q . -21.07 10.64 29.47
C4 NAG Q . -19.73 11.34 29.26
C5 NAG Q . -19.64 12.25 28.03
C6 NAG Q . -18.23 12.14 27.45
C7 NAG Q . -23.51 8.44 28.19
C8 NAG Q . -24.94 8.17 28.57
N2 NAG Q . -23.07 9.69 28.46
O3 NAG Q . -20.85 9.50 30.29
O4 NAG Q . -19.49 12.13 30.40
O5 NAG Q . -20.53 11.96 26.97
O6 NAG Q . -17.37 13.11 28.03
O7 NAG Q . -22.85 7.54 27.68
C1 NAG R . -16.78 -35.36 24.34
C2 NAG R . -15.40 -36.04 24.43
C3 NAG R . -14.50 -35.54 23.30
C4 NAG R . -15.22 -35.66 21.97
C5 NAG R . -16.48 -34.81 22.02
C6 NAG R . -17.23 -34.82 20.69
C7 NAG R . -13.85 -36.66 26.24
C8 NAG R . -13.26 -36.30 27.58
N2 NAG R . -14.75 -35.81 25.72
O3 NAG R . -13.30 -36.29 23.27
O4 NAG R . -14.35 -35.24 20.93
O5 NAG R . -17.32 -35.35 23.03
O6 NAG R . -17.95 -33.62 20.53
O7 NAG R . -13.49 -37.71 25.70
C1 NAG S . -34.23 9.14 -9.93
C2 NAG S . -34.65 7.90 -10.71
C3 NAG S . -35.79 7.20 -9.97
C4 NAG S . -35.36 6.86 -8.55
C5 NAG S . -34.90 8.13 -7.84
C6 NAG S . -34.36 7.79 -6.46
C7 NAG S . -34.35 8.12 -13.14
C8 NAG S . -35.01 8.53 -14.42
N2 NAG S . -35.10 8.24 -12.05
O3 NAG S . -36.21 6.04 -10.67
O4 NAG S . -36.44 6.29 -7.85
O5 NAG S . -33.91 8.80 -8.59
O6 NAG S . -34.06 8.99 -5.77
O7 NAG S . -33.18 7.73 -13.18
C1 NAG T . -15.26 -26.03 -34.88
C2 NAG T . -14.74 -27.42 -34.50
C3 NAG T . -13.66 -27.29 -33.41
C4 NAG T . -12.57 -26.29 -33.82
C5 NAG T . -13.19 -24.99 -34.33
C6 NAG T . -12.14 -24.03 -34.90
C7 NAG T . -16.12 -29.42 -34.62
C8 NAG T . -17.29 -30.19 -34.05
N2 NAG T . -15.84 -28.26 -34.04
O3 NAG T . -13.11 -28.55 -33.08
O4 NAG T . -11.75 -26.06 -32.69
O5 NAG T . -14.17 -25.23 -35.34
O6 NAG T . -12.76 -22.84 -35.32
O7 NAG T . -15.50 -29.87 -35.58
C1 NAG U . -38.31 -13.94 -31.30
C2 NAG U . -38.09 -14.06 -32.82
C3 NAG U . -38.66 -12.85 -33.54
C4 NAG U . -40.11 -12.58 -33.15
C5 NAG U . -40.23 -12.53 -31.62
C6 NAG U . -41.69 -12.39 -31.21
C7 NAG U . -36.17 -15.39 -33.57
C8 NAG U . -34.70 -15.37 -33.93
N2 NAG U . -36.69 -14.23 -33.19
O3 NAG U . -38.57 -13.01 -34.95
O4 NAG U . -40.55 -11.36 -33.72
O5 NAG U . -39.68 -13.70 -31.03
O6 NAG U . -42.10 -11.05 -31.35
O7 NAG U . -36.78 -16.45 -33.66
C1 NAG V . -3.13 30.04 -21.14
C2 NAG V . -2.36 29.60 -22.38
C3 NAG V . -3.25 29.62 -23.65
C4 NAG V . -4.62 29.00 -23.38
C5 NAG V . -5.24 29.65 -22.14
C6 NAG V . -6.63 29.09 -21.82
C7 NAG V . 0.04 30.25 -22.14
C8 NAG V . 1.01 31.36 -22.41
N2 NAG V . -1.22 30.49 -22.53
O3 NAG V . -2.65 28.96 -24.73
O4 NAG V . -5.44 29.18 -24.51
O5 NAG V . -4.39 29.41 -21.04
O6 NAG V . -6.49 27.90 -21.07
O7 NAG V . 0.43 29.21 -21.60
C1 NAG W . 35.79 4.73 -28.69
C2 NAG W . 36.07 3.24 -28.87
C3 NAG W . 35.36 2.43 -27.80
C4 NAG W . 35.71 2.94 -26.41
C5 NAG W . 35.47 4.46 -26.33
C6 NAG W . 35.87 5.06 -24.98
C7 NAG W . 36.51 2.79 -31.21
C8 NAG W . 35.96 2.29 -32.52
N2 NAG W . 35.66 2.79 -30.19
O3 NAG W . 35.71 1.07 -27.92
O4 NAG W . 34.93 2.25 -25.47
O5 NAG W . 36.15 5.15 -27.38
O6 NAG W . 37.27 4.97 -24.80
O7 NAG W . 37.68 3.16 -31.12
#